data_6VBP
#
_entry.id   6VBP
#
_cell.length_a   69.903
_cell.length_b   158.531
_cell.length_c   92.646
_cell.angle_alpha   90.000
_cell.angle_beta   110.270
_cell.angle_gamma   90.000
#
_symmetry.space_group_name_H-M   'P 1 21 1'
#
loop_
_entity.id
_entity.type
_entity.pdbx_description
1 polymer 'DH815 light chain'
2 polymer 'DH815 heavy chain'
3 polymer 'Envelope glycoprotein gp160'
4 non-polymer 'CHLORIDE ION'
5 water water
#
loop_
_entity_poly.entity_id
_entity_poly.type
_entity_poly.pdbx_seq_one_letter_code
_entity_poly.pdbx_strand_id
1 'polypeptide(L)'
;DIVMTQSPDSLAVSLGERATINCKSSQSVFHSSNNKNYLAWYQQKPGQSPKLLIHWASARESGVPERISGSGSGTDFTLT
ISSLQAEDVAVYYCQQYYSTPLTFGGGTKVEIKRTVAAPSVFIFPPSDEQLKSGTASVVCLLNNFYPREAKVQWKVDNAL
QSGNSQESVTEQDSKDSTYSLSSTLTLSKADYEKHKVYACEVTHQGLSSPVTKSFNRGEC
;
L,B,D,I
2 'polypeptide(L)'
;EVQLVQSGAEVKKPGESLRISCKGSGYNFTNYWIGWVRQVPGKGPEWMGLIYPSDSDTRYNPSLQGHVTISADKSLTTAY
LRWSSLRASDSATYYCVTSGIYGYLDYWGRGTQVIVSSASTKGPSVFPLAPSSKSTSGGTAALGCLVKDYFPEPVTVSWN
SGALTSGVHTFPAVLQSSGLYSLSSVVTVPSSSLGTQTYICNVNHKPSNTKVDKRVEPKSCDK
;
H,A,C,J
3 'polypeptide(L)' LRDKKQKVHALFYKLDIVPIED F,E,G,K
#
# COMPACT_ATOMS: atom_id res chain seq x y z
N ASP A 1 -28.70 -12.14 34.31
CA ASP A 1 -28.31 -13.58 34.12
C ASP A 1 -27.68 -13.81 32.75
N ILE A 2 -27.84 -12.86 31.84
CA ILE A 2 -27.22 -12.99 30.51
C ILE A 2 -25.72 -12.78 30.65
N VAL A 3 -24.94 -13.78 30.26
CA VAL A 3 -23.49 -13.70 30.27
C VAL A 3 -23.00 -13.25 28.90
N MET A 4 -22.14 -12.25 28.87
CA MET A 4 -21.54 -11.75 27.63
C MET A 4 -20.09 -12.20 27.57
N THR A 5 -19.72 -12.86 26.48
CA THR A 5 -18.39 -13.41 26.29
C THR A 5 -17.78 -12.81 25.04
N GLN A 6 -16.50 -12.42 25.15
CA GLN A 6 -15.75 -11.86 24.04
C GLN A 6 -14.52 -12.71 23.78
N SER A 7 -14.03 -12.63 22.55
CA SER A 7 -12.83 -13.36 22.15
C SER A 7 -12.24 -12.70 20.92
N PRO A 8 -10.91 -12.58 20.81
CA PRO A 8 -9.92 -12.96 21.84
C PRO A 8 -9.76 -11.88 22.91
N ASP A 9 -9.07 -12.22 24.01
CA ASP A 9 -8.85 -11.23 25.07
C ASP A 9 -7.95 -10.10 24.59
N SER A 10 -6.91 -10.42 23.83
CA SER A 10 -6.04 -9.41 23.23
C SER A 10 -5.80 -9.77 21.77
N LEU A 11 -5.86 -8.76 20.91
CA LEU A 11 -5.77 -8.94 19.46
C LEU A 11 -4.74 -7.97 18.92
N ALA A 12 -3.70 -8.50 18.29
CA ALA A 12 -2.69 -7.69 17.63
C ALA A 12 -2.96 -7.64 16.14
N VAL A 13 -3.04 -6.43 15.59
CA VAL A 13 -3.37 -6.21 14.19
C VAL A 13 -2.35 -5.26 13.60
N SER A 14 -1.91 -5.54 12.38
CA SER A 14 -0.99 -4.64 11.70
C SER A 14 -1.74 -3.40 11.22
N LEU A 15 -1.02 -2.29 11.15
CA LEU A 15 -1.61 -1.04 10.68
C LEU A 15 -2.19 -1.24 9.29
N GLY A 16 -3.38 -0.69 9.07
CA GLY A 16 -4.08 -0.80 7.81
C GLY A 16 -4.73 -2.14 7.55
N GLU A 17 -4.65 -3.07 8.51
CA GLU A 17 -5.28 -4.36 8.38
C GLU A 17 -6.60 -4.36 9.15
N ARG A 18 -7.31 -5.48 9.09
CA ARG A 18 -8.64 -5.59 9.68
C ARG A 18 -8.58 -6.26 11.04
N ALA A 19 -9.31 -5.69 11.99
CA ALA A 19 -9.47 -6.27 13.32
C ALA A 19 -10.90 -6.78 13.47
N THR A 20 -11.04 -8.03 13.92
CA THR A 20 -12.35 -8.66 14.06
C THR A 20 -12.49 -9.18 15.49
N ILE A 21 -13.39 -8.56 16.25
CA ILE A 21 -13.66 -8.91 17.64
C ILE A 21 -15.01 -9.60 17.71
N ASN A 22 -15.07 -10.69 18.48
CA ASN A 22 -16.30 -11.47 18.60
C ASN A 22 -16.89 -11.31 20.00
N CYS A 23 -18.22 -11.37 20.05
CA CYS A 23 -18.98 -11.25 21.29
C CYS A 23 -20.13 -12.25 21.24
N LYS A 24 -20.32 -12.99 22.33
CA LYS A 24 -21.40 -13.96 22.42
C LYS A 24 -22.26 -13.67 23.65
N SER A 25 -23.57 -13.76 23.47
CA SER A 25 -24.50 -13.71 24.59
C SER A 25 -25.02 -15.10 24.89
N SER A 26 -25.12 -15.43 26.18
CA SER A 26 -25.62 -16.74 26.59
C SER A 26 -27.08 -16.94 26.23
N GLN A 27 -27.81 -15.86 25.98
CA GLN A 27 -29.17 -15.92 25.48
C GLN A 27 -29.31 -14.93 24.34
N SER A 28 -30.31 -15.16 23.48
CA SER A 28 -30.57 -14.24 22.40
C SER A 28 -30.92 -12.86 22.97
N VAL A 29 -30.54 -11.82 22.23
CA VAL A 29 -30.86 -10.45 22.60
C VAL A 29 -31.63 -9.81 21.46
N PHE A 30 -32.39 -10.62 20.73
CA PHE A 30 -33.15 -10.20 19.57
C PHE A 30 -34.64 -10.21 19.89
N HIS A 31 -35.34 -9.14 19.56
CA HIS A 31 -36.78 -9.04 19.71
C HIS A 31 -37.42 -9.11 18.32
N SER A 32 -38.32 -10.09 18.14
CA SER A 32 -38.98 -10.25 16.85
C SER A 32 -39.90 -9.08 16.53
N SER A 33 -40.48 -8.44 17.55
CA SER A 33 -41.48 -7.41 17.29
C SER A 33 -40.88 -6.18 16.60
N ASN A 34 -39.63 -5.84 16.93
CA ASN A 34 -38.99 -4.66 16.36
C ASN A 34 -37.79 -4.96 15.47
N ASN A 35 -37.41 -6.23 15.33
CA ASN A 35 -36.30 -6.62 14.43
C ASN A 35 -35.02 -5.87 14.80
N LYS A 36 -34.71 -5.86 16.09
CA LYS A 36 -33.51 -5.19 16.58
C LYS A 36 -32.81 -6.09 17.58
N ASN A 37 -31.48 -6.07 17.53
CA ASN A 37 -30.64 -6.74 18.51
C ASN A 37 -30.22 -5.72 19.56
N TYR A 38 -30.41 -6.07 20.83
CA TYR A 38 -30.16 -5.15 21.94
C TYR A 38 -28.70 -5.30 22.40
N LEU A 39 -27.81 -4.75 21.58
CA LEU A 39 -26.38 -4.97 21.74
C LEU A 39 -25.63 -3.67 21.44
N ALA A 40 -24.71 -3.31 22.34
CA ALA A 40 -23.95 -2.08 22.21
C ALA A 40 -22.47 -2.41 22.27
N TRP A 41 -21.66 -1.56 21.63
CA TRP A 41 -20.21 -1.68 21.67
C TRP A 41 -19.61 -0.40 22.20
N TYR A 42 -18.60 -0.53 23.06
CA TYR A 42 -17.91 0.61 23.65
C TYR A 42 -16.43 0.52 23.36
N GLN A 43 -15.80 1.68 23.27
CA GLN A 43 -14.37 1.81 23.06
C GLN A 43 -13.76 2.56 24.23
N GLN A 44 -12.78 1.95 24.90
CA GLN A 44 -12.05 2.63 25.96
C GLN A 44 -10.58 2.73 25.55
N LYS A 45 -10.13 3.95 25.26
CA LYS A 45 -8.74 4.21 24.89
C LYS A 45 -7.87 4.30 26.13
N PRO A 46 -6.56 4.13 25.98
CA PRO A 46 -5.66 4.19 27.15
C PRO A 46 -5.85 5.46 27.96
N GLY A 47 -6.13 5.32 29.25
CA GLY A 47 -6.26 6.44 30.14
C GLY A 47 -7.48 7.31 29.94
N GLN A 48 -8.51 6.78 29.29
CA GLN A 48 -9.72 7.54 29.02
C GLN A 48 -10.94 6.72 29.45
N SER A 49 -12.07 7.34 29.41
CA SER A 49 -13.33 6.71 29.77
C SER A 49 -13.95 6.02 28.57
N PRO A 50 -14.69 4.94 28.80
CA PRO A 50 -15.35 4.26 27.67
C PRO A 50 -16.18 5.22 26.84
N LYS A 51 -16.35 4.87 25.58
CA LYS A 51 -17.05 5.70 24.60
C LYS A 51 -17.99 4.80 23.82
N LEU A 52 -19.26 5.19 23.74
CA LEU A 52 -20.23 4.40 23.00
C LEU A 52 -19.93 4.46 21.51
N LEU A 53 -19.72 3.30 20.89
CA LEU A 53 -19.43 3.22 19.46
C LEU A 53 -20.66 2.85 18.64
N ILE A 54 -21.42 1.86 19.10
CA ILE A 54 -22.49 1.28 18.31
C ILE A 54 -23.62 0.85 19.26
N HIS A 55 -24.85 0.97 18.76
CA HIS A 55 -26.02 0.40 19.42
C HIS A 55 -26.88 -0.26 18.35
N TRP A 56 -27.88 -1.03 18.79
CA TRP A 56 -28.66 -1.87 17.89
C TRP A 56 -27.76 -2.80 17.07
N ALA A 57 -26.57 -3.09 17.61
CA ALA A 57 -25.63 -4.05 17.03
C ALA A 57 -24.86 -3.49 15.85
N SER A 58 -25.44 -2.53 15.12
CA SER A 58 -24.83 -2.06 13.88
C SER A 58 -25.01 -0.58 13.63
N ALA A 59 -25.76 0.14 14.45
CA ALA A 59 -25.96 1.58 14.28
C ALA A 59 -24.81 2.32 14.95
N ARG A 60 -24.04 3.06 14.16
CA ARG A 60 -22.93 3.84 14.71
C ARG A 60 -23.44 5.11 15.38
N GLU A 61 -22.76 5.50 16.46
CA GLU A 61 -22.95 6.83 17.01
C GLU A 61 -22.43 7.88 16.03
N SER A 62 -22.87 9.11 16.22
CA SER A 62 -22.40 10.21 15.39
C SER A 62 -20.91 10.45 15.65
N GLY A 63 -20.16 10.64 14.58
CA GLY A 63 -18.73 10.82 14.66
C GLY A 63 -17.91 9.56 14.49
N VAL A 64 -18.51 8.40 14.69
CA VAL A 64 -17.78 7.13 14.53
C VAL A 64 -17.52 6.90 13.05
N PRO A 65 -16.29 6.60 12.65
CA PRO A 65 -16.00 6.46 11.21
C PRO A 65 -16.57 5.17 10.63
N GLU A 66 -16.78 5.20 9.31
CA GLU A 66 -17.42 4.08 8.63
C GLU A 66 -16.57 2.82 8.70
N ARG A 67 -15.25 2.96 8.83
CA ARG A 67 -14.38 1.78 8.89
C ARG A 67 -14.65 0.92 10.12
N ILE A 68 -15.37 1.45 11.11
CA ILE A 68 -15.75 0.70 12.30
C ILE A 68 -17.20 0.26 12.11
N SER A 69 -17.44 -1.05 12.08
CA SER A 69 -18.78 -1.57 11.82
C SER A 69 -19.10 -2.73 12.75
N GLY A 70 -20.37 -2.82 13.12
CA GLY A 70 -20.86 -3.93 13.93
C GLY A 70 -21.86 -4.74 13.15
N SER A 71 -21.85 -6.06 13.36
CA SER A 71 -22.74 -6.96 12.64
C SER A 71 -23.10 -8.14 13.53
N GLY A 72 -23.91 -9.04 12.98
CA GLY A 72 -24.37 -10.22 13.69
C GLY A 72 -25.80 -10.07 14.18
N SER A 73 -26.29 -11.15 14.76
CA SER A 73 -27.68 -11.20 15.21
C SER A 73 -27.84 -12.32 16.23
N GLY A 74 -28.88 -12.21 17.06
CA GLY A 74 -29.25 -13.27 17.96
C GLY A 74 -28.33 -13.43 19.16
N THR A 75 -27.34 -14.33 19.04
CA THR A 75 -26.38 -14.54 20.11
C THR A 75 -24.94 -14.30 19.68
N ASP A 76 -24.66 -14.15 18.39
CA ASP A 76 -23.30 -14.00 17.88
C ASP A 76 -23.16 -12.66 17.19
N PHE A 77 -22.21 -11.85 17.63
CA PHE A 77 -21.97 -10.53 17.08
C PHE A 77 -20.49 -10.35 16.83
N THR A 78 -20.16 -9.40 15.96
CA THR A 78 -18.77 -9.05 15.72
C THR A 78 -18.65 -7.54 15.57
N LEU A 79 -17.50 -7.02 15.98
CA LEU A 79 -17.06 -5.67 15.69
C LEU A 79 -15.86 -5.74 14.75
N THR A 80 -15.87 -4.90 13.71
CA THR A 80 -14.83 -4.93 12.70
C THR A 80 -14.24 -3.54 12.52
N ILE A 81 -12.92 -3.46 12.46
CA ILE A 81 -12.19 -2.23 12.18
C ILE A 81 -11.38 -2.49 10.92
N SER A 82 -11.81 -1.91 9.79
CA SER A 82 -11.38 -2.38 8.49
C SER A 82 -9.96 -1.95 8.11
N SER A 83 -9.50 -0.78 8.57
CA SER A 83 -8.13 -0.32 8.29
C SER A 83 -7.58 0.30 9.56
N LEU A 84 -6.95 -0.53 10.40
CA LEU A 84 -6.59 -0.12 11.74
C LEU A 84 -5.63 1.06 11.71
N GLN A 85 -5.92 2.05 12.54
CA GLN A 85 -5.06 3.20 12.76
C GLN A 85 -4.57 3.19 14.20
N ALA A 86 -3.43 3.86 14.43
CA ALA A 86 -2.84 3.89 15.75
C ALA A 86 -3.82 4.37 16.81
N GLU A 87 -4.76 5.24 16.43
CA GLU A 87 -5.75 5.74 17.38
C GLU A 87 -6.80 4.71 17.75
N ASP A 88 -6.89 3.59 17.02
CA ASP A 88 -7.85 2.55 17.33
C ASP A 88 -7.36 1.60 18.41
N VAL A 89 -6.15 1.81 18.93
CA VAL A 89 -5.64 1.02 20.04
C VAL A 89 -6.50 1.30 21.27
N ALA A 90 -7.15 0.29 21.79
CA ALA A 90 -8.10 0.47 22.89
C ALA A 90 -8.59 -0.89 23.35
N VAL A 91 -9.42 -0.88 24.38
CA VAL A 91 -10.16 -2.05 24.83
C VAL A 91 -11.61 -1.85 24.39
N TYR A 92 -12.15 -2.86 23.72
CA TYR A 92 -13.52 -2.82 23.20
C TYR A 92 -14.40 -3.74 24.03
N TYR A 93 -15.57 -3.24 24.42
CA TYR A 93 -16.51 -3.98 25.24
C TYR A 93 -17.87 -4.04 24.55
N CYS A 94 -18.48 -5.22 24.57
CA CYS A 94 -19.89 -5.34 24.19
C CYS A 94 -20.75 -5.31 25.44
N GLN A 95 -22.05 -5.05 25.23
CA GLN A 95 -23.00 -4.92 26.32
C GLN A 95 -24.39 -5.24 25.77
N GLN A 96 -25.14 -6.04 26.52
CA GLN A 96 -26.53 -6.32 26.20
C GLN A 96 -27.43 -5.46 27.07
N TYR A 97 -28.48 -4.90 26.47
CA TYR A 97 -29.51 -4.19 27.20
C TYR A 97 -30.88 -4.77 26.87
N TYR A 98 -30.92 -6.09 26.71
CA TYR A 98 -32.14 -6.85 26.47
C TYR A 98 -32.85 -7.21 27.76
N SER A 99 -32.09 -7.51 28.81
CA SER A 99 -32.64 -7.94 30.08
C SER A 99 -31.82 -7.33 31.20
N THR A 100 -32.48 -7.04 32.30
CA THR A 100 -31.76 -6.52 33.44
C THR A 100 -31.29 -7.66 34.34
N PRO A 101 -30.12 -7.56 34.97
CA PRO A 101 -29.19 -6.43 34.88
C PRO A 101 -28.44 -6.35 33.56
N LEU A 102 -28.12 -5.13 33.13
CA LEU A 102 -27.22 -4.95 32.00
C LEU A 102 -25.89 -5.63 32.31
N THR A 103 -25.34 -6.33 31.32
CA THR A 103 -24.09 -7.06 31.49
C THR A 103 -23.15 -6.78 30.33
N PHE A 104 -21.86 -6.74 30.64
CA PHE A 104 -20.80 -6.44 29.69
C PHE A 104 -19.96 -7.67 29.42
N GLY A 105 -19.33 -7.71 28.25
CA GLY A 105 -18.30 -8.68 28.00
C GLY A 105 -17.03 -8.36 28.77
N GLY A 106 -16.08 -9.29 28.72
CA GLY A 106 -14.82 -9.11 29.40
C GLY A 106 -13.86 -8.16 28.74
N GLY A 107 -14.12 -7.77 27.51
CA GLY A 107 -13.27 -6.84 26.81
C GLY A 107 -12.30 -7.54 25.87
N THR A 108 -11.90 -6.81 24.84
CA THR A 108 -10.86 -7.26 23.91
C THR A 108 -9.92 -6.09 23.69
N LYS A 109 -8.65 -6.26 24.04
CA LYS A 109 -7.65 -5.23 23.88
C LYS A 109 -7.05 -5.34 22.49
N VAL A 110 -7.23 -4.32 21.66
CA VAL A 110 -6.66 -4.27 20.32
C VAL A 110 -5.36 -3.50 20.37
N GLU A 111 -4.30 -4.12 19.84
CA GLU A 111 -2.95 -3.56 19.89
C GLU A 111 -2.31 -3.65 18.51
N ILE A 112 -1.16 -2.98 18.37
CA ILE A 112 -0.45 -2.93 17.09
C ILE A 112 0.43 -4.16 16.98
N LYS A 113 0.29 -4.91 15.88
CA LYS A 113 1.19 -6.00 15.59
C LYS A 113 2.38 -5.47 14.81
N ARG A 114 3.58 -5.90 15.19
CA ARG A 114 4.82 -5.56 14.51
C ARG A 114 5.67 -6.83 14.41
N THR A 115 6.85 -6.70 13.82
CA THR A 115 7.76 -7.84 13.71
C THR A 115 8.32 -8.20 15.08
N VAL A 116 8.85 -9.42 15.18
CA VAL A 116 9.42 -9.90 16.44
C VAL A 116 10.63 -9.07 16.80
N ALA A 117 10.80 -8.82 18.10
CA ALA A 117 11.97 -8.12 18.62
C ALA A 117 12.38 -8.82 19.91
N ALA A 118 13.60 -9.36 19.94
CA ALA A 118 14.06 -10.06 21.12
C ALA A 118 14.26 -9.08 22.27
N PRO A 119 14.03 -9.52 23.49
CA PRO A 119 14.31 -8.66 24.66
C PRO A 119 15.80 -8.56 24.94
N SER A 120 16.21 -7.40 25.39
CA SER A 120 17.50 -7.23 26.06
C SER A 120 17.28 -7.47 27.54
N VAL A 121 18.09 -8.35 28.12
CA VAL A 121 17.91 -8.78 29.51
C VAL A 121 19.00 -8.14 30.36
N PHE A 122 18.58 -7.53 31.48
CA PHE A 122 19.49 -6.96 32.46
C PHE A 122 19.06 -7.45 33.83
N ILE A 123 20.03 -7.71 34.69
CA ILE A 123 19.79 -8.18 36.05
C ILE A 123 20.44 -7.22 37.01
N PHE A 124 19.77 -6.94 38.13
CA PHE A 124 20.25 -5.98 39.11
C PHE A 124 20.28 -6.62 40.49
N PRO A 125 21.41 -6.58 41.19
CA PRO A 125 21.44 -7.13 42.55
C PRO A 125 20.82 -6.17 43.54
N PRO A 126 20.50 -6.64 44.74
CA PRO A 126 19.97 -5.72 45.76
C PRO A 126 21.02 -4.72 46.21
N SER A 127 20.58 -3.50 46.49
CA SER A 127 21.48 -2.47 46.97
C SER A 127 21.88 -2.77 48.41
N ASP A 128 23.05 -2.24 48.80
CA ASP A 128 23.48 -2.35 50.19
C ASP A 128 22.53 -1.58 51.11
N GLU A 129 22.01 -0.45 50.64
CA GLU A 129 21.04 0.32 51.42
C GLU A 129 19.84 -0.54 51.78
N GLN A 130 19.30 -1.30 50.81
CA GLN A 130 18.14 -2.13 51.10
C GLN A 130 18.48 -3.27 52.04
N LEU A 131 19.66 -3.88 51.87
CA LEU A 131 20.06 -4.96 52.76
C LEU A 131 20.09 -4.52 54.21
N LYS A 132 20.28 -3.23 54.47
CA LYS A 132 20.17 -2.73 55.84
C LYS A 132 18.77 -2.91 56.40
N SER A 133 17.76 -3.07 55.54
CA SER A 133 16.36 -3.11 55.95
C SER A 133 15.87 -4.52 56.28
N GLY A 134 16.63 -5.55 55.91
CA GLY A 134 16.24 -6.92 56.16
C GLY A 134 15.58 -7.63 54.99
N THR A 135 15.39 -6.96 53.87
CA THR A 135 14.82 -7.56 52.67
C THR A 135 15.76 -7.32 51.50
N ALA A 136 15.73 -8.23 50.54
CA ALA A 136 16.53 -8.13 49.33
C ALA A 136 15.62 -8.29 48.12
N SER A 137 15.64 -7.31 47.22
CA SER A 137 14.91 -7.38 45.96
C SER A 137 15.92 -7.54 44.83
N VAL A 138 15.73 -8.58 44.02
CA VAL A 138 16.52 -8.82 42.82
C VAL A 138 15.61 -8.55 41.62
N VAL A 139 16.10 -7.78 40.66
CA VAL A 139 15.27 -7.32 39.54
C VAL A 139 15.83 -7.85 38.24
N CYS A 140 14.93 -8.28 37.36
CA CYS A 140 15.27 -8.68 35.99
C CYS A 140 14.45 -7.83 35.03
N LEU A 141 15.14 -7.23 34.05
CA LEU A 141 14.50 -6.33 33.10
C LEU A 141 14.57 -6.93 31.70
N LEU A 142 13.41 -7.09 31.08
CA LEU A 142 13.30 -7.41 29.66
C LEU A 142 12.87 -6.15 28.93
N ASN A 143 13.73 -5.64 28.06
CA ASN A 143 13.53 -4.34 27.44
C ASN A 143 13.20 -4.46 25.96
N ASN A 144 12.19 -3.71 25.53
CA ASN A 144 11.86 -3.47 24.13
C ASN A 144 11.78 -4.79 23.35
N PHE A 145 10.72 -5.54 23.65
CA PHE A 145 10.49 -6.83 23.00
C PHE A 145 9.05 -6.91 22.50
N TYR A 146 8.87 -7.76 21.48
CA TYR A 146 7.57 -8.00 20.88
C TYR A 146 7.60 -9.45 20.36
N PRO A 147 6.51 -10.23 20.57
CA PRO A 147 5.28 -9.87 21.29
C PRO A 147 5.39 -9.98 22.82
N ARG A 148 4.26 -9.83 23.51
CA ARG A 148 4.28 -9.74 24.97
C ARG A 148 4.59 -11.09 25.62
N GLU A 149 4.16 -12.19 25.01
CA GLU A 149 4.43 -13.52 25.54
C GLU A 149 5.91 -13.68 25.84
N ALA A 150 6.21 -14.00 27.10
CA ALA A 150 7.58 -14.22 27.53
C ALA A 150 7.55 -15.03 28.82
N LYS A 151 8.56 -15.86 29.00
CA LYS A 151 8.71 -16.71 30.18
C LYS A 151 9.92 -16.22 30.96
N VAL A 152 9.71 -15.88 32.23
CA VAL A 152 10.77 -15.37 33.10
C VAL A 152 10.88 -16.30 34.29
N GLN A 153 12.06 -16.87 34.50
CA GLN A 153 12.28 -17.82 35.58
C GLN A 153 13.51 -17.47 36.39
N TRP A 154 13.36 -17.56 37.71
CA TRP A 154 14.43 -17.27 38.64
C TRP A 154 15.07 -18.56 39.13
N LYS A 155 16.39 -18.56 39.20
CA LYS A 155 17.17 -19.68 39.72
C LYS A 155 18.17 -19.15 40.72
N VAL A 156 18.24 -19.79 41.89
CA VAL A 156 19.18 -19.42 42.95
C VAL A 156 20.01 -20.65 43.26
N ASP A 157 21.31 -20.56 43.02
CA ASP A 157 22.21 -21.72 43.09
C ASP A 157 21.62 -22.89 42.29
N ASN A 158 21.04 -22.57 41.13
CA ASN A 158 20.42 -23.51 40.19
C ASN A 158 19.07 -24.02 40.67
N ALA A 159 18.53 -23.49 41.76
CA ALA A 159 17.25 -23.95 42.31
C ALA A 159 16.13 -23.04 41.81
N LEU A 160 15.19 -23.62 41.07
CA LEU A 160 14.07 -22.85 40.55
C LEU A 160 13.27 -22.24 41.69
N GLN A 161 12.88 -20.98 41.53
CA GLN A 161 12.08 -20.28 42.51
C GLN A 161 10.62 -20.25 42.07
N SER A 162 9.73 -20.14 43.04
CA SER A 162 8.30 -20.10 42.75
C SER A 162 7.56 -19.48 43.93
N GLY A 163 6.60 -18.63 43.62
CA GLY A 163 5.77 -17.99 44.62
C GLY A 163 6.35 -16.73 45.23
N ASN A 164 7.58 -16.36 44.88
CA ASN A 164 8.25 -15.22 45.50
C ASN A 164 8.71 -14.18 44.48
N SER A 165 8.09 -14.14 43.30
CA SER A 165 8.41 -13.12 42.30
C SER A 165 7.13 -12.55 41.71
N GLN A 166 7.21 -11.28 41.33
CA GLN A 166 6.10 -10.55 40.73
C GLN A 166 6.57 -9.86 39.46
N GLU A 167 5.68 -9.81 38.46
CA GLU A 167 5.98 -9.20 37.17
C GLU A 167 5.14 -7.95 36.96
N SER A 168 5.71 -6.99 36.22
CA SER A 168 5.01 -5.78 35.82
C SER A 168 5.41 -5.49 34.38
N VAL A 169 4.43 -5.15 33.54
CA VAL A 169 4.65 -4.92 32.12
C VAL A 169 4.16 -3.52 31.77
N THR A 170 4.90 -2.84 30.89
CA THR A 170 4.45 -1.55 30.40
C THR A 170 3.39 -1.73 29.32
N GLU A 171 2.71 -0.63 29.00
CA GLU A 171 1.85 -0.63 27.84
C GLU A 171 2.70 -0.46 26.58
N GLN A 172 2.09 -0.75 25.43
CA GLN A 172 2.84 -0.76 24.18
C GLN A 172 3.46 0.61 23.92
N ASP A 173 4.76 0.62 23.65
CA ASP A 173 5.46 1.87 23.40
C ASP A 173 4.84 2.58 22.20
N SER A 174 4.72 3.92 22.31
CA SER A 174 4.03 4.67 21.27
C SER A 174 4.84 4.82 19.99
N LYS A 175 6.17 4.70 20.06
CA LYS A 175 7.01 4.94 18.90
C LYS A 175 7.43 3.65 18.20
N ASP A 176 7.79 2.60 18.93
CA ASP A 176 8.23 1.36 18.33
C ASP A 176 7.35 0.16 18.66
N SER A 177 6.28 0.36 19.42
CA SER A 177 5.26 -0.68 19.68
C SER A 177 5.81 -1.89 20.43
N THR A 178 6.86 -1.72 21.22
CA THR A 178 7.40 -2.83 21.99
C THR A 178 6.91 -2.79 23.42
N TYR A 179 7.20 -3.86 24.15
CA TYR A 179 6.91 -3.94 25.58
C TYR A 179 8.21 -3.96 26.36
N SER A 180 8.11 -3.63 27.64
CA SER A 180 9.17 -3.90 28.60
C SER A 180 8.54 -4.55 29.82
N LEU A 181 9.32 -5.39 30.49
CA LEU A 181 8.83 -6.21 31.59
C LEU A 181 9.86 -6.19 32.71
N SER A 182 9.37 -6.06 33.94
CA SER A 182 10.19 -6.21 35.13
C SER A 182 9.74 -7.45 35.87
N SER A 183 10.70 -8.23 36.35
CA SER A 183 10.44 -9.35 37.24
C SER A 183 11.23 -9.10 38.53
N THR A 184 10.53 -9.10 39.65
CA THR A 184 11.13 -8.77 40.94
C THR A 184 11.07 -9.98 41.86
N LEU A 185 12.25 -10.49 42.22
CA LEU A 185 12.37 -11.57 43.19
C LEU A 185 12.67 -10.95 44.55
N THR A 186 11.84 -11.26 45.54
CA THR A 186 11.97 -10.71 46.89
C THR A 186 12.38 -11.81 47.84
N LEU A 187 13.51 -11.62 48.52
CA LEU A 187 14.00 -12.56 49.50
C LEU A 187 14.28 -11.84 50.81
N SER A 188 14.30 -12.60 51.90
CA SER A 188 14.82 -12.11 53.15
C SER A 188 16.34 -11.99 53.07
N LYS A 189 16.90 -11.05 53.84
CA LYS A 189 18.35 -10.89 53.81
C LYS A 189 19.06 -12.18 54.18
N ALA A 190 18.47 -12.97 55.08
CA ALA A 190 19.08 -14.25 55.45
C ALA A 190 19.19 -15.17 54.25
N ASP A 191 18.05 -15.50 53.63
CA ASP A 191 18.07 -16.39 52.47
C ASP A 191 18.99 -15.85 51.38
N TYR A 192 19.05 -14.53 51.22
CA TYR A 192 19.89 -13.94 50.18
C TYR A 192 21.37 -14.15 50.47
N GLU A 193 21.77 -14.05 51.74
CA GLU A 193 23.16 -14.25 52.10
C GLU A 193 23.54 -15.73 52.14
N LYS A 194 22.55 -16.63 52.17
CA LYS A 194 22.84 -18.05 52.19
C LYS A 194 23.33 -18.55 50.84
N HIS A 195 22.93 -17.92 49.74
CA HIS A 195 23.19 -18.41 48.40
C HIS A 195 24.06 -17.43 47.63
N LYS A 196 24.70 -17.95 46.58
CA LYS A 196 25.74 -17.21 45.86
C LYS A 196 25.27 -16.68 44.51
N VAL A 197 24.82 -17.56 43.63
CA VAL A 197 24.56 -17.21 42.24
C VAL A 197 23.07 -16.97 42.04
N TYR A 198 22.73 -15.83 41.46
CA TYR A 198 21.34 -15.45 41.20
C TYR A 198 21.17 -15.24 39.71
N ALA A 199 20.23 -15.95 39.11
CA ALA A 199 20.09 -16.00 37.66
C ALA A 199 18.66 -15.73 37.23
N CYS A 200 18.52 -14.95 36.17
CA CYS A 200 17.26 -14.68 35.51
C CYS A 200 17.28 -15.34 34.14
N GLU A 201 16.31 -16.22 33.88
CA GLU A 201 16.24 -16.95 32.62
C GLU A 201 15.03 -16.47 31.83
N VAL A 202 15.27 -15.99 30.61
CA VAL A 202 14.23 -15.41 29.77
C VAL A 202 14.07 -16.28 28.53
N THR A 203 12.84 -16.76 28.30
CA THR A 203 12.47 -17.43 27.06
C THR A 203 11.54 -16.52 26.28
N HIS A 204 11.83 -16.33 25.00
CA HIS A 204 11.05 -15.47 24.14
C HIS A 204 11.22 -15.95 22.70
N GLN A 205 10.18 -15.77 21.89
CA GLN A 205 10.20 -16.34 20.55
C GLN A 205 11.23 -15.66 19.65
N GLY A 206 11.69 -14.47 20.01
CA GLY A 206 12.74 -13.80 19.28
C GLY A 206 14.13 -14.21 19.66
N LEU A 207 14.27 -15.15 20.59
CA LEU A 207 15.58 -15.63 21.05
C LEU A 207 15.81 -17.03 20.51
N SER A 208 17.01 -17.25 19.95
CA SER A 208 17.36 -18.57 19.45
C SER A 208 17.28 -19.62 20.55
N SER A 209 17.75 -19.27 21.74
CA SER A 209 17.68 -20.13 22.91
C SER A 209 17.47 -19.22 24.11
N PRO A 210 16.92 -19.76 25.20
CA PRO A 210 16.74 -18.94 26.41
C PRO A 210 18.01 -18.20 26.77
N VAL A 211 17.84 -17.00 27.32
CA VAL A 211 18.96 -16.16 27.74
C VAL A 211 19.00 -16.11 29.25
N THR A 212 20.19 -16.24 29.81
CA THR A 212 20.40 -16.24 31.26
C THR A 212 21.33 -15.10 31.63
N LYS A 213 20.86 -14.22 32.51
CA LYS A 213 21.70 -13.21 33.14
C LYS A 213 21.84 -13.59 34.61
N SER A 214 23.09 -13.54 35.11
CA SER A 214 23.36 -13.93 36.49
C SER A 214 24.39 -12.98 37.08
N PHE A 215 24.52 -13.04 38.40
CA PHE A 215 25.57 -12.36 39.12
C PHE A 215 25.92 -13.19 40.34
N ASN A 216 27.15 -13.02 40.82
CA ASN A 216 27.59 -13.62 42.08
C ASN A 216 27.50 -12.57 43.17
N ARG A 217 26.79 -12.91 44.25
CA ARG A 217 26.73 -12.03 45.41
C ARG A 217 28.13 -11.66 45.86
N GLY A 218 28.45 -10.37 45.81
CA GLY A 218 29.76 -9.89 46.18
C GLY A 218 30.79 -10.02 45.08
N GLU B 1 -22.89 20.97 24.88
CA GLU B 1 -22.16 19.69 25.02
C GLU B 1 -22.40 19.05 26.39
N VAL B 2 -22.70 17.74 26.38
CA VAL B 2 -22.95 17.02 27.62
C VAL B 2 -21.67 16.93 28.43
N GLN B 3 -21.77 17.22 29.72
CA GLN B 3 -20.63 17.14 30.64
C GLN B 3 -21.05 16.30 31.85
N LEU B 4 -20.11 15.50 32.34
CA LEU B 4 -20.33 14.65 33.53
C LEU B 4 -19.07 14.78 34.39
N VAL B 5 -19.12 15.70 35.36
CA VAL B 5 -17.98 15.98 36.23
C VAL B 5 -18.12 15.12 37.48
N GLN B 6 -17.14 14.24 37.69
CA GLN B 6 -17.13 13.37 38.86
C GLN B 6 -16.20 13.93 39.94
N SER B 7 -16.39 13.43 41.15
CA SER B 7 -15.56 13.84 42.28
C SER B 7 -14.24 13.07 42.26
N GLY B 8 -13.26 13.62 42.97
CA GLY B 8 -11.91 13.09 42.91
C GLY B 8 -11.74 11.76 43.61
N ALA B 9 -10.54 11.21 43.46
CA ALA B 9 -10.23 9.88 43.97
C ALA B 9 -10.33 9.85 45.50
N GLU B 10 -10.55 8.64 46.02
CA GLU B 10 -10.79 8.44 47.44
C GLU B 10 -9.99 7.24 47.93
N VAL B 11 -9.35 7.39 49.08
CA VAL B 11 -8.69 6.31 49.78
C VAL B 11 -9.38 6.15 51.12
N LYS B 12 -9.84 4.94 51.43
CA LYS B 12 -10.59 4.70 52.66
C LYS B 12 -10.24 3.33 53.20
N LYS B 13 -10.72 3.05 54.41
CA LYS B 13 -10.48 1.79 55.09
C LYS B 13 -11.74 0.95 55.12
N PRO B 14 -11.60 -0.37 55.26
CA PRO B 14 -12.79 -1.23 55.34
C PRO B 14 -13.69 -0.81 56.49
N GLY B 15 -15.00 -0.83 56.23
CA GLY B 15 -15.98 -0.48 57.23
C GLY B 15 -16.39 0.98 57.27
N GLU B 16 -15.70 1.84 56.53
CA GLU B 16 -16.05 3.25 56.48
C GLU B 16 -17.14 3.49 55.44
N SER B 17 -17.75 4.66 55.52
CA SER B 17 -18.76 5.07 54.55
C SER B 17 -18.12 6.00 53.53
N LEU B 18 -18.79 6.11 52.37
CA LEU B 18 -18.28 6.95 51.29
C LEU B 18 -19.45 7.34 50.41
N ARG B 19 -19.40 8.57 49.89
CA ARG B 19 -20.36 9.01 48.88
C ARG B 19 -19.59 9.76 47.80
N ILE B 20 -19.61 9.23 46.58
CA ILE B 20 -19.03 9.90 45.44
C ILE B 20 -20.17 10.55 44.65
N SER B 21 -19.82 11.51 43.81
CA SER B 21 -20.83 12.34 43.15
C SER B 21 -20.46 12.56 41.71
N CYS B 22 -21.47 12.95 40.93
CA CYS B 22 -21.30 13.22 39.51
C CYS B 22 -22.33 14.26 39.10
N LYS B 23 -21.85 15.42 38.72
CA LYS B 23 -22.72 16.52 38.30
C LYS B 23 -22.83 16.53 36.79
N GLY B 24 -24.06 16.51 36.29
CA GLY B 24 -24.32 16.50 34.86
C GLY B 24 -24.75 17.88 34.37
N SER B 25 -24.31 18.23 33.17
CA SER B 25 -24.62 19.52 32.58
C SER B 25 -24.84 19.35 31.10
N GLY B 26 -25.46 20.35 30.48
CA GLY B 26 -25.69 20.36 29.05
C GLY B 26 -26.88 19.57 28.57
N TYR B 27 -27.75 19.12 29.47
CA TYR B 27 -28.94 18.36 29.09
C TYR B 27 -29.95 18.50 30.21
N ASN B 28 -31.19 18.08 29.92
CA ASN B 28 -32.26 18.09 30.92
C ASN B 28 -31.99 16.98 31.93
N PHE B 29 -31.35 17.34 33.04
CA PHE B 29 -30.90 16.35 34.02
C PHE B 29 -32.06 15.54 34.60
N THR B 30 -33.18 16.21 34.90
CA THR B 30 -34.23 15.54 35.64
C THR B 30 -34.91 14.45 34.82
N ASN B 31 -34.93 14.58 33.50
CA ASN B 31 -35.68 13.70 32.62
C ASN B 31 -34.76 12.85 31.73
N TYR B 32 -33.72 12.30 32.33
CA TYR B 32 -32.84 11.36 31.65
C TYR B 32 -32.18 10.51 32.72
N TRP B 33 -31.99 9.23 32.44
CA TRP B 33 -31.37 8.33 33.41
C TRP B 33 -29.91 8.68 33.61
N ILE B 34 -29.46 8.58 34.86
CA ILE B 34 -28.04 8.73 35.20
C ILE B 34 -27.71 7.65 36.20
N GLY B 35 -26.53 7.07 36.07
CA GLY B 35 -26.18 5.93 36.87
C GLY B 35 -24.69 5.73 36.96
N TRP B 36 -24.31 4.48 37.24
CA TRP B 36 -22.95 4.17 37.61
C TRP B 36 -22.53 2.80 37.10
N VAL B 37 -21.31 2.74 36.57
CA VAL B 37 -20.69 1.49 36.16
C VAL B 37 -19.35 1.35 36.89
N ARG B 38 -19.09 0.14 37.41
CA ARG B 38 -17.89 -0.17 38.15
C ARG B 38 -16.91 -0.95 37.30
N GLN B 39 -15.62 -0.69 37.51
CA GLN B 39 -14.58 -1.38 36.75
C GLN B 39 -13.42 -1.73 37.67
N VAL B 40 -13.17 -3.03 37.77
CA VAL B 40 -12.03 -3.66 38.48
C VAL B 40 -11.14 -4.33 37.39
N PRO B 41 -9.81 -4.34 37.49
CA PRO B 41 -8.99 -4.88 36.40
C PRO B 41 -9.21 -6.31 35.83
N GLY B 42 -9.55 -7.30 36.69
CA GLY B 42 -9.63 -8.74 36.35
C GLY B 42 -10.84 -9.26 35.50
N LYS B 43 -11.93 -8.48 35.33
CA LYS B 43 -13.12 -8.82 34.48
C LYS B 43 -13.64 -7.59 33.73
N GLY B 44 -14.77 -7.70 33.01
CA GLY B 44 -15.37 -6.56 32.29
C GLY B 44 -16.10 -5.61 33.22
N PRO B 45 -16.59 -4.49 32.72
CA PRO B 45 -17.37 -3.61 33.57
C PRO B 45 -18.61 -4.27 34.22
N GLU B 46 -19.01 -3.78 35.38
CA GLU B 46 -20.24 -4.22 36.02
C GLU B 46 -21.18 -3.05 36.19
N TRP B 47 -22.41 -3.20 35.67
CA TRP B 47 -23.43 -2.19 35.86
C TRP B 47 -23.93 -2.23 37.30
N MET B 48 -24.08 -1.04 37.89
CA MET B 48 -24.52 -0.90 39.27
C MET B 48 -25.96 -0.41 39.40
N GLY B 49 -26.36 0.58 38.62
CA GLY B 49 -27.72 1.06 38.69
C GLY B 49 -27.88 2.38 37.98
N LEU B 50 -29.14 2.73 37.78
CA LEU B 50 -29.55 4.00 37.19
C LEU B 50 -30.64 4.61 38.05
N ILE B 51 -30.77 5.93 37.94
CA ILE B 51 -31.84 6.65 38.62
C ILE B 51 -32.41 7.68 37.65
N TYR B 52 -33.72 7.88 37.71
CA TYR B 52 -34.42 8.90 36.94
C TYR B 52 -34.73 10.04 37.91
N PRO B 53 -33.95 11.12 37.92
CA PRO B 53 -34.07 12.07 39.04
C PRO B 53 -35.45 12.70 39.17
N SER B 54 -36.21 12.78 38.07
CA SER B 54 -37.50 13.44 38.12
C SER B 54 -38.41 12.81 39.17
N ASP B 55 -38.42 11.48 39.28
CA ASP B 55 -39.32 10.79 40.18
C ASP B 55 -38.60 9.84 41.13
N SER B 56 -37.27 9.87 41.17
CA SER B 56 -36.46 9.07 42.09
C SER B 56 -36.58 7.57 41.81
N ASP B 57 -37.13 7.19 40.67
CA ASP B 57 -37.17 5.79 40.26
C ASP B 57 -35.74 5.28 40.12
N THR B 58 -35.39 4.28 40.93
CA THR B 58 -34.03 3.77 41.00
C THR B 58 -34.01 2.30 40.63
N ARG B 59 -33.09 1.92 39.76
CA ARG B 59 -32.96 0.54 39.29
C ARG B 59 -31.57 0.04 39.67
N TYR B 60 -31.53 -1.00 40.50
CA TYR B 60 -30.29 -1.56 40.99
C TYR B 60 -29.99 -2.88 40.31
N ASN B 61 -28.71 -3.20 40.23
CA ASN B 61 -28.29 -4.55 39.86
C ASN B 61 -28.51 -5.47 41.06
N PRO B 62 -29.31 -6.54 40.92
CA PRO B 62 -29.53 -7.44 42.07
C PRO B 62 -28.26 -7.98 42.69
N SER B 63 -27.17 -8.09 41.92
CA SER B 63 -25.94 -8.65 42.45
C SER B 63 -25.41 -7.82 43.63
N LEU B 64 -25.49 -6.51 43.47
CA LEU B 64 -25.13 -5.52 44.54
C LEU B 64 -26.34 -5.62 45.48
N GLN B 65 -26.36 -6.51 46.49
CA GLN B 65 -27.56 -6.80 47.34
C GLN B 65 -27.63 -5.76 48.48
N GLY B 66 -28.08 -4.52 48.24
CA GLY B 66 -28.20 -3.45 49.26
C GLY B 66 -26.89 -2.87 49.78
N HIS B 67 -25.75 -3.16 49.16
CA HIS B 67 -24.44 -2.63 49.54
C HIS B 67 -24.33 -1.16 49.22
N VAL B 68 -24.97 -0.70 48.14
CA VAL B 68 -24.88 0.69 47.70
C VAL B 68 -26.27 1.27 47.51
N THR B 69 -26.36 2.59 47.62
CA THR B 69 -27.57 3.33 47.34
C THR B 69 -27.25 4.43 46.34
N ILE B 70 -28.17 4.67 45.42
CA ILE B 70 -28.03 5.70 44.40
C ILE B 70 -29.11 6.76 44.66
N SER B 71 -28.73 8.03 44.53
CA SER B 71 -29.65 9.13 44.79
C SER B 71 -29.25 10.31 43.91
N ALA B 72 -30.10 11.33 43.90
CA ALA B 72 -29.87 12.47 43.02
C ALA B 72 -30.57 13.70 43.57
N ASP B 73 -29.91 14.85 43.41
CA ASP B 73 -30.44 16.14 43.82
C ASP B 73 -30.72 16.95 42.58
N LYS B 74 -32.01 17.21 42.30
CA LYS B 74 -32.38 17.86 41.06
C LYS B 74 -31.93 19.32 41.03
N SER B 75 -31.94 20.00 42.18
CA SER B 75 -31.50 21.39 42.21
C SER B 75 -30.02 21.50 41.87
N LEU B 76 -29.20 20.58 42.36
CA LEU B 76 -27.77 20.57 42.06
C LEU B 76 -27.42 19.79 40.80
N THR B 77 -28.41 19.19 40.13
CA THR B 77 -28.19 18.33 38.97
C THR B 77 -27.01 17.39 39.21
N THR B 78 -27.06 16.68 40.34
CA THR B 78 -25.96 15.83 40.78
C THR B 78 -26.51 14.45 41.15
N ALA B 79 -25.76 13.42 40.78
CA ALA B 79 -26.06 12.04 41.14
C ALA B 79 -25.05 11.55 42.17
N TYR B 80 -25.50 10.63 43.02
CA TYR B 80 -24.67 10.15 44.12
C TYR B 80 -24.68 8.63 44.16
N LEU B 81 -23.58 8.07 44.66
CA LEU B 81 -23.44 6.64 44.93
C LEU B 81 -22.82 6.53 46.31
N ARG B 82 -23.48 5.81 47.22
CA ARG B 82 -23.09 5.81 48.62
C ARG B 82 -22.92 4.39 49.14
N TRP B 83 -21.81 4.16 49.83
CA TRP B 83 -21.61 2.96 50.64
C TRP B 83 -21.72 3.33 52.11
N SER B 84 -22.43 2.54 52.88
CA SER B 84 -22.45 2.73 54.33
C SER B 84 -21.32 1.96 55.02
N SER B 85 -20.86 0.87 54.42
CA SER B 85 -19.78 0.06 55.00
C SER B 85 -18.93 -0.48 53.86
N LEU B 86 -17.81 0.18 53.59
CA LEU B 86 -16.95 -0.22 52.49
C LEU B 86 -16.22 -1.53 52.79
N ARG B 87 -16.04 -2.33 51.74
CA ARG B 87 -15.26 -3.55 51.81
C ARG B 87 -14.09 -3.45 50.84
N ALA B 88 -13.12 -4.35 51.01
CA ALA B 88 -11.97 -4.36 50.12
C ALA B 88 -12.40 -4.56 48.67
N SER B 89 -13.42 -5.41 48.45
CA SER B 89 -13.89 -5.69 47.10
C SER B 89 -14.42 -4.45 46.39
N ASP B 90 -14.69 -3.37 47.13
CA ASP B 90 -15.20 -2.14 46.53
C ASP B 90 -14.10 -1.29 45.88
N SER B 91 -12.83 -1.70 45.98
CA SER B 91 -11.76 -1.00 45.29
C SER B 91 -11.97 -1.13 43.78
N ALA B 92 -12.16 0.00 43.12
CA ALA B 92 -12.46 0.00 41.69
C ALA B 92 -12.49 1.45 41.20
N THR B 93 -12.67 1.59 39.88
CA THR B 93 -12.95 2.88 39.27
C THR B 93 -14.44 2.93 38.94
N TYR B 94 -15.09 4.02 39.32
CA TYR B 94 -16.54 4.16 39.16
C TYR B 94 -16.82 5.25 38.15
N TYR B 95 -17.41 4.85 37.02
CA TYR B 95 -17.83 5.79 35.99
C TYR B 95 -19.30 6.11 36.19
N CYS B 96 -19.64 7.39 36.07
CA CYS B 96 -21.04 7.78 36.02
C CYS B 96 -21.45 7.92 34.57
N VAL B 97 -22.66 7.45 34.27
CA VAL B 97 -23.13 7.28 32.90
C VAL B 97 -24.55 7.82 32.79
N THR B 98 -24.96 8.09 31.56
CA THR B 98 -26.35 8.44 31.25
C THR B 98 -26.93 7.38 30.33
N SER B 99 -28.25 7.33 30.28
CA SER B 99 -28.96 6.34 29.48
C SER B 99 -30.33 6.86 29.10
N GLY B 100 -30.78 6.46 27.92
CA GLY B 100 -32.16 6.66 27.50
C GLY B 100 -33.04 5.53 27.98
N ILE B 101 -34.13 5.28 27.25
CA ILE B 101 -35.08 4.27 27.71
C ILE B 101 -34.60 2.84 27.48
N TYR B 102 -33.57 2.64 26.66
CA TYR B 102 -33.19 1.29 26.25
C TYR B 102 -32.07 0.68 27.08
N GLY B 103 -31.18 1.49 27.64
CA GLY B 103 -30.15 0.99 28.51
C GLY B 103 -28.74 0.92 27.96
N TYR B 104 -28.49 1.45 26.76
CA TYR B 104 -27.13 1.67 26.32
C TYR B 104 -26.66 3.01 26.88
N LEU B 105 -25.40 3.09 27.28
CA LEU B 105 -24.88 4.22 28.04
C LEU B 105 -24.19 5.18 27.07
N ASP B 106 -24.88 6.27 26.72
CA ASP B 106 -24.41 7.13 25.65
C ASP B 106 -23.44 8.22 26.09
N TYR B 107 -23.32 8.49 27.39
CA TYR B 107 -22.32 9.43 27.88
C TYR B 107 -21.70 8.92 29.16
N TRP B 108 -20.37 9.00 29.23
CA TRP B 108 -19.59 8.45 30.34
C TRP B 108 -18.73 9.55 30.96
N GLY B 109 -18.58 9.51 32.27
CA GLY B 109 -17.71 10.42 32.98
C GLY B 109 -16.26 9.97 32.91
N ARG B 110 -15.38 10.84 33.45
CA ARG B 110 -13.94 10.55 33.44
C ARG B 110 -13.58 9.45 34.42
N GLY B 111 -14.41 9.18 35.41
CA GLY B 111 -14.14 8.12 36.36
C GLY B 111 -13.68 8.65 37.71
N THR B 112 -13.95 7.87 38.75
CA THR B 112 -13.51 8.15 40.12
C THR B 112 -12.86 6.88 40.66
N GLN B 113 -11.57 6.98 41.01
CA GLN B 113 -10.86 5.84 41.57
C GLN B 113 -11.13 5.75 43.06
N VAL B 114 -11.46 4.54 43.53
CA VAL B 114 -11.74 4.30 44.94
C VAL B 114 -10.86 3.17 45.42
N ILE B 115 -10.04 3.45 46.44
CA ILE B 115 -9.16 2.47 47.05
C ILE B 115 -9.67 2.17 48.45
N VAL B 116 -9.84 0.89 48.76
CA VAL B 116 -10.24 0.44 50.09
C VAL B 116 -9.15 -0.49 50.61
N SER B 117 -8.53 -0.10 51.72
CA SER B 117 -7.39 -0.85 52.26
C SER B 117 -7.21 -0.49 53.73
N SER B 118 -6.79 -1.48 54.51
CA SER B 118 -6.42 -1.22 55.89
C SER B 118 -5.05 -0.57 56.02
N ALA B 119 -4.29 -0.47 54.93
CA ALA B 119 -2.97 0.11 54.98
C ALA B 119 -3.04 1.59 55.36
N SER B 120 -1.93 2.08 55.90
CA SER B 120 -1.78 3.48 56.31
C SER B 120 -0.77 4.18 55.41
N THR B 121 -0.90 5.49 55.32
CA THR B 121 -0.03 6.30 54.47
C THR B 121 1.43 6.05 54.82
N LYS B 122 2.25 5.79 53.79
CA LYS B 122 3.67 5.55 53.99
C LYS B 122 4.43 5.98 52.74
N GLY B 123 5.54 6.67 52.95
CA GLY B 123 6.38 7.11 51.86
C GLY B 123 7.31 6.01 51.38
N PRO B 124 7.74 6.10 50.13
CA PRO B 124 8.55 5.02 49.55
C PRO B 124 10.00 5.08 49.99
N SER B 125 10.61 3.90 50.03
CA SER B 125 12.06 3.77 50.06
C SER B 125 12.54 3.65 48.62
N VAL B 126 13.58 4.39 48.27
CA VAL B 126 14.10 4.41 46.90
C VAL B 126 15.47 3.76 46.91
N PHE B 127 15.64 2.72 46.09
CA PHE B 127 16.89 1.98 46.05
C PHE B 127 17.43 1.92 44.63
N PRO B 128 18.75 2.09 44.45
CA PRO B 128 19.31 2.08 43.10
C PRO B 128 19.29 0.70 42.46
N LEU B 129 19.04 0.68 41.16
CA LEU B 129 19.27 -0.49 40.31
C LEU B 129 20.55 -0.20 39.51
N ALA B 130 21.70 -0.48 40.14
CA ALA B 130 22.96 0.00 39.60
C ALA B 130 23.35 -0.81 38.35
N PRO B 131 23.94 -0.16 37.35
CA PRO B 131 24.35 -0.89 36.15
C PRO B 131 25.67 -1.61 36.32
N SER B 132 25.87 -2.63 35.51
CA SER B 132 27.12 -3.39 35.50
C SER B 132 28.32 -2.47 35.27
N GLY B 138 28.10 -3.51 27.30
CA GLY B 138 28.32 -3.73 25.88
C GLY B 138 27.38 -2.92 25.01
N GLY B 139 27.81 -1.72 24.64
CA GLY B 139 27.00 -0.87 23.78
C GLY B 139 25.91 -0.12 24.51
N THR B 140 24.97 -0.86 25.10
CA THR B 140 23.85 -0.29 25.83
C THR B 140 23.86 -0.81 27.26
N ALA B 141 23.69 0.09 28.22
CA ALA B 141 23.56 -0.26 29.63
C ALA B 141 22.19 0.18 30.14
N ALA B 142 21.73 -0.48 31.20
CA ALA B 142 20.45 -0.18 31.81
C ALA B 142 20.66 0.14 33.29
N LEU B 143 19.93 1.13 33.78
CA LEU B 143 19.95 1.50 35.19
C LEU B 143 18.57 1.99 35.59
N GLY B 144 18.34 2.09 36.89
CA GLY B 144 17.01 2.43 37.33
C GLY B 144 16.93 2.71 38.81
N CYS B 145 15.69 2.82 39.28
CA CYS B 145 15.37 3.10 40.66
C CYS B 145 14.19 2.23 41.08
N LEU B 146 14.35 1.52 42.18
CA LEU B 146 13.27 0.71 42.75
C LEU B 146 12.56 1.53 43.82
N VAL B 147 11.26 1.74 43.63
CA VAL B 147 10.43 2.55 44.52
C VAL B 147 9.53 1.59 45.29
N LYS B 148 9.78 1.43 46.59
CA LYS B 148 9.23 0.32 47.34
C LYS B 148 8.53 0.78 48.61
N ASP B 149 7.49 0.01 48.97
CA ASP B 149 6.77 0.12 50.25
C ASP B 149 6.22 1.52 50.48
N TYR B 150 5.27 1.89 49.62
CA TYR B 150 4.54 3.15 49.79
C TYR B 150 3.05 2.90 49.64
N PHE B 151 2.27 3.90 50.07
CA PHE B 151 0.81 3.86 50.02
C PHE B 151 0.27 5.25 50.34
N PRO B 152 -0.79 5.70 49.66
CA PRO B 152 -1.44 5.08 48.49
C PRO B 152 -0.71 5.44 47.21
N GLU B 153 -1.24 5.01 46.07
CA GLU B 153 -0.79 5.56 44.80
C GLU B 153 -1.19 7.04 44.72
N PRO B 154 -0.53 7.82 43.86
CA PRO B 154 0.56 7.44 42.97
C PRO B 154 1.91 7.96 43.41
N VAL B 155 2.98 7.39 42.87
CA VAL B 155 4.27 8.05 42.85
C VAL B 155 4.48 8.55 41.43
N THR B 156 5.37 9.54 41.30
CA THR B 156 5.82 10.01 40.00
C THR B 156 7.34 9.91 39.97
N VAL B 157 7.88 9.45 38.85
CA VAL B 157 9.33 9.30 38.70
C VAL B 157 9.75 10.04 37.44
N SER B 158 10.79 10.86 37.57
CA SER B 158 11.45 11.49 36.44
C SER B 158 12.95 11.23 36.57
N TRP B 159 13.68 11.58 35.53
CA TRP B 159 15.13 11.38 35.49
C TRP B 159 15.80 12.70 35.13
N ASN B 160 16.78 13.08 35.95
CA ASN B 160 17.54 14.31 35.73
C ASN B 160 16.60 15.52 35.59
N SER B 161 15.55 15.52 36.41
CA SER B 161 14.59 16.62 36.49
C SER B 161 13.85 16.83 35.18
N GLY B 162 13.65 15.75 34.42
CA GLY B 162 12.91 15.80 33.18
C GLY B 162 13.75 15.98 31.95
N ALA B 163 15.05 16.23 32.09
CA ALA B 163 15.90 16.39 30.92
C ALA B 163 16.09 15.07 30.20
N LEU B 164 16.14 13.95 30.93
CA LEU B 164 16.30 12.63 30.34
C LEU B 164 14.93 11.99 30.21
N THR B 165 14.51 11.77 28.96
CA THR B 165 13.21 11.18 28.68
C THR B 165 13.32 9.97 27.77
N SER B 166 14.27 10.00 26.85
CA SER B 166 14.40 8.92 25.87
C SER B 166 14.88 7.64 26.53
N GLY B 167 14.23 6.52 26.18
CA GLY B 167 14.60 5.24 26.73
C GLY B 167 14.12 4.99 28.14
N VAL B 168 13.32 5.88 28.72
CA VAL B 168 12.83 5.69 30.08
C VAL B 168 11.58 4.81 30.05
N HIS B 169 11.54 3.84 30.95
CA HIS B 169 10.36 3.00 31.15
C HIS B 169 10.04 2.97 32.64
N THR B 170 8.86 3.43 33.01
CA THR B 170 8.39 3.41 34.39
C THR B 170 7.22 2.44 34.47
N PHE B 171 7.40 1.35 35.20
CA PHE B 171 6.44 0.28 35.21
C PHE B 171 5.24 0.61 36.07
N PRO B 172 4.09 -0.02 35.79
CA PRO B 172 2.93 0.15 36.68
C PRO B 172 3.23 -0.36 38.08
N ALA B 173 2.66 0.32 39.07
CA ALA B 173 2.80 -0.12 40.45
C ALA B 173 2.10 -1.46 40.65
N VAL B 174 2.70 -2.32 41.47
CA VAL B 174 2.12 -3.60 41.83
C VAL B 174 1.84 -3.59 43.32
N LEU B 175 0.67 -4.09 43.70
CA LEU B 175 0.29 -4.20 45.11
C LEU B 175 0.89 -5.48 45.68
N GLN B 176 1.76 -5.32 46.67
CA GLN B 176 2.38 -6.45 47.35
C GLN B 176 1.42 -7.05 48.37
N SER B 177 1.76 -8.25 48.85
CA SER B 177 0.92 -8.92 49.82
C SER B 177 0.80 -8.14 51.12
N SER B 178 1.84 -7.36 51.45
CA SER B 178 1.82 -6.53 52.65
C SER B 178 0.80 -5.41 52.58
N GLY B 179 0.25 -5.13 51.40
CA GLY B 179 -0.66 -4.02 51.23
C GLY B 179 -0.03 -2.74 50.74
N LEU B 180 1.29 -2.70 50.60
CA LEU B 180 2.00 -1.54 50.10
C LEU B 180 2.40 -1.75 48.65
N TYR B 181 2.42 -0.67 47.93
CA TYR B 181 2.74 -0.70 46.49
C TYR B 181 4.28 -0.71 46.34
N SER B 182 4.72 -1.23 45.21
CA SER B 182 6.12 -1.23 44.75
C SER B 182 6.18 -0.97 43.22
N LEU B 183 7.15 -0.23 42.66
CA LEU B 183 7.41 -0.12 41.19
C LEU B 183 8.89 0.20 40.88
N SER B 184 9.36 0.02 39.64
CA SER B 184 10.71 0.38 39.12
C SER B 184 10.55 1.28 37.91
N SER B 185 11.43 2.24 37.83
CA SER B 185 11.61 3.12 36.64
C SER B 185 13.04 2.77 36.13
N VAL B 186 13.24 2.34 34.88
CA VAL B 186 14.54 2.03 34.22
C VAL B 186 14.72 2.99 33.05
N VAL B 187 15.95 3.04 32.60
CA VAL B 187 16.32 3.80 31.41
C VAL B 187 17.56 3.13 30.83
N THR B 188 17.61 3.07 29.50
CA THR B 188 18.76 2.53 28.79
C THR B 188 19.63 3.67 28.28
N VAL B 189 20.93 3.52 28.42
CA VAL B 189 21.89 4.56 28.05
C VAL B 189 23.10 3.91 27.40
N PRO B 190 23.87 4.68 26.64
CA PRO B 190 25.13 4.14 26.09
C PRO B 190 26.05 3.69 27.20
N SER B 191 26.61 2.48 27.05
CA SER B 191 27.54 1.96 28.04
C SER B 191 28.72 2.92 28.23
N SER B 192 29.11 3.64 27.18
CA SER B 192 30.23 4.57 27.28
C SER B 192 29.90 5.79 28.11
N SER B 193 28.63 6.06 28.39
CA SER B 193 28.23 7.24 29.15
C SER B 193 28.10 6.98 30.65
N LEU B 194 28.39 5.77 31.11
CA LEU B 194 28.21 5.45 32.53
C LEU B 194 29.25 6.12 33.40
N GLY B 195 30.43 6.38 32.87
CA GLY B 195 31.47 7.05 33.65
C GLY B 195 31.51 8.55 33.49
N THR B 196 30.80 9.09 32.50
CA THR B 196 30.91 10.51 32.17
C THR B 196 29.74 11.33 32.69
N GLN B 197 28.51 10.86 32.53
CA GLN B 197 27.32 11.64 32.89
C GLN B 197 26.64 11.05 34.12
N THR B 198 25.88 11.92 34.78
CA THR B 198 25.24 11.60 36.06
C THR B 198 23.76 11.30 35.84
N TYR B 199 23.27 10.28 36.53
CA TYR B 199 21.88 9.85 36.41
C TYR B 199 21.22 9.89 37.79
N ILE B 200 20.16 10.68 37.89
CA ILE B 200 19.42 10.88 39.14
C ILE B 200 17.94 10.68 38.84
N CYS B 201 17.28 9.86 39.65
CA CYS B 201 15.84 9.67 39.54
C CYS B 201 15.15 10.50 40.61
N ASN B 202 14.12 11.22 40.22
CA ASN B 202 13.40 12.12 41.12
C ASN B 202 12.05 11.47 41.42
N VAL B 203 11.92 10.97 42.64
CA VAL B 203 10.71 10.29 43.09
C VAL B 203 9.91 11.26 43.96
N ASN B 204 8.61 11.31 43.72
CA ASN B 204 7.72 12.20 44.48
C ASN B 204 6.47 11.42 44.84
N HIS B 205 6.16 11.38 46.13
CA HIS B 205 4.97 10.73 46.67
C HIS B 205 4.21 11.79 47.46
N LYS B 206 3.28 12.47 46.79
CA LYS B 206 2.60 13.60 47.42
C LYS B 206 1.75 13.22 48.63
N PRO B 207 1.07 12.07 48.66
CA PRO B 207 0.26 11.75 49.84
C PRO B 207 1.03 11.77 51.15
N SER B 208 2.34 11.55 51.11
CA SER B 208 3.21 11.67 52.28
C SER B 208 4.19 12.82 52.16
N ASN B 209 4.08 13.61 51.09
CA ASN B 209 5.01 14.73 50.83
C ASN B 209 6.45 14.25 50.88
N THR B 210 6.69 13.05 50.35
CA THR B 210 8.03 12.50 50.24
C THR B 210 8.64 12.94 48.92
N LYS B 211 9.90 13.37 48.99
CA LYS B 211 10.64 13.80 47.80
C LYS B 211 12.06 13.27 47.93
N VAL B 212 12.46 12.44 46.97
CA VAL B 212 13.77 11.79 46.97
C VAL B 212 14.39 11.99 45.59
N ASP B 213 15.65 12.40 45.57
CA ASP B 213 16.45 12.48 44.34
C ASP B 213 17.62 11.52 44.54
N LYS B 214 17.54 10.34 43.94
CA LYS B 214 18.49 9.27 44.18
C LYS B 214 19.44 9.15 43.01
N ARG B 215 20.74 9.35 43.27
CA ARG B 215 21.75 9.21 42.23
C ARG B 215 22.09 7.74 42.04
N VAL B 216 22.12 7.31 40.77
CA VAL B 216 22.43 5.93 40.42
C VAL B 216 23.78 5.91 39.71
N GLU B 217 24.70 5.09 40.20
CA GLU B 217 26.04 5.00 39.65
C GLU B 217 26.51 3.56 39.68
N PRO B 218 27.51 3.22 38.85
CA PRO B 218 28.04 1.84 38.87
C PRO B 218 28.62 1.51 40.23
N LYS B 219 28.63 0.21 40.55
CA LYS B 219 29.18 -0.25 41.81
C LYS B 219 30.21 -1.35 41.57
N ASP C 1 -43.82 24.91 -26.20
CA ASP C 1 -43.67 24.29 -24.86
C ASP C 1 -44.00 25.26 -23.73
N ILE C 2 -44.14 24.74 -22.52
CA ILE C 2 -44.56 25.54 -21.38
C ILE C 2 -43.34 26.25 -20.81
N VAL C 3 -43.42 27.57 -20.70
CA VAL C 3 -42.34 28.40 -20.18
C VAL C 3 -42.63 28.73 -18.72
N MET C 4 -41.69 28.41 -17.85
CA MET C 4 -41.81 28.63 -16.41
C MET C 4 -41.07 29.91 -16.03
N THR C 5 -41.74 30.79 -15.29
CA THR C 5 -41.22 32.13 -15.00
C THR C 5 -41.29 32.38 -13.50
N GLN C 6 -40.13 32.50 -12.86
CA GLN C 6 -40.06 32.75 -11.43
C GLN C 6 -39.77 34.23 -11.14
N SER C 7 -40.21 34.68 -9.97
CA SER C 7 -39.94 36.04 -9.53
C SER C 7 -39.97 36.07 -8.00
N PRO C 8 -39.15 36.93 -7.38
CA PRO C 8 -38.08 37.74 -7.99
C PRO C 8 -36.92 36.84 -8.40
N ASP C 9 -35.94 37.35 -9.15
CA ASP C 9 -34.79 36.54 -9.49
C ASP C 9 -33.89 36.32 -8.29
N SER C 10 -33.86 37.27 -7.35
CA SER C 10 -33.13 37.10 -6.09
C SER C 10 -33.95 37.74 -4.98
N LEU C 11 -33.94 37.12 -3.80
CA LEU C 11 -34.75 37.58 -2.69
C LEU C 11 -33.93 37.54 -1.41
N ALA C 12 -33.77 38.70 -0.77
CA ALA C 12 -33.04 38.83 0.47
C ALA C 12 -34.04 38.88 1.63
N VAL C 13 -33.90 37.97 2.58
CA VAL C 13 -34.83 37.85 3.70
C VAL C 13 -34.06 37.85 5.01
N SER C 14 -34.54 38.63 5.97
CA SER C 14 -33.97 38.61 7.31
C SER C 14 -34.18 37.24 7.96
N LEU C 15 -33.28 36.88 8.87
CA LEU C 15 -33.42 35.65 9.61
C LEU C 15 -34.69 35.66 10.44
N GLY C 16 -35.38 34.52 10.50
CA GLY C 16 -36.59 34.41 11.26
C GLY C 16 -37.82 35.00 10.61
N GLU C 17 -37.70 35.59 9.42
CA GLU C 17 -38.83 36.16 8.70
C GLU C 17 -39.20 35.24 7.54
N ARG C 18 -40.23 35.63 6.80
CA ARG C 18 -40.85 34.77 5.80
C ARG C 18 -40.34 35.12 4.40
N ALA C 19 -40.11 34.09 3.59
CA ALA C 19 -39.73 34.23 2.20
C ALA C 19 -40.84 33.71 1.31
N THR C 20 -41.14 34.44 0.24
CA THR C 20 -42.21 34.09 -0.68
C THR C 20 -41.66 34.13 -2.11
N ILE C 21 -41.65 32.98 -2.78
CA ILE C 21 -41.18 32.86 -4.15
C ILE C 21 -42.38 32.55 -5.03
N ASN C 22 -42.40 33.13 -6.23
CA ASN C 22 -43.53 32.96 -7.14
C ASN C 22 -43.07 32.32 -8.44
N CYS C 23 -43.95 31.51 -9.01
CA CYS C 23 -43.66 30.77 -10.24
C CYS C 23 -44.93 30.79 -11.09
N LYS C 24 -44.81 31.29 -12.31
CA LYS C 24 -45.92 31.35 -13.25
C LYS C 24 -45.59 30.46 -14.44
N SER C 25 -46.56 29.66 -14.86
CA SER C 25 -46.46 28.89 -16.09
C SER C 25 -47.24 29.61 -17.20
N SER C 26 -46.74 29.48 -18.43
CA SER C 26 -47.41 30.06 -19.58
C SER C 26 -48.75 29.40 -19.87
N GLN C 27 -48.97 28.17 -19.38
CA GLN C 27 -50.26 27.50 -19.51
C GLN C 27 -50.51 26.70 -18.24
N SER C 28 -51.77 26.35 -18.02
CA SER C 28 -52.15 25.63 -16.82
C SER C 28 -51.51 24.24 -16.79
N VAL C 29 -51.05 23.83 -15.61
CA VAL C 29 -50.46 22.51 -15.44
C VAL C 29 -51.37 21.67 -14.55
N PHE C 30 -52.65 22.00 -14.53
CA PHE C 30 -53.64 21.31 -13.70
C PHE C 30 -54.46 20.35 -14.54
N HIS C 31 -54.69 19.16 -14.00
CA HIS C 31 -55.55 18.15 -14.62
C HIS C 31 -56.79 17.98 -13.75
N SER C 32 -57.96 18.31 -14.32
CA SER C 32 -59.21 18.18 -13.57
C SER C 32 -59.53 16.72 -13.26
N SER C 33 -59.07 15.80 -14.11
CA SER C 33 -59.46 14.40 -13.96
C SER C 33 -58.96 13.82 -12.64
N ASN C 34 -57.71 14.10 -12.27
CA ASN C 34 -57.14 13.59 -11.05
C ASN C 34 -56.88 14.66 -10.00
N ASN C 35 -57.25 15.91 -10.28
CA ASN C 35 -57.22 16.99 -9.29
C ASN C 35 -55.81 17.20 -8.73
N LYS C 36 -54.84 17.31 -9.62
CA LYS C 36 -53.45 17.49 -9.21
C LYS C 36 -52.72 18.41 -10.18
N ASN C 37 -51.92 19.31 -9.62
CA ASN C 37 -51.07 20.20 -10.40
C ASN C 37 -49.72 19.52 -10.64
N TYR C 38 -49.26 19.54 -11.88
CA TYR C 38 -48.00 18.88 -12.26
C TYR C 38 -46.85 19.88 -12.11
N LEU C 39 -46.50 20.15 -10.84
CA LEU C 39 -45.58 21.22 -10.49
C LEU C 39 -44.69 20.76 -9.35
N ALA C 40 -43.38 20.97 -9.50
CA ALA C 40 -42.40 20.55 -8.51
C ALA C 40 -41.44 21.70 -8.20
N TRP C 41 -40.87 21.65 -6.99
CA TRP C 41 -39.89 22.62 -6.52
C TRP C 41 -38.60 21.92 -6.13
N TYR C 42 -37.47 22.53 -6.46
CA TYR C 42 -36.16 22.01 -6.13
C TYR C 42 -35.33 23.03 -5.36
N GLN C 43 -34.48 22.54 -4.47
CA GLN C 43 -33.57 23.36 -3.70
C GLN C 43 -32.13 23.03 -4.09
N GLN C 44 -31.37 24.04 -4.47
CA GLN C 44 -29.94 23.85 -4.77
C GLN C 44 -29.16 24.76 -3.84
N LYS C 45 -28.59 24.17 -2.79
CA LYS C 45 -27.74 24.93 -1.88
C LYS C 45 -26.38 25.17 -2.53
N PRO C 46 -25.62 26.13 -2.02
CA PRO C 46 -24.32 26.45 -2.64
C PRO C 46 -23.37 25.27 -2.65
N GLY C 47 -22.82 24.99 -3.82
CA GLY C 47 -21.86 23.90 -3.97
C GLY C 47 -22.44 22.52 -3.98
N GLN C 48 -23.73 22.39 -4.26
CA GLN C 48 -24.40 21.10 -4.23
C GLN C 48 -25.28 20.94 -5.47
N SER C 49 -25.79 19.73 -5.64
CA SER C 49 -26.72 19.45 -6.72
C SER C 49 -28.13 19.79 -6.27
N PRO C 50 -29.04 20.06 -7.20
CA PRO C 50 -30.43 20.31 -6.82
C PRO C 50 -31.00 19.11 -6.05
N LYS C 51 -32.03 19.39 -5.27
CA LYS C 51 -32.70 18.38 -4.45
C LYS C 51 -34.20 18.60 -4.55
N LEU C 52 -34.95 17.51 -4.71
CA LEU C 52 -36.40 17.61 -4.81
C LEU C 52 -36.97 18.03 -3.46
N LEU C 53 -37.69 19.15 -3.46
CA LEU C 53 -38.38 19.65 -2.28
C LEU C 53 -39.84 19.24 -2.24
N ILE C 54 -40.57 19.48 -3.33
CA ILE C 54 -42.02 19.35 -3.34
C ILE C 54 -42.45 18.93 -4.74
N HIS C 55 -43.48 18.08 -4.79
CA HIS C 55 -44.17 17.74 -6.04
C HIS C 55 -45.67 17.81 -5.79
N TRP C 56 -46.44 17.75 -6.88
CA TRP C 56 -47.88 17.99 -6.81
C TRP C 56 -48.21 19.35 -6.21
N ALA C 57 -47.29 20.30 -6.35
CA ALA C 57 -47.48 21.67 -5.91
C ALA C 57 -47.34 21.86 -4.41
N SER C 58 -47.69 20.85 -3.62
CA SER C 58 -47.69 21.01 -2.17
C SER C 58 -47.23 19.78 -1.39
N ALA C 59 -46.97 18.65 -2.04
CA ALA C 59 -46.57 17.44 -1.33
C ALA C 59 -45.07 17.46 -1.07
N ARG C 60 -44.69 17.47 0.20
CA ARG C 60 -43.28 17.55 0.57
C ARG C 60 -42.58 16.21 0.39
N GLU C 61 -41.29 16.28 0.09
CA GLU C 61 -40.43 15.11 0.15
C GLU C 61 -40.05 14.85 1.61
N SER C 62 -39.90 13.57 1.96
CA SER C 62 -39.54 13.22 3.32
C SER C 62 -38.28 13.96 3.74
N GLY C 63 -38.27 14.45 4.98
CA GLY C 63 -37.16 15.19 5.50
C GLY C 63 -37.19 16.68 5.26
N VAL C 64 -38.15 17.16 4.47
CA VAL C 64 -38.31 18.61 4.23
C VAL C 64 -39.09 19.20 5.38
N PRO C 65 -38.55 20.17 6.12
CA PRO C 65 -39.25 20.67 7.31
C PRO C 65 -40.57 21.35 6.94
N GLU C 66 -41.46 21.39 7.94
CA GLU C 66 -42.81 21.91 7.71
C GLU C 66 -42.79 23.38 7.33
N ARG C 67 -41.77 24.13 7.76
CA ARG C 67 -41.74 25.56 7.46
C ARG C 67 -41.64 25.85 5.97
N ILE C 68 -41.27 24.86 5.16
CA ILE C 68 -41.22 25.01 3.70
C ILE C 68 -42.50 24.41 3.13
N SER C 69 -43.30 25.24 2.47
CA SER C 69 -44.58 24.80 1.93
C SER C 69 -44.81 25.40 0.55
N GLY C 70 -45.47 24.64 -0.31
CA GLY C 70 -45.83 25.09 -1.64
C GLY C 70 -47.34 25.21 -1.75
N SER C 71 -47.80 26.19 -2.52
CA SER C 71 -49.22 26.42 -2.71
C SER C 71 -49.46 26.87 -4.14
N GLY C 72 -50.72 27.09 -4.48
CA GLY C 72 -51.12 27.58 -5.78
C GLY C 72 -51.83 26.51 -6.60
N SER C 73 -52.34 26.95 -7.74
CA SER C 73 -53.03 26.04 -8.65
C SER C 73 -53.09 26.70 -10.02
N GLY C 74 -53.21 25.85 -11.05
CA GLY C 74 -53.37 26.34 -12.41
C GLY C 74 -52.09 26.88 -13.01
N THR C 75 -51.97 28.22 -13.04
CA THR C 75 -50.79 28.87 -13.59
C THR C 75 -49.91 29.56 -12.55
N ASP C 76 -50.44 29.83 -11.35
CA ASP C 76 -49.73 30.62 -10.35
C ASP C 76 -49.42 29.75 -9.14
N PHE C 77 -48.14 29.66 -8.78
CA PHE C 77 -47.68 28.85 -7.67
C PHE C 77 -46.71 29.66 -6.82
N THR C 78 -46.56 29.23 -5.57
CA THR C 78 -45.69 29.93 -4.63
C THR C 78 -45.01 28.92 -3.71
N LEU C 79 -43.77 29.22 -3.36
CA LEU C 79 -43.02 28.49 -2.33
C LEU C 79 -42.80 29.45 -1.16
N THR C 80 -43.07 28.98 0.05
CA THR C 80 -42.98 29.82 1.23
C THR C 80 -42.08 29.16 2.27
N ILE C 81 -41.16 29.95 2.82
CA ILE C 81 -40.32 29.55 3.94
C ILE C 81 -40.75 30.43 5.12
N SER C 82 -41.41 29.83 6.11
CA SER C 82 -42.15 30.63 7.08
C SER C 82 -41.22 31.35 8.07
N SER C 83 -40.07 30.77 8.41
CA SER C 83 -39.14 31.45 9.32
C SER C 83 -37.71 31.08 8.89
N LEU C 84 -37.11 31.95 8.07
CA LEU C 84 -35.86 31.62 7.40
C LEU C 84 -34.75 31.28 8.40
N GLN C 85 -34.04 30.19 8.13
CA GLN C 85 -32.81 29.85 8.82
C GLN C 85 -31.66 29.93 7.83
N ALA C 86 -30.45 30.16 8.37
CA ALA C 86 -29.29 30.35 7.52
C ALA C 86 -29.09 29.19 6.55
N GLU C 87 -29.49 27.98 6.94
CA GLU C 87 -29.33 26.82 6.06
C GLU C 87 -30.26 26.89 4.85
N ASP C 88 -31.29 27.73 4.87
CA ASP C 88 -32.23 27.82 3.75
C ASP C 88 -31.68 28.62 2.58
N VAL C 89 -30.50 29.22 2.74
CA VAL C 89 -29.91 30.04 1.67
C VAL C 89 -29.58 29.13 0.50
N ALA C 90 -30.20 29.38 -0.64
CA ALA C 90 -30.07 28.50 -1.78
C ALA C 90 -30.80 29.12 -2.97
N VAL C 91 -30.71 28.44 -4.11
CA VAL C 91 -31.48 28.78 -5.29
C VAL C 91 -32.62 27.78 -5.38
N TYR C 92 -33.83 28.27 -5.65
CA TYR C 92 -35.01 27.45 -5.75
C TYR C 92 -35.54 27.48 -7.17
N TYR C 93 -35.94 26.31 -7.67
CA TYR C 93 -36.46 26.18 -9.02
C TYR C 93 -37.82 25.50 -8.98
N CYS C 94 -38.76 25.98 -9.81
CA CYS C 94 -39.97 25.24 -10.08
C CYS C 94 -39.80 24.47 -11.39
N GLN C 95 -40.67 23.48 -11.59
CA GLN C 95 -40.62 22.64 -12.77
C GLN C 95 -42.01 22.10 -13.01
N GLN C 96 -42.46 22.15 -14.26
CA GLN C 96 -43.69 21.51 -14.68
C GLN C 96 -43.36 20.18 -15.35
N TYR C 97 -44.16 19.16 -15.06
CA TYR C 97 -44.07 17.87 -15.73
C TYR C 97 -45.42 17.50 -16.34
N TYR C 98 -46.12 18.54 -16.84
CA TYR C 98 -47.44 18.40 -17.46
C TYR C 98 -47.33 18.05 -18.94
N SER C 99 -46.36 18.62 -19.63
CA SER C 99 -46.13 18.30 -21.04
C SER C 99 -44.63 18.20 -21.29
N THR C 100 -44.28 17.39 -22.30
CA THR C 100 -42.90 17.37 -22.78
C THR C 100 -42.67 18.52 -23.76
N PRO C 101 -41.50 19.17 -23.73
CA PRO C 101 -40.38 18.87 -22.82
C PRO C 101 -40.60 19.37 -21.39
N LEU C 102 -39.98 18.70 -20.43
CA LEU C 102 -39.93 19.23 -19.07
C LEU C 102 -39.21 20.57 -19.10
N THR C 103 -39.75 21.55 -18.37
CA THR C 103 -39.19 22.89 -18.36
C THR C 103 -39.04 23.36 -16.91
N PHE C 104 -37.97 24.11 -16.67
CA PHE C 104 -37.68 24.66 -15.36
C PHE C 104 -37.88 26.17 -15.35
N GLY C 105 -38.10 26.70 -14.15
CA GLY C 105 -38.05 28.14 -13.97
C GLY C 105 -36.63 28.65 -13.96
N GLY C 106 -36.50 29.97 -13.96
CA GLY C 106 -35.20 30.60 -13.96
C GLY C 106 -34.47 30.55 -12.64
N GLY C 107 -35.16 30.21 -11.57
CA GLY C 107 -34.54 30.14 -10.26
C GLY C 107 -34.74 31.41 -9.46
N THR C 108 -34.82 31.24 -8.14
CA THR C 108 -34.87 32.36 -7.20
C THR C 108 -33.79 32.13 -6.16
N LYS C 109 -32.77 32.99 -6.16
CA LYS C 109 -31.73 32.93 -5.15
C LYS C 109 -32.24 33.57 -3.87
N VAL C 110 -32.30 32.79 -2.79
CA VAL C 110 -32.72 33.29 -1.49
C VAL C 110 -31.45 33.59 -0.69
N GLU C 111 -31.31 34.83 -0.25
CA GLU C 111 -30.11 35.29 0.42
C GLU C 111 -30.50 35.94 1.73
N ILE C 112 -29.50 36.14 2.58
CA ILE C 112 -29.70 36.76 3.88
C ILE C 112 -29.79 38.26 3.70
N LYS C 113 -30.80 38.88 4.31
CA LYS C 113 -30.89 40.33 4.33
C LYS C 113 -30.20 40.85 5.59
N ARG C 114 -29.48 41.96 5.44
CA ARG C 114 -28.82 42.63 6.55
C ARG C 114 -28.86 44.13 6.28
N THR C 115 -28.30 44.90 7.22
CA THR C 115 -28.31 46.35 7.07
C THR C 115 -27.32 46.79 6.00
N VAL C 116 -27.53 48.03 5.52
CA VAL C 116 -26.66 48.60 4.50
C VAL C 116 -25.26 48.78 5.07
N ALA C 117 -24.26 48.46 4.26
CA ALA C 117 -22.86 48.63 4.62
C ALA C 117 -22.11 49.24 3.45
N ALA C 118 -21.44 50.36 3.69
CA ALA C 118 -20.68 51.00 2.63
C ALA C 118 -19.43 50.20 2.31
N PRO C 119 -18.99 50.22 1.05
CA PRO C 119 -17.76 49.53 0.69
C PRO C 119 -16.53 50.33 1.06
N SER C 120 -15.47 49.60 1.42
CA SER C 120 -14.14 50.20 1.48
C SER C 120 -13.50 50.06 0.10
N VAL C 121 -13.04 51.18 -0.44
CA VAL C 121 -12.53 51.24 -1.81
C VAL C 121 -11.01 51.29 -1.77
N PHE C 122 -10.38 50.49 -2.63
CA PHE C 122 -8.94 50.47 -2.79
C PHE C 122 -8.62 50.36 -4.27
N ILE C 123 -7.56 51.02 -4.71
CA ILE C 123 -7.15 50.97 -6.10
C ILE C 123 -5.69 50.52 -6.17
N PHE C 124 -5.39 49.68 -7.16
CA PHE C 124 -4.07 49.08 -7.29
C PHE C 124 -3.53 49.37 -8.69
N PRO C 125 -2.36 49.98 -8.82
CA PRO C 125 -1.78 50.18 -10.16
C PRO C 125 -1.13 48.91 -10.67
N PRO C 126 -0.90 48.81 -11.97
CA PRO C 126 -0.22 47.62 -12.49
C PRO C 126 1.16 47.49 -11.88
N SER C 127 1.64 46.26 -11.81
CA SER C 127 2.97 45.99 -11.31
C SER C 127 4.00 46.16 -12.42
N ASP C 128 5.24 46.49 -12.03
CA ASP C 128 6.32 46.59 -13.01
C ASP C 128 6.61 45.24 -13.65
N GLU C 129 6.38 44.14 -12.92
CA GLU C 129 6.56 42.81 -13.49
C GLU C 129 5.58 42.58 -14.65
N GLN C 130 4.34 43.07 -14.51
CA GLN C 130 3.36 42.90 -15.57
C GLN C 130 3.61 43.85 -16.73
N LEU C 131 4.00 45.09 -16.43
CA LEU C 131 4.24 46.06 -17.49
C LEU C 131 5.26 45.54 -18.49
N LYS C 132 6.37 44.98 -17.99
CA LYS C 132 7.36 44.42 -18.89
C LYS C 132 6.84 43.19 -19.64
N SER C 133 5.58 42.80 -19.43
CA SER C 133 4.93 41.77 -20.22
C SER C 133 4.13 42.34 -21.39
N GLY C 134 3.90 43.66 -21.40
CA GLY C 134 3.19 44.32 -22.48
C GLY C 134 1.79 44.76 -22.15
N THR C 135 1.23 44.32 -21.03
CA THR C 135 -0.13 44.68 -20.64
C THR C 135 -0.12 45.33 -19.27
N ALA C 136 -1.18 46.08 -18.99
CA ALA C 136 -1.35 46.77 -17.71
C ALA C 136 -2.77 46.52 -17.21
N SER C 137 -2.87 45.94 -16.02
CA SER C 137 -4.15 45.75 -15.34
C SER C 137 -4.21 46.67 -14.13
N VAL C 138 -5.26 47.48 -14.07
CA VAL C 138 -5.58 48.33 -12.92
C VAL C 138 -6.77 47.69 -12.21
N VAL C 139 -6.68 47.53 -10.90
CA VAL C 139 -7.69 46.80 -10.13
C VAL C 139 -8.30 47.74 -9.09
N CYS C 140 -9.63 47.71 -8.99
CA CYS C 140 -10.37 48.47 -8.00
C CYS C 140 -11.12 47.49 -7.12
N LEU C 141 -10.95 47.63 -5.81
CA LEU C 141 -11.53 46.70 -4.84
C LEU C 141 -12.61 47.41 -4.04
N LEU C 142 -13.81 46.86 -4.05
CA LEU C 142 -14.89 47.23 -3.14
C LEU C 142 -15.03 46.11 -2.13
N ASN C 143 -14.86 46.42 -0.85
CA ASN C 143 -14.76 45.39 0.17
C ASN C 143 -15.90 45.47 1.19
N ASN C 144 -16.49 44.32 1.46
CA ASN C 144 -17.42 44.10 2.57
C ASN C 144 -18.55 45.14 2.58
N PHE C 145 -19.36 45.06 1.53
CA PHE C 145 -20.48 45.98 1.40
C PHE C 145 -21.79 45.20 1.25
N TYR C 146 -22.90 45.93 1.40
CA TYR C 146 -24.23 45.36 1.28
C TYR C 146 -25.20 46.51 1.05
N PRO C 147 -26.15 46.38 0.10
CA PRO C 147 -26.43 45.23 -0.76
C PRO C 147 -25.47 45.12 -1.94
N ARG C 148 -25.75 44.20 -2.86
CA ARG C 148 -24.77 43.86 -3.89
C ARG C 148 -24.70 44.92 -5.00
N GLU C 149 -25.80 45.61 -5.28
CA GLU C 149 -25.78 46.61 -6.35
C GLU C 149 -24.72 47.67 -6.07
N ALA C 150 -23.91 47.95 -7.08
CA ALA C 150 -22.87 48.98 -6.98
C ALA C 150 -22.45 49.36 -8.39
N LYS C 151 -22.17 50.65 -8.59
CA LYS C 151 -21.69 51.15 -9.88
C LYS C 151 -20.23 51.51 -9.76
N VAL C 152 -19.39 50.90 -10.61
CA VAL C 152 -17.98 51.21 -10.70
C VAL C 152 -17.71 51.88 -12.05
N GLN C 153 -17.01 53.02 -12.01
CA GLN C 153 -16.69 53.77 -13.22
C GLN C 153 -15.20 54.07 -13.25
N TRP C 154 -14.56 53.73 -14.37
CA TRP C 154 -13.15 54.02 -14.59
C TRP C 154 -12.99 55.30 -15.40
N LYS C 155 -12.03 56.13 -14.99
CA LYS C 155 -11.67 57.35 -15.71
C LYS C 155 -10.16 57.32 -15.99
N VAL C 156 -9.79 57.70 -17.20
CA VAL C 156 -8.39 57.81 -17.61
C VAL C 156 -8.21 59.20 -18.22
N ASP C 157 -7.46 60.07 -17.53
CA ASP C 157 -7.34 61.48 -17.90
C ASP C 157 -8.72 62.10 -18.13
N ASN C 158 -9.59 61.96 -17.13
CA ASN C 158 -10.95 62.48 -17.11
C ASN C 158 -11.82 61.94 -18.25
N ALA C 159 -11.33 60.97 -19.01
CA ALA C 159 -12.13 60.33 -20.06
C ALA C 159 -12.74 59.05 -19.51
N LEU C 160 -14.07 58.97 -19.51
CA LEU C 160 -14.73 57.78 -19.00
C LEU C 160 -14.45 56.57 -19.87
N GLN C 161 -14.20 55.43 -19.23
CA GLN C 161 -13.86 54.20 -19.91
C GLN C 161 -15.09 53.31 -20.07
N SER C 162 -15.15 52.59 -21.20
CA SER C 162 -16.25 51.67 -21.44
C SER C 162 -15.76 50.54 -22.33
N GLY C 163 -16.06 49.31 -21.92
CA GLY C 163 -15.75 48.13 -22.70
C GLY C 163 -14.42 47.48 -22.39
N ASN C 164 -13.63 48.04 -21.48
CA ASN C 164 -12.29 47.52 -21.18
C ASN C 164 -12.13 47.16 -19.71
N SER C 165 -13.22 46.84 -19.03
CA SER C 165 -13.16 46.43 -17.63
C SER C 165 -14.07 45.22 -17.42
N GLN C 166 -13.67 44.38 -16.46
CA GLN C 166 -14.46 43.20 -16.07
C GLN C 166 -14.63 43.21 -14.55
N GLU C 167 -15.80 42.77 -14.11
CA GLU C 167 -16.15 42.74 -12.69
C GLU C 167 -16.36 41.31 -12.23
N SER C 168 -15.98 41.05 -10.97
CA SER C 168 -16.19 39.77 -10.33
C SER C 168 -16.61 40.02 -8.89
N VAL C 169 -17.63 39.31 -8.43
CA VAL C 169 -18.20 39.54 -7.11
C VAL C 169 -18.27 38.22 -6.35
N THR C 170 -17.93 38.28 -5.06
CA THR C 170 -18.00 37.09 -4.22
C THR C 170 -19.45 36.75 -3.90
N GLU C 171 -19.67 35.53 -3.41
CA GLU C 171 -20.92 35.18 -2.78
C GLU C 171 -21.05 35.88 -1.43
N GLN C 172 -22.22 35.75 -0.81
CA GLN C 172 -22.42 36.35 0.49
C GLN C 172 -21.49 35.71 1.52
N ASP C 173 -20.71 36.56 2.20
CA ASP C 173 -19.78 36.05 3.19
C ASP C 173 -20.52 35.29 4.28
N SER C 174 -19.99 34.11 4.63
CA SER C 174 -20.69 33.22 5.54
C SER C 174 -20.80 33.78 6.95
N LYS C 175 -19.94 34.75 7.32
CA LYS C 175 -19.95 35.30 8.66
C LYS C 175 -20.82 36.55 8.76
N ASP C 176 -20.49 37.58 7.98
CA ASP C 176 -21.16 38.88 8.10
C ASP C 176 -22.12 39.18 6.95
N SER C 177 -22.26 38.27 5.97
CA SER C 177 -23.26 38.39 4.91
C SER C 177 -23.03 39.59 3.99
N THR C 178 -21.80 40.06 3.87
CA THR C 178 -21.48 41.13 2.92
C THR C 178 -20.94 40.53 1.63
N TYR C 179 -20.74 41.41 0.64
CA TYR C 179 -20.11 41.05 -0.61
C TYR C 179 -18.81 41.84 -0.77
N SER C 180 -17.94 41.36 -1.64
CA SER C 180 -16.79 42.11 -2.12
C SER C 180 -16.78 42.04 -3.64
N LEU C 181 -16.25 43.09 -4.27
CA LEU C 181 -16.26 43.19 -5.72
C LEU C 181 -14.92 43.70 -6.22
N SER C 182 -14.47 43.12 -7.32
CA SER C 182 -13.27 43.57 -8.02
C SER C 182 -13.64 44.02 -9.42
N SER C 183 -13.09 45.17 -9.82
CA SER C 183 -13.22 45.70 -11.17
C SER C 183 -11.83 45.84 -11.74
N THR C 184 -11.57 45.18 -12.87
CA THR C 184 -10.23 45.12 -13.46
C THR C 184 -10.25 45.83 -14.80
N LEU C 185 -9.48 46.91 -14.90
CA LEU C 185 -9.31 47.64 -16.15
C LEU C 185 -8.06 47.12 -16.84
N THR C 186 -8.20 46.66 -18.08
CA THR C 186 -7.09 46.11 -18.84
C THR C 186 -6.73 47.08 -19.96
N LEU C 187 -5.45 47.44 -20.02
CA LEU C 187 -4.92 48.35 -21.03
C LEU C 187 -3.63 47.78 -21.60
N SER C 188 -3.36 48.12 -22.86
CA SER C 188 -2.03 47.89 -23.40
C SER C 188 -1.02 48.76 -22.65
N LYS C 189 0.24 48.30 -22.61
CA LYS C 189 1.26 49.10 -21.95
C LYS C 189 1.41 50.47 -22.61
N ALA C 190 1.26 50.52 -23.93
CA ALA C 190 1.38 51.80 -24.63
C ALA C 190 0.32 52.79 -24.16
N ASP C 191 -0.95 52.36 -24.13
CA ASP C 191 -2.00 53.23 -23.64
C ASP C 191 -1.76 53.62 -22.19
N TYR C 192 -1.34 52.66 -21.36
CA TYR C 192 -1.11 52.96 -19.96
C TYR C 192 -0.04 54.03 -19.79
N GLU C 193 1.07 53.93 -20.54
CA GLU C 193 2.16 54.88 -20.41
C GLU C 193 1.83 56.25 -21.00
N LYS C 194 0.88 56.32 -21.93
CA LYS C 194 0.53 57.57 -22.58
C LYS C 194 -0.34 58.48 -21.72
N HIS C 195 -0.99 57.92 -20.69
CA HIS C 195 -1.90 58.67 -19.84
C HIS C 195 -1.34 58.72 -18.42
N LYS C 196 -1.83 59.67 -17.63
CA LYS C 196 -1.26 59.97 -16.33
C LYS C 196 -2.16 59.58 -15.17
N VAL C 197 -3.43 59.99 -15.18
CA VAL C 197 -4.31 59.84 -14.03
C VAL C 197 -5.30 58.71 -14.28
N TYR C 198 -5.30 57.74 -13.37
CA TYR C 198 -6.25 56.63 -13.40
C TYR C 198 -7.09 56.66 -12.13
N ALA C 199 -8.41 56.63 -12.29
CA ALA C 199 -9.32 56.83 -11.18
C ALA C 199 -10.47 55.84 -11.22
N CYS C 200 -10.86 55.36 -10.05
CA CYS C 200 -11.99 54.46 -9.85
C CYS C 200 -13.03 55.18 -9.01
N GLU C 201 -14.23 55.36 -9.57
CA GLU C 201 -15.31 56.04 -8.86
C GLU C 201 -16.42 55.04 -8.54
N VAL C 202 -16.84 55.02 -7.27
CA VAL C 202 -17.76 54.02 -6.76
C VAL C 202 -19.01 54.70 -6.25
N THR C 203 -20.17 54.26 -6.73
CA THR C 203 -21.47 54.71 -6.24
C THR C 203 -22.16 53.55 -5.56
N HIS C 204 -22.65 53.78 -4.34
CA HIS C 204 -23.28 52.74 -3.55
C HIS C 204 -24.21 53.40 -2.54
N GLN C 205 -25.38 52.79 -2.32
CA GLN C 205 -26.39 53.41 -1.46
C GLN C 205 -25.88 53.63 -0.04
N GLY C 206 -24.85 52.92 0.38
CA GLY C 206 -24.29 53.13 1.70
C GLY C 206 -23.40 54.36 1.83
N LEU C 207 -23.05 54.99 0.72
CA LEU C 207 -22.22 56.19 0.73
C LEU C 207 -23.09 57.42 0.54
N SER C 208 -22.79 58.48 1.30
CA SER C 208 -23.49 59.75 1.13
C SER C 208 -23.20 60.37 -0.22
N SER C 209 -22.02 60.12 -0.79
CA SER C 209 -21.64 60.60 -2.09
C SER C 209 -20.62 59.65 -2.68
N PRO C 210 -20.41 59.68 -4.00
CA PRO C 210 -19.48 58.73 -4.62
C PRO C 210 -18.08 58.85 -4.06
N VAL C 211 -17.42 57.71 -3.89
CA VAL C 211 -16.03 57.64 -3.42
C VAL C 211 -15.14 57.43 -4.64
N THR C 212 -14.08 58.22 -4.75
CA THR C 212 -13.13 58.10 -5.84
C THR C 212 -11.75 57.77 -5.26
N LYS C 213 -11.09 56.80 -5.88
CA LYS C 213 -9.72 56.45 -5.56
C LYS C 213 -8.88 56.53 -6.83
N SER C 214 -7.72 57.16 -6.73
CA SER C 214 -6.95 57.48 -7.93
C SER C 214 -5.46 57.42 -7.62
N PHE C 215 -4.68 57.31 -8.69
CA PHE C 215 -3.23 57.40 -8.59
C PHE C 215 -2.72 58.05 -9.87
N ASN C 216 -1.58 58.71 -9.77
CA ASN C 216 -0.86 59.21 -10.94
C ASN C 216 0.27 58.23 -11.26
N ARG C 217 0.30 57.75 -12.50
CA ARG C 217 1.41 56.92 -12.94
C ARG C 217 2.72 57.66 -12.71
N GLY C 218 3.48 57.25 -11.69
CA GLY C 218 4.71 57.92 -11.35
C GLY C 218 4.92 58.05 -9.85
N GLU C 219 3.82 58.05 -9.10
CA GLU C 219 3.90 58.16 -7.65
C GLU C 219 2.76 57.38 -7.00
N GLU D 1 -29.57 2.66 -0.40
CA GLU D 1 -29.40 4.09 -0.77
C GLU D 1 -29.08 4.25 -2.25
N VAL D 2 -29.89 5.06 -2.93
CA VAL D 2 -29.65 5.36 -4.34
C VAL D 2 -28.37 6.15 -4.49
N GLN D 3 -27.58 5.80 -5.51
CA GLN D 3 -26.36 6.52 -5.82
C GLN D 3 -26.24 6.69 -7.32
N LEU D 4 -26.06 7.93 -7.77
CA LEU D 4 -25.84 8.25 -9.18
C LEU D 4 -24.44 8.83 -9.28
N VAL D 5 -23.48 8.01 -9.70
CA VAL D 5 -22.07 8.38 -9.71
C VAL D 5 -21.69 8.83 -11.11
N GLN D 6 -21.31 10.09 -11.25
CA GLN D 6 -21.03 10.69 -12.55
C GLN D 6 -19.54 10.74 -12.84
N SER D 7 -19.23 10.82 -14.13
CA SER D 7 -17.84 10.89 -14.57
C SER D 7 -17.26 12.27 -14.28
N GLY D 8 -15.93 12.37 -14.40
CA GLY D 8 -15.22 13.55 -13.98
C GLY D 8 -15.30 14.70 -14.96
N ALA D 9 -14.93 15.89 -14.46
CA ALA D 9 -14.98 17.10 -15.27
C ALA D 9 -14.23 16.92 -16.57
N GLU D 10 -14.66 17.65 -17.60
CA GLU D 10 -14.14 17.50 -18.94
C GLU D 10 -13.80 18.86 -19.53
N VAL D 11 -12.61 18.96 -20.12
CA VAL D 11 -12.21 20.13 -20.91
C VAL D 11 -12.00 19.64 -22.33
N LYS D 12 -12.78 20.20 -23.27
CA LYS D 12 -12.77 19.74 -24.65
C LYS D 12 -12.79 20.94 -25.59
N LYS D 13 -12.35 20.71 -26.80
CA LYS D 13 -12.31 21.75 -27.82
C LYS D 13 -13.60 21.73 -28.64
N PRO D 14 -14.01 22.87 -29.20
CA PRO D 14 -15.19 22.87 -30.07
C PRO D 14 -15.00 21.89 -31.22
N GLY D 15 -16.09 21.19 -31.58
CA GLY D 15 -16.08 20.27 -32.68
C GLY D 15 -15.70 18.85 -32.32
N GLU D 16 -15.08 18.64 -31.16
CA GLU D 16 -14.75 17.30 -30.72
C GLU D 16 -16.01 16.57 -30.25
N SER D 17 -15.90 15.25 -30.17
CA SER D 17 -16.95 14.41 -29.60
C SER D 17 -16.72 14.25 -28.11
N LEU D 18 -17.78 13.82 -27.42
CA LEU D 18 -17.70 13.67 -25.97
C LEU D 18 -18.77 12.72 -25.48
N ARG D 19 -18.41 11.89 -24.50
CA ARG D 19 -19.35 11.02 -23.82
C ARG D 19 -19.11 11.14 -22.32
N ILE D 20 -20.13 11.57 -21.59
CA ILE D 20 -20.12 11.55 -20.14
C ILE D 20 -21.05 10.43 -19.68
N SER D 21 -20.90 10.03 -18.41
CA SER D 21 -21.54 8.82 -17.94
C SER D 21 -22.01 8.96 -16.49
N CYS D 22 -23.08 8.23 -16.18
CA CYS D 22 -23.68 8.22 -14.84
C CYS D 22 -24.10 6.80 -14.51
N LYS D 23 -23.46 6.22 -13.48
CA LYS D 23 -23.73 4.86 -13.04
C LYS D 23 -24.71 4.90 -11.87
N GLY D 24 -25.81 4.15 -12.00
CA GLY D 24 -26.85 4.12 -10.99
C GLY D 24 -26.81 2.82 -10.19
N SER D 25 -26.81 2.97 -8.86
CA SER D 25 -26.85 1.82 -7.95
C SER D 25 -27.85 2.09 -6.83
N GLY D 26 -28.23 1.03 -6.14
CA GLY D 26 -29.19 1.12 -5.05
C GLY D 26 -30.64 1.02 -5.45
N TYR D 27 -30.92 0.64 -6.70
CA TYR D 27 -32.29 0.52 -7.19
C TYR D 27 -32.24 -0.30 -8.48
N ASN D 28 -33.42 -0.71 -8.95
CA ASN D 28 -33.53 -1.52 -10.17
C ASN D 28 -33.26 -0.62 -11.37
N PHE D 29 -32.02 -0.65 -11.87
CA PHE D 29 -31.59 0.31 -12.88
C PHE D 29 -32.41 0.18 -14.17
N THR D 30 -32.70 -1.05 -14.60
CA THR D 30 -33.39 -1.22 -15.87
C THR D 30 -34.83 -0.75 -15.83
N ASN D 31 -35.46 -0.70 -14.66
CA ASN D 31 -36.89 -0.40 -14.59
C ASN D 31 -37.17 0.92 -13.89
N TYR D 32 -36.45 1.96 -14.29
CA TYR D 32 -36.67 3.32 -13.80
C TYR D 32 -36.00 4.26 -14.79
N TRP D 33 -36.59 5.45 -14.95
CA TRP D 33 -36.08 6.42 -15.92
C TRP D 33 -34.84 7.13 -15.38
N ILE D 34 -33.84 7.30 -16.25
CA ILE D 34 -32.63 8.02 -15.92
C ILE D 34 -32.29 8.95 -17.08
N GLY D 35 -31.77 10.12 -16.78
CA GLY D 35 -31.50 11.10 -17.81
C GLY D 35 -30.63 12.22 -17.34
N TRP D 36 -30.71 13.35 -18.03
CA TRP D 36 -29.77 14.44 -17.83
C TRP D 36 -30.47 15.78 -17.82
N VAL D 37 -29.99 16.67 -16.95
CA VAL D 37 -30.43 18.05 -16.90
C VAL D 37 -29.20 18.94 -16.96
N ARG D 38 -29.30 20.02 -17.73
CA ARG D 38 -28.17 20.91 -18.00
C ARG D 38 -28.40 22.25 -17.30
N GLN D 39 -27.34 22.77 -16.68
CA GLN D 39 -27.41 24.05 -15.98
C GLN D 39 -26.31 24.96 -16.48
N VAL D 40 -26.70 26.12 -17.00
CA VAL D 40 -25.76 27.12 -17.52
C VAL D 40 -26.00 28.43 -16.77
N PRO D 41 -24.95 29.17 -16.40
CA PRO D 41 -25.16 30.48 -15.76
C PRO D 41 -25.88 31.44 -16.70
N GLY D 42 -26.89 32.12 -16.17
CA GLY D 42 -27.67 33.06 -16.94
C GLY D 42 -28.88 32.47 -17.64
N LYS D 43 -29.05 31.16 -17.63
CA LYS D 43 -30.20 30.49 -18.20
C LYS D 43 -30.82 29.58 -17.16
N GLY D 44 -32.12 29.31 -17.34
CA GLY D 44 -32.80 28.33 -16.51
C GLY D 44 -32.30 26.94 -16.83
N PRO D 45 -32.35 26.04 -15.84
CA PRO D 45 -31.98 24.64 -16.12
C PRO D 45 -32.76 24.12 -17.31
N GLU D 46 -32.10 23.31 -18.13
CA GLU D 46 -32.70 22.76 -19.34
C GLU D 46 -32.71 21.24 -19.25
N TRP D 47 -33.90 20.65 -19.29
CA TRP D 47 -34.03 19.21 -19.35
C TRP D 47 -33.51 18.70 -20.68
N MET D 48 -32.62 17.73 -20.64
CA MET D 48 -32.03 17.19 -21.86
C MET D 48 -32.74 15.95 -22.36
N GLY D 49 -33.11 15.04 -21.47
CA GLY D 49 -33.81 13.84 -21.90
C GLY D 49 -33.82 12.80 -20.82
N LEU D 50 -34.63 11.76 -21.07
CA LEU D 50 -34.69 10.58 -20.22
C LEU D 50 -34.60 9.35 -21.09
N ILE D 51 -34.18 8.24 -20.50
CA ILE D 51 -34.15 6.95 -21.17
C ILE D 51 -34.59 5.89 -20.19
N TYR D 52 -35.34 4.90 -20.68
CA TYR D 52 -35.77 3.76 -19.90
C TYR D 52 -34.87 2.59 -20.29
N PRO D 53 -33.88 2.22 -19.46
CA PRO D 53 -32.83 1.31 -19.96
C PRO D 53 -33.34 -0.06 -20.38
N SER D 54 -34.42 -0.55 -19.76
CA SER D 54 -34.93 -1.85 -20.12
C SER D 54 -35.15 -1.97 -21.63
N ASP D 55 -35.82 -0.99 -22.23
CA ASP D 55 -36.14 -1.04 -23.66
C ASP D 55 -35.54 0.12 -24.44
N SER D 56 -34.55 0.81 -23.87
CA SER D 56 -33.87 1.92 -24.54
C SER D 56 -34.83 2.96 -25.09
N ASP D 57 -36.03 3.04 -24.52
CA ASP D 57 -36.99 4.09 -24.87
C ASP D 57 -36.43 5.44 -24.44
N THR D 58 -36.20 6.33 -25.41
CA THR D 58 -35.53 7.60 -25.17
C THR D 58 -36.47 8.76 -25.48
N ARG D 59 -36.53 9.73 -24.56
CA ARG D 59 -37.36 10.92 -24.72
C ARG D 59 -36.43 12.13 -24.71
N TYR D 60 -36.50 12.93 -25.78
CA TYR D 60 -35.60 14.06 -25.97
C TYR D 60 -36.34 15.38 -25.85
N ASN D 61 -35.60 16.42 -25.48
CA ASN D 61 -36.09 17.78 -25.56
C ASN D 61 -35.97 18.24 -27.02
N PRO D 62 -37.06 18.64 -27.67
CA PRO D 62 -36.95 19.03 -29.09
C PRO D 62 -35.93 20.12 -29.36
N SER D 63 -35.70 21.01 -28.38
CA SER D 63 -34.66 22.07 -28.44
C SER D 63 -33.35 21.40 -28.86
N LEU D 64 -33.08 20.22 -28.29
CA LEU D 64 -31.91 19.35 -28.61
C LEU D 64 -32.35 18.39 -29.70
N GLN D 65 -32.45 18.90 -30.93
CA GLN D 65 -32.91 18.17 -32.16
C GLN D 65 -31.77 17.28 -32.68
N GLY D 66 -31.48 16.11 -32.07
CA GLY D 66 -30.40 15.18 -32.51
C GLY D 66 -28.97 15.66 -32.27
N HIS D 67 -28.75 16.73 -31.51
CA HIS D 67 -27.43 17.25 -31.18
C HIS D 67 -26.69 16.32 -30.23
N VAL D 68 -27.42 15.81 -29.24
CA VAL D 68 -26.89 14.90 -28.18
C VAL D 68 -27.68 13.60 -28.25
N THR D 69 -27.02 12.46 -27.98
CA THR D 69 -27.64 11.11 -28.02
C THR D 69 -27.55 10.49 -26.61
N ILE D 70 -28.69 10.16 -25.98
CA ILE D 70 -28.69 9.51 -24.67
C ILE D 70 -28.76 8.01 -24.91
N SER D 71 -27.99 7.25 -24.13
CA SER D 71 -28.02 5.81 -24.22
C SER D 71 -27.82 5.23 -22.82
N ALA D 72 -27.94 3.91 -22.74
CA ALA D 72 -27.81 3.20 -21.47
C ALA D 72 -27.37 1.78 -21.78
N ASP D 73 -26.46 1.27 -20.95
CA ASP D 73 -26.01 -0.12 -21.02
C ASP D 73 -26.44 -0.78 -19.72
N LYS D 74 -27.39 -1.72 -19.81
CA LYS D 74 -27.96 -2.28 -18.59
C LYS D 74 -27.00 -3.24 -17.89
N SER D 75 -26.11 -3.89 -18.63
CA SER D 75 -25.10 -4.72 -17.96
C SER D 75 -24.11 -3.85 -17.19
N LEU D 76 -23.87 -2.63 -17.65
CA LEU D 76 -23.02 -1.68 -16.93
C LEU D 76 -23.80 -0.83 -15.93
N THR D 77 -25.12 -0.95 -15.90
CA THR D 77 -25.98 -0.07 -15.09
C THR D 77 -25.53 1.38 -15.21
N THR D 78 -25.36 1.82 -16.45
CA THR D 78 -24.77 3.13 -16.72
C THR D 78 -25.50 3.83 -17.86
N ALA D 79 -25.83 5.09 -17.66
CA ALA D 79 -26.39 5.93 -18.70
C ALA D 79 -25.30 6.85 -19.26
N TYR D 80 -25.43 7.19 -20.54
CA TYR D 80 -24.45 8.01 -21.23
C TYR D 80 -25.13 9.18 -21.91
N LEU D 81 -24.37 10.27 -22.07
CA LEU D 81 -24.79 11.44 -22.83
C LEU D 81 -23.67 11.77 -23.79
N ARG D 82 -23.95 11.68 -25.08
CA ARG D 82 -22.91 11.74 -26.11
C ARG D 82 -23.14 12.90 -27.05
N TRP D 83 -22.07 13.63 -27.34
CA TRP D 83 -22.05 14.65 -28.36
C TRP D 83 -21.19 14.16 -29.52
N SER D 84 -21.69 14.30 -30.75
CA SER D 84 -20.84 14.03 -31.90
C SER D 84 -19.98 15.23 -32.26
N SER D 85 -20.45 16.44 -31.95
CA SER D 85 -19.72 17.67 -32.28
C SER D 85 -20.10 18.72 -31.23
N LEU D 86 -19.16 19.06 -30.36
CA LEU D 86 -19.42 19.97 -29.25
C LEU D 86 -19.41 21.42 -29.70
N ARG D 87 -20.32 22.21 -29.16
CA ARG D 87 -20.40 23.65 -29.38
C ARG D 87 -20.18 24.40 -28.07
N ALA D 88 -19.98 25.70 -28.18
CA ALA D 88 -19.78 26.53 -26.99
C ALA D 88 -21.02 26.55 -26.11
N SER D 89 -22.21 26.46 -26.72
CA SER D 89 -23.45 26.40 -25.95
C SER D 89 -23.54 25.16 -25.08
N ASP D 90 -22.62 24.21 -25.23
CA ASP D 90 -22.62 22.99 -24.43
C ASP D 90 -21.79 23.09 -23.16
N SER D 91 -21.01 24.17 -23.01
CA SER D 91 -20.31 24.39 -21.74
C SER D 91 -21.34 24.54 -20.64
N ALA D 92 -21.37 23.61 -19.70
CA ALA D 92 -22.40 23.60 -18.67
C ALA D 92 -22.03 22.58 -17.61
N THR D 93 -22.86 22.48 -16.58
CA THR D 93 -22.80 21.40 -15.61
C THR D 93 -23.96 20.45 -15.88
N TYR D 94 -23.65 19.16 -16.00
CA TYR D 94 -24.64 18.16 -16.37
C TYR D 94 -24.93 17.27 -15.16
N TYR D 95 -26.18 17.26 -14.73
CA TYR D 95 -26.66 16.40 -13.66
C TYR D 95 -27.46 15.25 -14.25
N CYS D 96 -27.15 14.03 -13.85
CA CYS D 96 -28.04 12.92 -14.19
C CYS D 96 -29.10 12.80 -13.10
N VAL D 97 -30.28 12.37 -13.52
CA VAL D 97 -31.47 12.39 -12.69
C VAL D 97 -32.25 11.11 -12.94
N THR D 98 -33.03 10.71 -11.95
CA THR D 98 -33.96 9.60 -12.10
C THR D 98 -35.38 10.16 -12.08
N SER D 99 -36.33 9.34 -12.55
CA SER D 99 -37.71 9.78 -12.63
C SER D 99 -38.62 8.56 -12.65
N GLY D 100 -39.78 8.70 -12.00
CA GLY D 100 -40.86 7.77 -12.16
C GLY D 100 -41.68 8.12 -13.39
N ILE D 101 -42.93 7.65 -13.41
CA ILE D 101 -43.78 7.80 -14.57
C ILE D 101 -44.21 9.25 -14.80
N TYR D 102 -44.11 10.11 -13.79
CA TYR D 102 -44.67 11.45 -13.87
C TYR D 102 -43.68 12.52 -14.30
N GLY D 103 -42.39 12.35 -14.02
CA GLY D 103 -41.39 13.23 -14.55
C GLY D 103 -40.80 14.25 -13.60
N TYR D 104 -41.16 14.23 -12.32
CA TYR D 104 -40.39 14.99 -11.36
C TYR D 104 -39.15 14.19 -11.01
N LEU D 105 -38.05 14.89 -10.77
CA LEU D 105 -36.72 14.28 -10.68
C LEU D 105 -36.39 14.09 -9.20
N ASP D 106 -36.50 12.84 -8.73
CA ASP D 106 -36.42 12.56 -7.31
C ASP D 106 -35.01 12.31 -6.80
N TYR D 107 -34.06 11.97 -7.67
CA TYR D 107 -32.67 11.82 -7.27
C TYR D 107 -31.76 12.48 -8.30
N TRP D 108 -30.69 13.11 -7.80
CA TRP D 108 -29.77 13.88 -8.62
C TRP D 108 -28.33 13.50 -8.30
N GLY D 109 -27.49 13.42 -9.33
CA GLY D 109 -26.07 13.23 -9.15
C GLY D 109 -25.37 14.53 -8.77
N ARG D 110 -24.06 14.41 -8.52
CA ARG D 110 -23.26 15.55 -8.11
C ARG D 110 -22.87 16.47 -9.26
N GLY D 111 -23.17 16.09 -10.50
CA GLY D 111 -22.90 16.96 -11.63
C GLY D 111 -21.55 16.70 -12.26
N THR D 112 -21.47 16.98 -13.57
CA THR D 112 -20.24 16.85 -14.35
C THR D 112 -20.02 18.16 -15.09
N GLN D 113 -18.95 18.87 -14.76
CA GLN D 113 -18.63 20.13 -15.41
C GLN D 113 -18.00 19.88 -16.77
N VAL D 114 -18.53 20.53 -17.80
CA VAL D 114 -18.02 20.44 -19.16
C VAL D 114 -17.61 21.84 -19.59
N ILE D 115 -16.36 22.01 -19.99
CA ILE D 115 -15.85 23.28 -20.50
C ILE D 115 -15.48 23.05 -21.96
N VAL D 116 -16.14 23.75 -22.86
CA VAL D 116 -15.85 23.70 -24.29
C VAL D 116 -15.19 25.02 -24.64
N SER D 117 -13.95 24.94 -25.14
CA SER D 117 -13.14 26.13 -25.39
C SER D 117 -11.99 25.73 -26.30
N SER D 118 -11.63 26.64 -27.19
CA SER D 118 -10.49 26.44 -28.08
C SER D 118 -9.18 26.87 -27.45
N ALA D 119 -9.22 27.45 -26.26
CA ALA D 119 -7.99 27.84 -25.57
C ALA D 119 -7.13 26.61 -25.28
N SER D 120 -5.87 26.86 -24.95
CA SER D 120 -4.94 25.81 -24.60
C SER D 120 -4.57 25.93 -23.12
N THR D 121 -4.04 24.83 -22.58
CA THR D 121 -3.65 24.79 -21.18
C THR D 121 -2.47 25.72 -20.93
N LYS D 122 -2.63 26.59 -19.94
CA LYS D 122 -1.60 27.58 -19.62
C LYS D 122 -1.64 27.87 -18.13
N GLY D 123 -0.45 27.99 -17.53
CA GLY D 123 -0.33 28.33 -16.14
C GLY D 123 -0.45 29.82 -15.92
N PRO D 124 -0.76 30.23 -14.69
CA PRO D 124 -1.03 31.64 -14.42
C PRO D 124 0.23 32.46 -14.22
N SER D 125 0.13 33.72 -14.60
CA SER D 125 1.08 34.75 -14.18
C SER D 125 0.53 35.40 -12.93
N VAL D 126 1.38 35.53 -11.90
CA VAL D 126 0.97 36.05 -10.61
C VAL D 126 1.62 37.41 -10.43
N PHE D 127 0.79 38.43 -10.23
CA PHE D 127 1.27 39.79 -10.07
C PHE D 127 0.87 40.34 -8.71
N PRO D 128 1.69 41.20 -8.12
CA PRO D 128 1.33 41.75 -6.82
C PRO D 128 0.32 42.88 -6.95
N LEU D 129 -0.61 42.91 -6.02
CA LEU D 129 -1.50 44.05 -5.79
C LEU D 129 -0.95 44.69 -4.51
N ALA D 130 0.01 45.60 -4.69
CA ALA D 130 0.79 46.17 -3.60
C ALA D 130 -0.02 47.23 -2.86
N PRO D 131 0.06 47.25 -1.53
CA PRO D 131 -0.63 48.30 -0.78
C PRO D 131 0.13 49.61 -0.78
N SER D 132 -0.61 50.70 -0.61
CA SER D 132 -0.05 52.03 -0.61
C SER D 132 1.11 52.17 0.37
N GLY D 139 -6.77 52.64 9.26
CA GLY D 139 -6.23 51.59 10.09
C GLY D 139 -6.15 50.25 9.39
N THR D 140 -6.82 50.13 8.24
CA THR D 140 -6.87 48.88 7.48
C THR D 140 -6.32 49.11 6.09
N ALA D 141 -5.39 48.26 5.68
CA ALA D 141 -4.83 48.28 4.33
C ALA D 141 -5.20 47.01 3.60
N ALA D 142 -5.30 47.11 2.28
CA ALA D 142 -5.62 45.99 1.42
C ALA D 142 -4.43 45.64 0.53
N LEU D 143 -4.21 44.34 0.32
CA LEU D 143 -3.21 43.84 -0.59
C LEU D 143 -3.76 42.57 -1.25
N GLY D 144 -3.09 42.09 -2.29
CA GLY D 144 -3.59 40.93 -2.98
C GLY D 144 -2.67 40.45 -4.08
N CYS D 145 -3.15 39.43 -4.81
CA CYS D 145 -2.42 38.80 -5.89
C CYS D 145 -3.35 38.69 -7.10
N LEU D 146 -2.96 39.29 -8.21
CA LEU D 146 -3.67 39.11 -9.47
C LEU D 146 -3.15 37.84 -10.14
N VAL D 147 -4.02 36.86 -10.29
CA VAL D 147 -3.70 35.60 -10.96
C VAL D 147 -4.31 35.69 -12.35
N LYS D 148 -3.49 35.92 -13.36
CA LYS D 148 -3.97 36.30 -14.69
C LYS D 148 -3.54 35.30 -15.75
N ASP D 149 -4.43 35.09 -16.72
CA ASP D 149 -4.13 34.39 -17.97
C ASP D 149 -3.73 32.94 -17.71
N TYR D 150 -4.70 32.17 -17.23
CA TYR D 150 -4.54 30.74 -17.06
C TYR D 150 -5.72 30.02 -17.66
N PHE D 151 -5.53 28.74 -17.96
CA PHE D 151 -6.59 27.92 -18.51
C PHE D 151 -6.18 26.48 -18.29
N PRO D 152 -7.10 25.58 -17.90
CA PRO D 152 -8.50 25.85 -17.52
C PRO D 152 -8.61 26.12 -16.03
N GLU D 153 -9.83 26.21 -15.51
CA GLU D 153 -10.03 26.25 -14.07
C GLU D 153 -9.77 24.87 -13.48
N PRO D 154 -9.50 24.80 -12.17
CA PRO D 154 -9.38 25.91 -11.24
C PRO D 154 -7.95 26.25 -10.86
N VAL D 155 -7.78 27.40 -10.21
CA VAL D 155 -6.59 27.67 -9.41
C VAL D 155 -7.02 27.69 -7.95
N THR D 156 -6.08 27.41 -7.05
CA THR D 156 -6.28 27.56 -5.63
C THR D 156 -5.31 28.61 -5.12
N VAL D 157 -5.78 29.43 -4.19
CA VAL D 157 -4.98 30.52 -3.62
C VAL D 157 -5.03 30.42 -2.10
N SER D 158 -3.88 30.60 -1.46
CA SER D 158 -3.81 30.70 -0.01
C SER D 158 -2.80 31.78 0.33
N TRP D 159 -2.75 32.15 1.61
CA TRP D 159 -1.84 33.18 2.09
C TRP D 159 -1.02 32.62 3.23
N ASN D 160 0.30 32.80 3.14
CA ASN D 160 1.22 32.33 4.18
C ASN D 160 0.99 30.85 4.47
N SER D 161 0.88 30.07 3.40
CA SER D 161 0.75 28.62 3.47
C SER D 161 -0.42 28.20 4.35
N GLY D 162 -1.47 29.01 4.39
CA GLY D 162 -2.68 28.69 5.12
C GLY D 162 -2.80 29.31 6.48
N ALA D 163 -1.73 29.91 7.01
CA ALA D 163 -1.78 30.51 8.33
C ALA D 163 -2.68 31.73 8.36
N LEU D 164 -2.85 32.40 7.22
CA LEU D 164 -3.63 33.64 7.14
C LEU D 164 -4.92 33.35 6.39
N THR D 165 -6.04 33.31 7.12
CA THR D 165 -7.36 33.12 6.55
C THR D 165 -8.31 34.27 6.83
N SER D 166 -8.12 34.99 7.93
CA SER D 166 -9.03 36.07 8.30
C SER D 166 -8.88 37.26 7.36
N GLY D 167 -9.99 37.72 6.80
CA GLY D 167 -9.99 38.86 5.91
C GLY D 167 -9.67 38.56 4.48
N VAL D 168 -9.64 37.29 4.10
CA VAL D 168 -9.26 36.89 2.75
C VAL D 168 -10.50 36.83 1.88
N HIS D 169 -10.41 37.41 0.68
CA HIS D 169 -11.44 37.28 -0.35
C HIS D 169 -10.73 36.83 -1.62
N THR D 170 -11.04 35.63 -2.08
CA THR D 170 -10.60 35.13 -3.37
C THR D 170 -11.80 35.18 -4.30
N PHE D 171 -11.72 35.99 -5.35
CA PHE D 171 -12.86 36.22 -6.21
C PHE D 171 -13.07 35.06 -7.17
N PRO D 172 -14.31 34.84 -7.61
CA PRO D 172 -14.55 33.83 -8.65
C PRO D 172 -13.78 34.17 -9.92
N ALA D 173 -13.27 33.13 -10.58
CA ALA D 173 -12.61 33.31 -11.86
C ALA D 173 -13.55 34.00 -12.84
N VAL D 174 -12.98 34.79 -13.74
CA VAL D 174 -13.72 35.45 -14.80
C VAL D 174 -12.99 35.19 -16.11
N LEU D 175 -13.74 34.72 -17.11
CA LEU D 175 -13.19 34.47 -18.43
C LEU D 175 -12.98 35.79 -19.16
N GLN D 176 -11.75 36.06 -19.56
CA GLN D 176 -11.43 37.25 -20.33
C GLN D 176 -11.78 37.03 -21.81
N SER D 177 -11.80 38.13 -22.56
CA SER D 177 -12.13 38.04 -23.98
C SER D 177 -11.17 37.11 -24.72
N SER D 178 -9.94 36.98 -24.24
CA SER D 178 -8.95 36.11 -24.86
C SER D 178 -9.26 34.63 -24.63
N GLY D 179 -10.24 34.31 -23.81
CA GLY D 179 -10.52 32.93 -23.45
C GLY D 179 -9.69 32.38 -22.31
N LEU D 180 -8.86 33.20 -21.69
CA LEU D 180 -8.09 32.79 -20.53
C LEU D 180 -8.72 33.36 -19.27
N TYR D 181 -8.67 32.59 -18.19
CA TYR D 181 -9.25 33.00 -16.93
C TYR D 181 -8.35 33.97 -16.19
N SER D 182 -8.97 34.80 -15.35
CA SER D 182 -8.24 35.75 -14.53
C SER D 182 -8.98 35.88 -13.20
N LEU D 183 -8.20 36.11 -12.14
CA LEU D 183 -8.73 36.04 -10.79
C LEU D 183 -7.82 36.84 -9.87
N SER D 184 -8.40 37.36 -8.80
CA SER D 184 -7.66 38.07 -7.77
C SER D 184 -8.00 37.52 -6.40
N SER D 185 -7.01 37.55 -5.50
CA SER D 185 -7.19 37.22 -4.10
C SER D 185 -6.69 38.41 -3.29
N VAL D 186 -7.50 38.89 -2.36
CA VAL D 186 -7.16 40.07 -1.57
C VAL D 186 -7.26 39.73 -0.10
N VAL D 187 -6.68 40.60 0.72
CA VAL D 187 -6.71 40.44 2.17
C VAL D 187 -6.53 41.82 2.79
N THR D 188 -7.41 42.15 3.73
CA THR D 188 -7.27 43.36 4.51
C THR D 188 -6.44 43.08 5.74
N VAL D 189 -5.51 43.99 6.04
CA VAL D 189 -4.58 43.83 7.15
C VAL D 189 -4.38 45.18 7.82
N PRO D 190 -3.95 45.17 9.08
CA PRO D 190 -3.65 46.44 9.76
C PRO D 190 -2.58 47.22 9.00
N SER D 191 -2.73 48.55 8.97
CA SER D 191 -1.76 49.39 8.29
C SER D 191 -0.41 49.38 8.99
N SER D 192 -0.40 49.14 10.31
CA SER D 192 0.85 49.23 11.06
C SER D 192 1.80 48.10 10.72
N SER D 193 1.28 46.92 10.36
CA SER D 193 2.10 45.73 10.18
C SER D 193 2.58 45.55 8.75
N LEU D 194 2.41 46.54 7.89
CA LEU D 194 2.80 46.38 6.49
C LEU D 194 4.32 46.32 6.33
N GLY D 195 5.07 46.99 7.21
CA GLY D 195 6.51 46.95 7.13
C GLY D 195 7.16 45.80 7.87
N THR D 196 6.42 45.14 8.75
CA THR D 196 6.97 44.09 9.60
C THR D 196 6.60 42.69 9.13
N GLN D 197 5.32 42.44 8.87
CA GLN D 197 4.85 41.09 8.61
C GLN D 197 4.92 40.73 7.13
N THR D 198 5.18 39.46 6.87
CA THR D 198 5.39 38.95 5.52
C THR D 198 4.07 38.39 4.97
N TYR D 199 3.74 38.76 3.74
CA TYR D 199 2.53 38.30 3.08
C TYR D 199 2.90 37.66 1.76
N ILE D 200 2.62 36.37 1.63
CA ILE D 200 2.92 35.59 0.43
C ILE D 200 1.66 34.84 0.03
N CYS D 201 1.25 35.00 -1.22
CA CYS D 201 0.14 34.23 -1.75
C CYS D 201 0.67 33.00 -2.46
N ASN D 202 0.08 31.85 -2.16
CA ASN D 202 0.48 30.58 -2.74
C ASN D 202 -0.54 30.17 -3.80
N VAL D 203 -0.11 30.13 -5.06
CA VAL D 203 -0.99 29.88 -6.19
C VAL D 203 -0.68 28.51 -6.76
N ASN D 204 -1.72 27.71 -6.96
CA ASN D 204 -1.58 26.34 -7.45
C ASN D 204 -2.54 26.13 -8.61
N HIS D 205 -2.00 25.68 -9.74
CA HIS D 205 -2.77 25.39 -10.96
C HIS D 205 -2.38 23.96 -11.36
N LYS D 206 -3.17 22.99 -10.91
CA LYS D 206 -2.83 21.60 -11.19
C LYS D 206 -2.80 21.26 -12.67
N PRO D 207 -3.73 21.76 -13.52
CA PRO D 207 -3.72 21.37 -14.93
C PRO D 207 -2.39 21.60 -15.64
N SER D 208 -1.56 22.51 -15.13
CA SER D 208 -0.25 22.77 -15.73
C SER D 208 0.91 22.50 -14.77
N ASN D 209 0.64 21.92 -13.61
CA ASN D 209 1.68 21.66 -12.61
C ASN D 209 2.44 22.93 -12.26
N THR D 210 1.69 24.01 -12.06
CA THR D 210 2.24 25.31 -11.70
C THR D 210 2.05 25.52 -10.21
N LYS D 211 3.12 25.95 -9.53
CA LYS D 211 3.05 26.35 -8.12
C LYS D 211 3.90 27.61 -7.97
N VAL D 212 3.25 28.73 -7.69
CA VAL D 212 3.90 30.02 -7.63
C VAL D 212 3.70 30.62 -6.25
N ASP D 213 4.80 31.01 -5.61
CA ASP D 213 4.76 31.77 -4.36
C ASP D 213 5.20 33.18 -4.68
N LYS D 214 4.31 34.15 -4.47
CA LYS D 214 4.58 35.55 -4.76
C LYS D 214 4.45 36.34 -3.46
N ARG D 215 5.54 36.95 -3.03
CA ARG D 215 5.50 37.84 -1.87
C ARG D 215 5.05 39.22 -2.30
N VAL D 216 4.14 39.81 -1.54
CA VAL D 216 3.61 41.14 -1.80
C VAL D 216 4.14 42.08 -0.74
N GLU D 217 4.56 43.27 -1.14
CA GLU D 217 5.14 44.23 -0.22
C GLU D 217 4.80 45.64 -0.69
N PRO D 218 4.86 46.63 0.20
CA PRO D 218 4.58 48.00 -0.22
C PRO D 218 5.57 48.46 -1.29
N LYS D 219 5.11 49.40 -2.12
CA LYS D 219 5.94 49.94 -3.19
C LYS D 219 5.65 51.42 -3.37
N ASP E 1 34.94 9.64 -13.18
CA ASP E 1 36.19 9.45 -12.38
C ASP E 1 35.86 8.60 -11.15
N ILE E 2 35.12 9.16 -10.20
CA ILE E 2 34.85 8.52 -8.91
C ILE E 2 33.52 7.79 -8.98
N VAL E 3 33.55 6.49 -8.72
CA VAL E 3 32.35 5.67 -8.71
C VAL E 3 31.80 5.63 -7.29
N MET E 4 30.50 5.85 -7.16
CA MET E 4 29.82 5.91 -5.86
C MET E 4 28.90 4.70 -5.74
N THR E 5 28.97 4.03 -4.59
CA THR E 5 28.29 2.75 -4.39
C THR E 5 27.51 2.79 -3.09
N GLN E 6 26.24 2.41 -3.15
CA GLN E 6 25.38 2.36 -1.98
C GLN E 6 24.94 0.92 -1.74
N SER E 7 24.66 0.61 -0.47
CA SER E 7 24.16 -0.70 -0.09
C SER E 7 23.38 -0.54 1.20
N PRO E 8 22.31 -1.33 1.41
CA PRO E 8 21.74 -2.26 0.42
C PRO E 8 20.95 -1.49 -0.63
N ASP E 9 20.48 -2.15 -1.69
CA ASP E 9 19.60 -1.48 -2.63
C ASP E 9 18.26 -1.17 -1.99
N SER E 10 17.83 -1.99 -1.03
CA SER E 10 16.55 -1.86 -0.36
C SER E 10 16.70 -2.27 1.09
N LEU E 11 16.20 -1.43 2.00
CA LEU E 11 16.26 -1.70 3.43
C LEU E 11 14.89 -1.53 4.04
N ALA E 12 14.38 -2.57 4.69
CA ALA E 12 13.11 -2.50 5.42
C ALA E 12 13.39 -2.42 6.91
N VAL E 13 12.86 -1.39 7.56
CA VAL E 13 13.02 -1.18 9.00
C VAL E 13 11.65 -0.92 9.61
N SER E 14 11.41 -1.50 10.79
CA SER E 14 10.16 -1.28 11.49
C SER E 14 10.01 0.17 11.93
N LEU E 15 8.76 0.61 12.08
CA LEU E 15 8.51 1.96 12.53
C LEU E 15 9.08 2.17 13.92
N GLY E 16 9.80 3.28 14.10
CA GLY E 16 10.41 3.60 15.37
C GLY E 16 11.77 2.99 15.59
N GLU E 17 12.27 2.20 14.64
CA GLU E 17 13.57 1.57 14.76
C GLU E 17 14.58 2.30 13.87
N ARG E 18 15.85 1.91 14.02
CA ARG E 18 16.96 2.62 13.40
C ARG E 18 17.25 2.07 12.02
N ALA E 19 17.41 2.96 11.04
CA ALA E 19 17.76 2.57 9.67
C ALA E 19 19.14 3.12 9.34
N THR E 20 20.03 2.25 8.93
CA THR E 20 21.39 2.61 8.58
C THR E 20 21.69 2.13 7.16
N ILE E 21 22.12 3.04 6.29
CA ILE E 21 22.50 2.70 4.93
C ILE E 21 23.90 3.22 4.68
N ASN E 22 24.56 2.60 3.70
CA ASN E 22 25.98 2.79 3.49
C ASN E 22 26.26 3.32 2.09
N CYS E 23 27.31 4.13 2.00
CA CYS E 23 27.78 4.71 0.75
C CYS E 23 29.29 4.61 0.74
N LYS E 24 29.85 4.11 -0.36
CA LYS E 24 31.29 4.04 -0.54
C LYS E 24 31.67 4.80 -1.80
N SER E 25 32.80 5.49 -1.74
CA SER E 25 33.43 6.08 -2.91
C SER E 25 34.65 5.26 -3.29
N SER E 26 34.89 5.11 -4.60
CA SER E 26 36.02 4.32 -5.06
C SER E 26 37.36 4.94 -4.68
N GLN E 27 37.36 6.20 -4.28
CA GLN E 27 38.56 6.85 -3.77
C GLN E 27 38.14 7.97 -2.83
N SER E 28 39.09 8.40 -2.00
CA SER E 28 38.79 9.36 -0.95
C SER E 28 38.21 10.64 -1.53
N VAL E 29 37.14 11.13 -0.90
CA VAL E 29 36.57 12.43 -1.24
C VAL E 29 36.85 13.40 -0.09
N PHE E 30 37.94 13.15 0.64
CA PHE E 30 38.31 13.95 1.80
C PHE E 30 39.43 14.91 1.41
N HIS E 31 39.33 16.15 1.89
CA HIS E 31 40.36 17.15 1.72
C HIS E 31 40.90 17.56 3.08
N SER E 32 42.22 17.45 3.26
CA SER E 32 42.83 17.75 4.55
C SER E 32 42.94 19.25 4.80
N SER E 33 43.03 20.05 3.74
CA SER E 33 43.22 21.49 3.91
C SER E 33 42.10 22.09 4.75
N ASN E 34 40.85 21.78 4.42
CA ASN E 34 39.70 22.29 5.15
C ASN E 34 38.99 21.20 5.97
N ASN E 35 39.58 20.01 6.07
CA ASN E 35 39.06 18.95 6.94
C ASN E 35 37.58 18.68 6.67
N LYS E 36 37.26 18.46 5.39
CA LYS E 36 35.88 18.24 4.97
C LYS E 36 35.81 17.13 3.95
N ASN E 37 34.77 16.30 4.07
CA ASN E 37 34.44 15.29 3.08
C ASN E 37 33.45 15.88 2.08
N TYR E 38 33.73 15.72 0.79
CA TYR E 38 32.92 16.31 -0.27
C TYR E 38 31.81 15.32 -0.66
N LEU E 39 30.85 15.17 0.24
CA LEU E 39 29.85 14.11 0.15
C LEU E 39 28.48 14.65 0.52
N ALA E 40 27.49 14.39 -0.33
CA ALA E 40 26.13 14.84 -0.10
C ALA E 40 25.17 13.65 -0.13
N TRP E 41 24.06 13.81 0.58
CA TRP E 41 22.95 12.87 0.55
C TRP E 41 21.68 13.57 0.09
N TYR E 42 20.86 12.87 -0.69
CA TYR E 42 19.58 13.37 -1.18
C TYR E 42 18.48 12.39 -0.83
N GLN E 43 17.27 12.93 -0.62
CA GLN E 43 16.09 12.14 -0.31
C GLN E 43 15.05 12.35 -1.41
N GLN E 44 14.49 11.27 -1.92
CA GLN E 44 13.44 11.33 -2.92
C GLN E 44 12.22 10.58 -2.40
N LYS E 45 11.23 11.33 -1.94
CA LYS E 45 9.98 10.75 -1.51
C LYS E 45 9.16 10.32 -2.72
N PRO E 46 8.21 9.41 -2.53
CA PRO E 46 7.42 8.91 -3.66
C PRO E 46 6.78 10.02 -4.47
N GLY E 47 7.04 10.01 -5.77
CA GLY E 47 6.45 10.98 -6.68
C GLY E 47 6.92 12.40 -6.49
N GLN E 48 8.18 12.59 -6.08
CA GLN E 48 8.73 13.93 -5.92
C GLN E 48 10.14 13.98 -6.50
N SER E 49 10.68 15.18 -6.58
CA SER E 49 12.06 15.35 -6.99
C SER E 49 13.00 15.07 -5.82
N PRO E 50 14.27 14.77 -6.10
CA PRO E 50 15.24 14.64 -5.00
C PRO E 50 15.36 15.96 -4.24
N LYS E 51 15.70 15.84 -2.97
CA LYS E 51 15.92 17.00 -2.11
C LYS E 51 17.20 16.80 -1.32
N LEU E 52 17.97 17.89 -1.19
CA LEU E 52 19.23 17.82 -0.47
C LEU E 52 18.97 17.61 1.01
N LEU E 53 19.52 16.52 1.55
CA LEU E 53 19.40 16.20 2.97
C LEU E 53 20.64 16.62 3.76
N ILE E 54 21.81 16.27 3.25
CA ILE E 54 23.08 16.44 3.96
C ILE E 54 24.16 16.79 2.94
N HIS E 55 25.07 17.67 3.34
CA HIS E 55 26.32 17.90 2.63
C HIS E 55 27.43 17.94 3.66
N TRP E 56 28.66 17.91 3.17
CA TRP E 56 29.85 17.70 4.03
C TRP E 56 29.74 16.42 4.86
N ALA E 57 28.95 15.46 4.37
CA ALA E 57 28.83 14.13 4.97
C ALA E 57 28.03 14.11 6.26
N SER E 58 27.92 15.24 6.98
CA SER E 58 27.23 15.25 8.26
C SER E 58 26.46 16.52 8.57
N ALA E 59 26.50 17.54 7.72
CA ALA E 59 25.80 18.79 7.98
C ALA E 59 24.40 18.72 7.36
N ARG E 60 23.38 18.74 8.23
CA ARG E 60 22.01 18.74 7.74
C ARG E 60 21.64 20.07 7.07
N GLU E 61 20.75 19.99 6.08
CA GLU E 61 20.13 21.17 5.52
C GLU E 61 18.99 21.63 6.43
N SER E 62 18.67 22.93 6.35
CA SER E 62 17.63 23.48 7.21
C SER E 62 16.30 22.78 6.95
N GLY E 63 15.57 22.50 8.04
CA GLY E 63 14.32 21.80 7.97
C GLY E 63 14.43 20.30 8.10
N VAL E 64 15.61 19.72 7.88
CA VAL E 64 15.77 18.26 7.98
C VAL E 64 15.63 17.84 9.44
N PRO E 65 14.83 16.83 9.75
CA PRO E 65 14.65 16.45 11.16
C PRO E 65 15.93 15.90 11.77
N GLU E 66 16.06 16.12 13.09
CA GLU E 66 17.28 15.74 13.79
C GLU E 66 17.50 14.23 13.80
N ARG E 67 16.45 13.43 13.63
CA ARG E 67 16.62 11.98 13.63
C ARG E 67 17.39 11.48 12.41
N ILE E 68 17.60 12.33 11.40
CA ILE E 68 18.38 11.97 10.21
C ILE E 68 19.77 12.57 10.37
N SER E 69 20.80 11.72 10.36
CA SER E 69 22.16 12.21 10.47
C SER E 69 23.08 11.40 9.58
N GLY E 70 24.14 12.04 9.11
CA GLY E 70 25.16 11.40 8.30
C GLY E 70 26.49 11.39 9.04
N SER E 71 27.33 10.41 8.71
CA SER E 71 28.65 10.31 9.31
C SER E 71 29.55 9.52 8.36
N GLY E 72 30.79 9.35 8.77
CA GLY E 72 31.80 8.67 7.99
C GLY E 72 32.85 9.62 7.45
N SER E 73 33.90 9.04 6.88
CA SER E 73 34.99 9.84 6.36
C SER E 73 35.83 9.01 5.40
N GLY E 74 36.50 9.71 4.49
CA GLY E 74 37.38 9.07 3.54
C GLY E 74 36.63 8.45 2.38
N THR E 75 36.40 7.15 2.45
CA THR E 75 35.69 6.42 1.42
C THR E 75 34.42 5.73 1.93
N ASP E 76 34.10 5.87 3.22
CA ASP E 76 33.02 5.10 3.84
C ASP E 76 32.10 6.03 4.62
N PHE E 77 30.83 6.07 4.23
CA PHE E 77 29.87 7.00 4.80
C PHE E 77 28.57 6.26 5.09
N THR E 78 27.82 6.79 6.04
CA THR E 78 26.56 6.19 6.43
C THR E 78 25.51 7.28 6.65
N LEU E 79 24.27 6.94 6.34
CA LEU E 79 23.12 7.77 6.64
C LEU E 79 22.27 7.00 7.62
N THR E 80 21.91 7.64 8.73
CA THR E 80 21.16 6.99 9.78
C THR E 80 19.84 7.70 10.01
N ILE E 81 18.79 6.92 10.23
CA ILE E 81 17.49 7.41 10.67
C ILE E 81 17.22 6.74 11.99
N SER E 82 17.31 7.49 13.09
CA SER E 82 17.35 6.87 14.42
C SER E 82 16.02 6.22 14.79
N SER E 83 14.90 6.83 14.40
CA SER E 83 13.58 6.22 14.64
C SER E 83 12.73 6.48 13.40
N LEU E 84 12.55 5.44 12.59
CA LEU E 84 11.89 5.61 11.31
C LEU E 84 10.43 6.03 11.48
N GLN E 85 10.04 7.07 10.76
CA GLN E 85 8.64 7.47 10.68
C GLN E 85 8.16 7.25 9.25
N ALA E 86 6.84 7.05 9.12
CA ALA E 86 6.24 6.79 7.82
C ALA E 86 6.72 7.78 6.76
N GLU E 87 6.98 9.02 7.17
CA GLU E 87 7.39 10.07 6.24
C GLU E 87 8.83 9.91 5.77
N ASP E 88 9.58 8.96 6.32
CA ASP E 88 10.96 8.73 5.92
C ASP E 88 11.08 7.70 4.80
N VAL E 89 9.98 7.06 4.42
CA VAL E 89 9.99 6.10 3.32
C VAL E 89 10.36 6.84 2.04
N ALA E 90 11.49 6.49 1.46
CA ALA E 90 12.00 7.21 0.29
C ALA E 90 13.20 6.48 -0.26
N VAL E 91 13.76 7.03 -1.33
CA VAL E 91 15.02 6.59 -1.91
C VAL E 91 16.08 7.61 -1.53
N TYR E 92 17.23 7.13 -1.08
CA TYR E 92 18.31 7.99 -0.62
C TYR E 92 19.53 7.80 -1.51
N TYR E 93 20.04 8.91 -2.05
CA TYR E 93 21.19 8.89 -2.92
C TYR E 93 22.34 9.66 -2.29
N CYS E 94 23.54 9.09 -2.35
CA CYS E 94 24.73 9.88 -2.03
C CYS E 94 25.33 10.45 -3.32
N GLN E 95 26.16 11.48 -3.15
CA GLN E 95 26.81 12.15 -4.27
C GLN E 95 28.14 12.69 -3.79
N GLN E 96 29.16 12.57 -4.63
CA GLN E 96 30.45 13.18 -4.36
C GLN E 96 30.62 14.42 -5.20
N TYR E 97 31.21 15.46 -4.62
CA TYR E 97 31.58 16.66 -5.36
C TYR E 97 33.04 16.99 -5.10
N TYR E 98 33.86 15.93 -5.03
CA TYR E 98 35.31 16.09 -4.90
C TYR E 98 35.96 16.33 -6.25
N SER E 99 35.49 15.66 -7.30
CA SER E 99 36.08 15.81 -8.62
C SER E 99 34.97 15.81 -9.65
N THR E 100 35.26 16.44 -10.78
CA THR E 100 34.31 16.34 -11.88
C THR E 100 34.60 15.08 -12.69
N PRO E 101 33.58 14.39 -13.22
CA PRO E 101 32.16 14.73 -13.08
C PRO E 101 31.58 14.39 -11.72
N LEU E 102 30.64 15.22 -11.27
CA LEU E 102 29.76 14.84 -10.17
C LEU E 102 29.15 13.48 -10.45
N THR E 103 29.16 12.61 -9.44
CA THR E 103 28.59 11.28 -9.57
C THR E 103 27.73 10.93 -8.36
N PHE E 104 26.76 10.06 -8.61
CA PHE E 104 25.81 9.63 -7.60
C PHE E 104 25.91 8.11 -7.40
N GLY E 105 25.49 7.65 -6.22
CA GLY E 105 25.30 6.24 -6.01
C GLY E 105 24.01 5.75 -6.64
N GLY E 106 23.83 4.42 -6.63
CA GLY E 106 22.65 3.81 -7.18
C GLY E 106 21.39 3.95 -6.35
N GLY E 107 21.51 4.50 -5.15
CA GLY E 107 20.36 4.74 -4.31
C GLY E 107 20.04 3.58 -3.39
N THR E 108 19.34 3.90 -2.29
CA THR E 108 18.86 2.90 -1.36
C THR E 108 17.41 3.22 -1.04
N LYS E 109 16.52 2.28 -1.32
CA LYS E 109 15.12 2.44 -0.99
C LYS E 109 14.90 2.03 0.46
N VAL E 110 14.40 2.94 1.27
CA VAL E 110 14.03 2.65 2.65
C VAL E 110 12.53 2.44 2.69
N GLU E 111 12.11 1.29 3.19
CA GLU E 111 10.69 0.92 3.27
C GLU E 111 10.35 0.44 4.67
N ILE E 112 9.06 0.31 4.92
CA ILE E 112 8.56 -0.11 6.22
C ILE E 112 8.60 -1.63 6.30
N LYS E 113 9.15 -2.15 7.40
CA LYS E 113 9.15 -3.58 7.66
C LYS E 113 7.96 -3.94 8.52
N ARG E 114 7.15 -4.89 8.05
CA ARG E 114 5.99 -5.38 8.77
C ARG E 114 6.09 -6.90 8.88
N THR E 115 5.09 -7.50 9.51
CA THR E 115 5.06 -8.94 9.65
C THR E 115 4.80 -9.59 8.30
N VAL E 116 5.16 -10.87 8.20
CA VAL E 116 4.98 -11.58 6.94
C VAL E 116 3.49 -11.71 6.65
N ALA E 117 3.14 -11.57 5.37
CA ALA E 117 1.77 -11.77 4.91
C ALA E 117 1.84 -12.61 3.64
N ALA E 118 1.16 -13.76 3.64
CA ALA E 118 1.13 -14.60 2.47
C ALA E 118 0.27 -13.97 1.38
N PRO E 119 0.65 -14.15 0.11
CA PRO E 119 -0.17 -13.61 -0.97
C PRO E 119 -1.43 -14.42 -1.19
N SER E 120 -2.48 -13.72 -1.61
CA SER E 120 -3.65 -14.36 -2.20
C SER E 120 -3.39 -14.49 -3.70
N VAL E 121 -3.49 -15.71 -4.22
CA VAL E 121 -3.16 -15.99 -5.61
C VAL E 121 -4.45 -16.19 -6.40
N PHE E 122 -4.53 -15.53 -7.56
CA PHE E 122 -5.66 -15.64 -8.45
C PHE E 122 -5.12 -15.77 -9.88
N ILE E 123 -5.73 -16.65 -10.67
CA ILE E 123 -5.32 -16.82 -12.06
C ILE E 123 -6.47 -16.38 -12.95
N PHE E 124 -6.14 -15.70 -14.05
CA PHE E 124 -7.14 -15.10 -14.93
C PHE E 124 -6.89 -15.59 -16.35
N PRO E 125 -7.86 -16.23 -16.99
CA PRO E 125 -7.65 -16.69 -18.37
C PRO E 125 -7.84 -15.55 -19.37
N PRO E 126 -7.32 -15.70 -20.57
CA PRO E 126 -7.58 -14.68 -21.61
C PRO E 126 -9.06 -14.63 -21.94
N SER E 127 -9.57 -13.41 -22.12
CA SER E 127 -10.95 -13.23 -22.50
C SER E 127 -11.15 -13.62 -23.96
N ASP E 128 -12.35 -14.11 -24.27
CA ASP E 128 -12.69 -14.38 -25.67
C ASP E 128 -12.59 -13.12 -26.50
N GLU E 129 -12.83 -11.96 -25.89
CA GLU E 129 -12.65 -10.69 -26.59
C GLU E 129 -11.23 -10.56 -27.13
N GLN E 130 -10.23 -10.88 -26.30
CA GLN E 130 -8.84 -10.78 -26.74
C GLN E 130 -8.52 -11.87 -27.77
N LEU E 131 -9.00 -13.09 -27.54
CA LEU E 131 -8.75 -14.18 -28.48
C LEU E 131 -9.23 -13.85 -29.89
N LYS E 132 -10.12 -12.88 -30.04
CA LYS E 132 -10.49 -12.40 -31.36
C LYS E 132 -9.36 -11.64 -32.05
N SER E 133 -8.29 -11.32 -31.32
CA SER E 133 -7.25 -10.42 -31.80
C SER E 133 -5.99 -11.11 -32.33
N GLY E 134 -5.65 -12.28 -31.81
CA GLY E 134 -4.48 -13.01 -32.27
C GLY E 134 -3.45 -13.31 -31.20
N THR E 135 -3.57 -12.75 -30.01
CA THR E 135 -2.66 -13.04 -28.91
C THR E 135 -3.49 -13.41 -27.67
N ALA E 136 -2.86 -14.15 -26.76
CA ALA E 136 -3.51 -14.61 -25.54
C ALA E 136 -2.68 -14.19 -24.34
N SER E 137 -3.29 -13.44 -23.43
CA SER E 137 -2.65 -13.00 -22.20
C SER E 137 -3.26 -13.74 -21.03
N VAL E 138 -2.43 -14.44 -20.26
CA VAL E 138 -2.82 -15.10 -19.03
C VAL E 138 -2.20 -14.32 -17.88
N VAL E 139 -2.99 -13.99 -16.86
CA VAL E 139 -2.54 -13.15 -15.77
C VAL E 139 -2.65 -13.91 -14.46
N CYS E 140 -1.60 -13.80 -13.65
CA CYS E 140 -1.56 -14.37 -12.30
C CYS E 140 -1.37 -13.23 -11.31
N LEU E 141 -2.24 -13.17 -10.31
CA LEU E 141 -2.24 -12.09 -9.33
C LEU E 141 -1.80 -12.61 -7.98
N LEU E 142 -0.79 -11.95 -7.39
CA LEU E 142 -0.39 -12.14 -6.00
C LEU E 142 -0.74 -10.86 -5.26
N ASN E 143 -1.72 -10.92 -4.36
CA ASN E 143 -2.26 -9.73 -3.73
C ASN E 143 -1.83 -9.64 -2.27
N ASN E 144 -1.49 -8.42 -1.85
CA ASN E 144 -1.27 -8.04 -0.46
C ASN E 144 -0.36 -9.03 0.28
N PHE E 145 0.91 -9.01 -0.09
CA PHE E 145 1.90 -9.90 0.54
C PHE E 145 3.10 -9.10 1.02
N TYR E 146 3.91 -9.72 1.87
CA TYR E 146 5.11 -9.10 2.40
C TYR E 146 6.04 -10.18 2.93
N PRO E 147 7.36 -10.10 2.70
CA PRO E 147 8.09 -9.07 1.94
C PRO E 147 7.88 -9.21 0.43
N ARG E 148 8.68 -8.46 -0.36
CA ARG E 148 8.46 -8.41 -1.81
C ARG E 148 8.95 -9.68 -2.50
N GLU E 149 9.94 -10.36 -1.94
CA GLU E 149 10.54 -11.53 -2.59
C GLU E 149 9.50 -12.61 -2.84
N ALA E 150 9.30 -12.96 -4.11
CA ALA E 150 8.34 -13.99 -4.48
C ALA E 150 8.78 -14.61 -5.80
N LYS E 151 8.47 -15.89 -5.96
CA LYS E 151 8.83 -16.66 -7.15
C LYS E 151 7.57 -17.09 -7.86
N VAL E 152 7.38 -16.60 -9.09
CA VAL E 152 6.23 -16.95 -9.91
C VAL E 152 6.73 -17.75 -11.10
N GLN E 153 6.12 -18.91 -11.34
CA GLN E 153 6.47 -19.75 -12.47
C GLN E 153 5.21 -20.19 -13.20
N TRP E 154 5.31 -20.22 -14.53
CA TRP E 154 4.21 -20.57 -15.42
C TRP E 154 4.42 -21.96 -15.99
N LYS E 155 3.34 -22.74 -16.04
CA LYS E 155 3.38 -24.09 -16.57
C LYS E 155 2.20 -24.29 -17.52
N VAL E 156 2.49 -24.78 -18.72
CA VAL E 156 1.50 -25.01 -19.76
C VAL E 156 1.57 -26.49 -20.13
N ASP E 157 0.51 -27.23 -19.84
CA ASP E 157 0.53 -28.69 -19.99
C ASP E 157 1.80 -29.27 -19.37
N ASN E 158 2.17 -28.73 -18.19
CA ASN E 158 3.32 -29.14 -17.39
C ASN E 158 4.66 -28.66 -17.93
N ALA E 159 4.68 -27.91 -19.03
CA ALA E 159 5.92 -27.40 -19.59
C ALA E 159 6.24 -26.04 -18.97
N LEU E 160 7.35 -25.97 -18.23
CA LEU E 160 7.77 -24.69 -17.66
C LEU E 160 8.03 -23.68 -18.77
N GLN E 161 7.54 -22.46 -18.56
CA GLN E 161 7.69 -21.39 -19.54
C GLN E 161 8.86 -20.49 -19.18
N SER E 162 9.49 -19.94 -20.20
CA SER E 162 10.69 -19.12 -20.00
C SER E 162 10.76 -18.10 -21.12
N GLY E 163 10.90 -16.83 -20.76
CA GLY E 163 11.09 -15.77 -21.72
C GLY E 163 9.83 -15.19 -22.32
N ASN E 164 8.65 -15.63 -21.87
CA ASN E 164 7.40 -15.13 -22.42
C ASN E 164 6.48 -14.60 -21.31
N SER E 165 7.03 -14.19 -20.18
CA SER E 165 6.25 -13.62 -19.09
C SER E 165 6.98 -12.39 -18.53
N GLN E 166 6.18 -11.42 -18.09
CA GLN E 166 6.69 -10.20 -17.48
C GLN E 166 5.97 -9.98 -16.15
N GLU E 167 6.71 -9.47 -15.18
CA GLU E 167 6.16 -9.19 -13.85
C GLU E 167 6.12 -7.70 -13.60
N SER E 168 5.16 -7.28 -12.77
CA SER E 168 5.02 -5.89 -12.37
C SER E 168 4.58 -5.87 -10.91
N VAL E 169 5.18 -4.97 -10.13
CA VAL E 169 4.94 -4.90 -8.69
C VAL E 169 4.52 -3.48 -8.32
N THR E 170 3.52 -3.38 -7.44
CA THR E 170 3.17 -2.10 -6.88
C THR E 170 4.22 -1.65 -5.88
N GLU E 171 4.27 -0.35 -5.63
CA GLU E 171 5.04 0.14 -4.50
C GLU E 171 4.32 -0.24 -3.20
N GLN E 172 5.04 -0.10 -2.09
CA GLN E 172 4.48 -0.48 -0.80
C GLN E 172 3.18 0.28 -0.56
N ASP E 173 2.13 -0.47 -0.23
CA ASP E 173 0.82 0.13 0.03
C ASP E 173 0.90 1.12 1.18
N SER E 174 0.35 2.32 0.97
CA SER E 174 0.47 3.38 1.96
C SER E 174 -0.30 3.06 3.24
N LYS E 175 -1.28 2.17 3.19
CA LYS E 175 -2.10 1.86 4.36
C LYS E 175 -1.54 0.67 5.14
N ASP E 176 -1.40 -0.49 4.48
CA ASP E 176 -1.05 -1.73 5.15
C ASP E 176 0.36 -2.21 4.84
N SER E 177 1.11 -1.48 4.02
CA SER E 177 2.52 -1.72 3.74
C SER E 177 2.79 -3.04 3.02
N THR E 178 1.79 -3.60 2.34
CA THR E 178 1.98 -4.81 1.56
C THR E 178 2.31 -4.49 0.12
N TYR E 179 2.73 -5.52 -0.62
CA TYR E 179 2.92 -5.46 -2.05
C TYR E 179 1.88 -6.30 -2.76
N SER E 180 1.69 -5.99 -4.04
CA SER E 180 0.93 -6.83 -4.96
C SER E 180 1.74 -7.00 -6.23
N LEU E 181 1.54 -8.11 -6.90
CA LEU E 181 2.34 -8.48 -8.06
C LEU E 181 1.44 -9.09 -9.12
N SER E 182 1.69 -8.71 -10.37
CA SER E 182 1.04 -9.33 -11.51
C SER E 182 2.10 -9.98 -12.40
N SER E 183 1.81 -11.19 -12.86
CA SER E 183 2.63 -11.89 -13.84
C SER E 183 1.76 -12.19 -15.05
N THR E 184 2.21 -11.76 -16.22
CA THR E 184 1.46 -11.89 -17.46
C THR E 184 2.23 -12.75 -18.43
N LEU E 185 1.66 -13.89 -18.80
CA LEU E 185 2.21 -14.78 -19.82
C LEU E 185 1.54 -14.46 -21.14
N THR E 186 2.33 -14.13 -22.16
CA THR E 186 1.81 -13.75 -23.47
C THR E 186 2.08 -14.89 -24.44
N LEU E 187 1.02 -15.38 -25.07
CA LEU E 187 1.13 -16.46 -26.03
C LEU E 187 0.43 -16.06 -27.32
N SER E 188 0.83 -16.69 -28.42
CA SER E 188 0.03 -16.60 -29.63
C SER E 188 -1.30 -17.33 -29.40
N LYS E 189 -2.31 -16.93 -30.15
CA LYS E 189 -3.58 -17.64 -30.08
C LYS E 189 -3.42 -19.09 -30.54
N ALA E 190 -2.56 -19.32 -31.53
CA ALA E 190 -2.31 -20.68 -31.99
C ALA E 190 -1.79 -21.54 -30.86
N ASP E 191 -0.73 -21.08 -30.18
CA ASP E 191 -0.16 -21.85 -29.08
C ASP E 191 -1.17 -22.01 -27.95
N TYR E 192 -1.93 -20.94 -27.64
CA TYR E 192 -2.92 -21.04 -26.57
C TYR E 192 -3.94 -22.13 -26.87
N GLU E 193 -4.42 -22.20 -28.12
CA GLU E 193 -5.45 -23.17 -28.49
C GLU E 193 -4.90 -24.59 -28.59
N LYS E 194 -3.59 -24.76 -28.74
CA LYS E 194 -3.01 -26.09 -28.84
C LYS E 194 -2.86 -26.79 -27.50
N HIS E 195 -2.94 -26.05 -26.39
CA HIS E 195 -2.74 -26.62 -25.06
C HIS E 195 -4.02 -26.46 -24.24
N LYS E 196 -4.05 -27.13 -23.10
CA LYS E 196 -5.26 -27.24 -22.30
C LYS E 196 -5.13 -26.62 -20.92
N VAL E 197 -4.13 -27.01 -20.15
CA VAL E 197 -4.04 -26.64 -18.74
C VAL E 197 -2.96 -25.58 -18.56
N TYR E 198 -3.35 -24.44 -18.00
CA TYR E 198 -2.46 -23.33 -17.71
C TYR E 198 -2.39 -23.15 -16.20
N ALA E 199 -1.17 -23.01 -15.68
CA ALA E 199 -0.97 -23.05 -14.23
C ALA E 199 0.07 -22.04 -13.78
N CYS E 200 -0.24 -21.36 -12.69
CA CYS E 200 0.65 -20.40 -12.04
C CYS E 200 1.06 -20.99 -10.70
N GLU E 201 2.37 -21.07 -10.45
CA GLU E 201 2.87 -21.59 -9.18
C GLU E 201 3.62 -20.50 -8.44
N VAL E 202 3.19 -20.24 -7.20
CA VAL E 202 3.73 -19.15 -6.40
C VAL E 202 4.43 -19.75 -5.18
N THR E 203 5.69 -19.35 -4.98
CA THR E 203 6.44 -19.68 -3.78
C THR E 203 6.67 -18.38 -3.01
N HIS E 204 6.40 -18.42 -1.69
CA HIS E 204 6.55 -17.23 -0.86
C HIS E 204 6.73 -17.68 0.58
N GLN E 205 7.57 -16.95 1.33
CA GLN E 205 7.95 -17.41 2.66
C GLN E 205 6.77 -17.46 3.61
N GLY E 206 5.77 -16.60 3.39
CA GLY E 206 4.56 -16.66 4.20
C GLY E 206 3.67 -17.85 3.94
N LEU E 207 4.01 -18.69 2.96
CA LEU E 207 3.24 -19.88 2.63
C LEU E 207 3.97 -21.12 3.14
N SER E 208 3.22 -22.04 3.74
CA SER E 208 3.81 -23.29 4.21
C SER E 208 4.32 -24.13 3.05
N SER E 209 3.68 -24.05 1.90
CA SER E 209 4.14 -24.74 0.70
C SER E 209 3.64 -23.96 -0.51
N PRO E 210 4.29 -24.12 -1.66
CA PRO E 210 3.89 -23.33 -2.84
C PRO E 210 2.42 -23.49 -3.16
N VAL E 211 1.86 -22.47 -3.81
CA VAL E 211 0.44 -22.42 -4.17
C VAL E 211 0.32 -22.44 -5.67
N THR E 212 -0.51 -23.36 -6.18
CA THR E 212 -0.76 -23.49 -7.61
C THR E 212 -2.21 -23.17 -7.91
N LYS E 213 -2.43 -22.24 -8.83
CA LYS E 213 -3.75 -21.99 -9.40
C LYS E 213 -3.71 -22.31 -10.88
N SER E 214 -4.74 -22.96 -11.39
CA SER E 214 -4.76 -23.39 -12.78
C SER E 214 -6.18 -23.39 -13.30
N PHE E 215 -6.30 -23.38 -14.63
CA PHE E 215 -7.58 -23.50 -15.30
C PHE E 215 -7.40 -24.32 -16.57
N ASN E 216 -8.49 -24.95 -17.00
CA ASN E 216 -8.53 -25.68 -18.26
C ASN E 216 -9.21 -24.81 -19.31
N ARG E 217 -8.49 -24.50 -20.38
CA ARG E 217 -9.05 -23.72 -21.47
C ARG E 217 -10.39 -24.30 -21.90
N GLY E 218 -11.44 -23.51 -21.74
CA GLY E 218 -12.78 -23.94 -22.08
C GLY E 218 -13.45 -23.05 -23.11
N GLU E 219 -14.76 -23.18 -23.27
CA GLU E 219 -15.51 -22.36 -24.22
C GLU E 219 -15.43 -20.88 -23.86
N GLU F 1 12.24 33.07 -2.05
CA GLU F 1 11.95 31.61 -2.23
C GLU F 1 12.34 31.14 -3.63
N VAL F 2 13.28 30.21 -3.70
CA VAL F 2 13.74 29.69 -4.99
C VAL F 2 12.61 28.89 -5.64
N GLN F 3 12.42 29.12 -6.94
CA GLN F 3 11.37 28.45 -7.71
C GLN F 3 11.92 28.08 -9.07
N LEU F 4 11.73 26.81 -9.46
CA LEU F 4 12.20 26.30 -10.75
C LEU F 4 11.05 25.66 -11.49
N VAL F 5 10.67 26.25 -12.62
CA VAL F 5 9.53 25.79 -13.42
C VAL F 5 10.07 25.15 -14.70
N GLN F 6 9.79 23.85 -14.87
CA GLN F 6 10.31 23.10 -16.00
C GLN F 6 9.22 22.86 -17.04
N SER F 7 9.66 22.68 -18.29
CA SER F 7 8.73 22.45 -19.40
C SER F 7 8.13 21.05 -19.32
N GLY F 8 6.95 20.91 -19.91
CA GLY F 8 6.19 19.69 -19.78
C GLY F 8 6.83 18.51 -20.49
N ALA F 9 6.20 17.35 -20.28
CA ALA F 9 6.72 16.09 -20.80
C ALA F 9 6.85 16.15 -22.33
N GLU F 10 7.67 15.22 -22.85
CA GLU F 10 7.98 15.19 -24.27
C GLU F 10 8.00 13.75 -24.76
N VAL F 11 7.44 13.53 -25.95
CA VAL F 11 7.49 12.24 -26.63
C VAL F 11 8.10 12.48 -28.00
N LYS F 12 9.27 11.89 -28.24
CA LYS F 12 10.03 12.13 -29.45
C LYS F 12 10.52 10.82 -30.04
N LYS F 13 10.93 10.88 -31.31
CA LYS F 13 11.46 9.73 -32.03
C LYS F 13 12.98 9.81 -32.10
N PRO F 14 13.66 8.68 -32.27
CA PRO F 14 15.11 8.72 -32.36
C PRO F 14 15.57 9.57 -33.54
N GLY F 15 16.71 10.24 -33.35
CA GLY F 15 17.26 11.09 -34.37
C GLY F 15 16.67 12.49 -34.43
N GLU F 16 15.61 12.77 -33.67
CA GLU F 16 15.05 14.11 -33.65
C GLU F 16 15.76 14.97 -32.60
N SER F 17 15.74 16.28 -32.84
CA SER F 17 16.30 17.23 -31.89
C SER F 17 15.29 17.51 -30.78
N LEU F 18 15.74 18.25 -29.77
CA LEU F 18 14.86 18.53 -28.64
C LEU F 18 15.51 19.56 -27.73
N ARG F 19 14.69 20.44 -27.16
CA ARG F 19 15.15 21.40 -26.18
C ARG F 19 14.13 21.45 -25.06
N ILE F 20 14.59 21.22 -23.84
CA ILE F 20 13.76 21.39 -22.66
C ILE F 20 14.30 22.58 -21.89
N SER F 21 13.46 23.15 -21.03
CA SER F 21 13.79 24.41 -20.40
C SER F 21 13.40 24.40 -18.93
N CYS F 22 13.99 25.33 -18.20
CA CYS F 22 13.76 25.49 -16.77
C CYS F 22 13.97 26.97 -16.46
N LYS F 23 12.92 27.61 -15.95
CA LYS F 23 12.95 29.03 -15.59
C LYS F 23 13.16 29.15 -14.08
N GLY F 24 14.20 29.86 -13.68
CA GLY F 24 14.49 30.08 -12.28
C GLY F 24 14.03 31.46 -11.82
N SER F 25 13.55 31.53 -10.58
CA SER F 25 13.07 32.79 -10.03
C SER F 25 13.32 32.79 -8.53
N GLY F 26 13.26 34.00 -7.95
CA GLY F 26 13.44 34.15 -6.53
C GLY F 26 14.87 34.16 -6.05
N TYR F 27 15.82 34.41 -6.95
CA TYR F 27 17.24 34.48 -6.60
C TYR F 27 17.98 35.11 -7.76
N ASN F 28 19.24 35.42 -7.54
CA ASN F 28 20.08 36.05 -8.56
C ASN F 28 20.47 34.99 -9.59
N PHE F 29 19.74 34.97 -10.71
CA PHE F 29 19.91 33.90 -11.70
C PHE F 29 21.27 33.97 -12.37
N THR F 30 21.78 35.18 -12.61
CA THR F 30 23.01 35.31 -13.38
C THR F 30 24.23 34.87 -12.58
N ASN F 31 24.17 34.94 -11.25
CA ASN F 31 25.34 34.70 -10.40
C ASN F 31 25.19 33.45 -9.55
N TYR F 32 24.68 32.38 -10.15
CA TYR F 32 24.54 31.09 -9.48
C TYR F 32 24.45 30.04 -10.57
N TRP F 33 24.90 28.82 -10.25
CA TRP F 33 24.95 27.76 -11.24
C TRP F 33 23.57 27.11 -11.40
N ILE F 34 23.23 26.76 -12.64
CA ILE F 34 22.00 26.05 -12.95
C ILE F 34 22.31 25.01 -14.01
N GLY F 35 21.77 23.82 -13.84
CA GLY F 35 22.10 22.71 -14.70
C GLY F 35 21.05 21.64 -14.68
N TRP F 36 21.47 20.41 -15.02
CA TRP F 36 20.53 19.33 -15.25
C TRP F 36 21.05 18.03 -14.68
N VAL F 37 20.13 17.22 -14.16
CA VAL F 37 20.42 15.88 -13.67
C VAL F 37 19.39 14.93 -14.29
N ARG F 38 19.86 13.77 -14.73
CA ARG F 38 19.04 12.79 -15.42
C ARG F 38 18.85 11.56 -14.54
N GLN F 39 17.65 10.98 -14.57
CA GLN F 39 17.35 9.79 -13.80
C GLN F 39 16.67 8.76 -14.68
N VAL F 40 17.24 7.56 -14.74
CA VAL F 40 16.64 6.42 -15.43
C VAL F 40 16.43 5.29 -14.43
N PRO F 41 15.33 4.53 -14.51
CA PRO F 41 15.16 3.41 -13.58
C PRO F 41 16.25 2.36 -13.75
N GLY F 42 16.71 1.82 -12.63
CA GLY F 42 17.70 0.77 -12.63
C GLY F 42 19.14 1.24 -12.56
N LYS F 43 19.38 2.55 -12.56
CA LYS F 43 20.72 3.10 -12.47
C LYS F 43 20.69 4.38 -11.65
N GLY F 44 21.84 4.77 -11.14
CA GLY F 44 21.97 5.99 -10.37
C GLY F 44 21.69 7.22 -11.21
N PRO F 45 21.33 8.32 -10.56
CA PRO F 45 21.19 9.59 -11.30
C PRO F 45 22.52 9.98 -11.91
N GLU F 46 22.45 10.76 -12.98
CA GLU F 46 23.62 11.13 -13.76
C GLU F 46 23.65 12.63 -13.93
N TRP F 47 24.72 13.25 -13.45
CA TRP F 47 24.89 14.69 -13.65
C TRP F 47 25.25 14.95 -15.10
N MET F 48 24.65 15.98 -15.68
CA MET F 48 24.86 16.30 -17.08
C MET F 48 25.64 17.58 -17.31
N GLY F 49 25.41 18.60 -16.49
CA GLY F 49 26.19 19.81 -16.61
C GLY F 49 25.56 20.95 -15.84
N LEU F 50 26.37 21.99 -15.68
CA LEU F 50 25.93 23.25 -15.10
C LEU F 50 26.38 24.37 -16.03
N ILE F 51 25.72 25.53 -15.91
CA ILE F 51 26.14 26.74 -16.61
C ILE F 51 26.05 27.91 -15.64
N TYR F 52 27.04 28.79 -15.68
CA TYR F 52 27.04 30.02 -14.91
C TYR F 52 26.64 31.17 -15.82
N PRO F 53 25.35 31.54 -15.86
CA PRO F 53 24.88 32.43 -16.94
C PRO F 53 25.62 33.75 -17.02
N SER F 54 26.13 34.28 -15.90
CA SER F 54 26.78 35.58 -15.92
C SER F 54 27.84 35.67 -17.02
N ASP F 55 28.67 34.64 -17.15
CA ASP F 55 29.68 34.59 -18.20
C ASP F 55 29.54 33.38 -19.11
N SER F 56 28.40 32.68 -19.05
CA SER F 56 28.13 31.52 -19.90
C SER F 56 29.16 30.41 -19.74
N ASP F 57 29.84 30.38 -18.59
CA ASP F 57 30.77 29.29 -18.29
C ASP F 57 29.98 27.99 -18.17
N THR F 58 30.28 27.02 -19.02
CA THR F 58 29.50 25.80 -19.12
C THR F 58 30.39 24.60 -18.79
N ARG F 59 29.90 23.75 -17.89
CA ARG F 59 30.63 22.57 -17.44
C ARG F 59 29.80 21.34 -17.79
N TYR F 60 30.39 20.43 -18.56
CA TYR F 60 29.70 19.23 -19.01
C TYR F 60 30.30 17.99 -18.37
N ASN F 61 29.48 16.94 -18.26
CA ASN F 61 29.95 15.62 -17.87
C ASN F 61 30.66 14.98 -19.06
N PRO F 62 31.97 14.73 -18.99
CA PRO F 62 32.66 14.19 -20.18
C PRO F 62 32.13 12.84 -20.62
N SER F 63 31.48 12.08 -19.73
CA SER F 63 30.89 10.81 -20.13
C SER F 63 29.83 10.98 -21.21
N LEU F 64 29.26 12.19 -21.34
CA LEU F 64 28.23 12.43 -22.34
C LEU F 64 28.79 12.62 -23.74
N GLN F 65 30.08 12.93 -23.87
CA GLN F 65 30.73 13.02 -25.19
C GLN F 65 30.05 14.03 -26.09
N GLY F 66 29.73 15.20 -25.52
CA GLY F 66 29.12 16.25 -26.31
C GLY F 66 27.75 15.92 -26.84
N HIS F 67 27.08 14.92 -26.27
CA HIS F 67 25.76 14.56 -26.76
C HIS F 67 24.73 15.66 -26.51
N VAL F 68 24.96 16.50 -25.49
CA VAL F 68 24.03 17.57 -25.17
C VAL F 68 24.79 18.89 -25.06
N THR F 69 24.04 19.97 -25.19
CA THR F 69 24.53 21.32 -24.95
C THR F 69 23.63 22.00 -23.92
N ILE F 70 24.23 22.86 -23.11
CA ILE F 70 23.52 23.62 -22.09
C ILE F 70 23.69 25.10 -22.41
N SER F 71 22.60 25.86 -22.27
CA SER F 71 22.63 27.29 -22.55
C SER F 71 21.70 28.00 -21.56
N ALA F 72 21.74 29.33 -21.61
CA ALA F 72 20.95 30.15 -20.70
C ALA F 72 20.64 31.48 -21.38
N ASP F 73 19.40 31.92 -21.22
CA ASP F 73 18.96 33.24 -21.66
C ASP F 73 18.72 34.08 -20.41
N LYS F 74 19.63 35.03 -20.14
CA LYS F 74 19.53 35.82 -18.91
C LYS F 74 18.27 36.68 -18.92
N SER F 75 17.89 37.21 -20.09
CA SER F 75 16.70 38.04 -20.17
C SER F 75 15.48 37.32 -19.61
N LEU F 76 15.34 36.04 -19.92
CA LEU F 76 14.19 35.24 -19.48
C LEU F 76 14.48 34.44 -18.22
N THR F 77 15.69 34.53 -17.69
CA THR F 77 16.10 33.75 -16.51
C THR F 77 15.77 32.27 -16.71
N THR F 78 16.17 31.73 -17.86
CA THR F 78 15.83 30.37 -18.26
C THR F 78 17.07 29.62 -18.73
N ALA F 79 17.21 28.38 -18.25
CA ALA F 79 18.28 27.49 -18.67
C ALA F 79 17.72 26.43 -19.61
N TYR F 80 18.57 25.94 -20.51
CA TYR F 80 18.14 25.01 -21.53
C TYR F 80 19.04 23.78 -21.58
N LEU F 81 18.45 22.66 -21.96
CA LEU F 81 19.18 21.43 -22.29
C LEU F 81 18.75 21.04 -23.69
N ARG F 82 19.70 20.88 -24.60
CA ARG F 82 19.40 20.65 -25.99
C ARG F 82 20.11 19.43 -26.52
N TRP F 83 19.36 18.62 -27.28
CA TRP F 83 19.90 17.53 -28.06
C TRP F 83 19.81 17.89 -29.54
N SER F 84 20.82 17.50 -30.32
CA SER F 84 20.68 17.57 -31.77
C SER F 84 20.10 16.27 -32.34
N SER F 85 20.41 15.13 -31.73
CA SER F 85 19.96 13.84 -32.24
C SER F 85 19.68 12.92 -31.05
N LEU F 86 18.41 12.60 -30.83
CA LEU F 86 18.03 11.80 -29.68
C LEU F 86 18.28 10.32 -29.92
N ARG F 87 18.63 9.62 -28.84
CA ARG F 87 18.73 8.18 -28.83
C ARG F 87 17.79 7.62 -27.77
N ALA F 88 17.53 6.31 -27.85
CA ALA F 88 16.67 5.68 -26.86
C ALA F 88 17.25 5.80 -25.46
N SER F 89 18.58 5.94 -25.35
CA SER F 89 19.21 6.08 -24.04
C SER F 89 18.92 7.42 -23.37
N ASP F 90 18.29 8.35 -24.09
CA ASP F 90 17.95 9.64 -23.52
C ASP F 90 16.59 9.67 -22.82
N SER F 91 15.76 8.62 -22.97
CA SER F 91 14.49 8.61 -22.27
C SER F 91 14.73 8.51 -20.77
N ALA F 92 14.28 9.52 -20.03
CA ALA F 92 14.61 9.64 -18.62
C ALA F 92 13.77 10.80 -18.07
N THR F 93 13.90 11.02 -16.77
CA THR F 93 13.36 12.22 -16.13
C THR F 93 14.52 13.19 -15.92
N TYR F 94 14.36 14.41 -16.40
CA TYR F 94 15.40 15.43 -16.31
C TYR F 94 14.98 16.48 -15.30
N TYR F 95 15.80 16.65 -14.27
CA TYR F 95 15.61 17.68 -13.27
C TYR F 95 16.64 18.79 -13.50
N CYS F 96 16.20 20.04 -13.46
CA CYS F 96 17.14 21.15 -13.41
C CYS F 96 17.47 21.41 -11.94
N VAL F 97 18.72 21.78 -11.68
CA VAL F 97 19.24 21.96 -10.33
C VAL F 97 20.02 23.25 -10.28
N THR F 98 20.24 23.73 -9.06
CA THR F 98 21.15 24.85 -8.81
C THR F 98 22.28 24.39 -7.92
N SER F 99 23.34 25.19 -7.88
CA SER F 99 24.52 24.84 -7.11
C SER F 99 25.34 26.09 -6.82
N GLY F 100 26.01 26.07 -5.68
CA GLY F 100 27.06 27.02 -5.38
C GLY F 100 28.40 26.54 -5.89
N ILE F 101 29.46 26.98 -5.24
CA ILE F 101 30.80 26.74 -5.78
C ILE F 101 31.23 25.28 -5.63
N TYR F 102 30.59 24.51 -4.75
CA TYR F 102 31.10 23.20 -4.40
C TYR F 102 30.53 22.06 -5.23
N GLY F 103 29.30 22.18 -5.69
CA GLY F 103 28.74 21.19 -6.59
C GLY F 103 27.73 20.24 -6.00
N TYR F 104 27.29 20.47 -4.76
CA TYR F 104 26.11 19.78 -4.26
C TYR F 104 24.89 20.58 -4.68
N LEU F 105 23.80 19.87 -4.96
CA LEU F 105 22.63 20.43 -5.65
C LEU F 105 21.59 20.79 -4.60
N ASP F 106 21.48 22.10 -4.31
CA ASP F 106 20.68 22.52 -3.17
C ASP F 106 19.20 22.72 -3.48
N TYR F 107 18.84 22.95 -4.75
CA TYR F 107 17.45 23.10 -5.14
C TYR F 107 17.18 22.32 -6.42
N TRP F 108 16.04 21.64 -6.46
CA TRP F 108 15.68 20.75 -7.55
C TRP F 108 14.33 21.13 -8.13
N GLY F 109 14.23 21.08 -9.46
CA GLY F 109 12.95 21.23 -10.13
C GLY F 109 12.12 19.97 -10.04
N ARG F 110 10.87 20.07 -10.45
CA ARG F 110 9.95 18.94 -10.33
C ARG F 110 10.15 17.89 -11.41
N GLY F 111 10.93 18.18 -12.43
CA GLY F 111 11.31 17.17 -13.39
C GLY F 111 10.55 17.28 -14.70
N THR F 112 11.22 16.87 -15.78
CA THR F 112 10.63 16.81 -17.11
C THR F 112 10.92 15.44 -17.66
N GLN F 113 9.87 14.68 -17.98
CA GLN F 113 10.04 13.34 -18.51
C GLN F 113 10.19 13.40 -20.02
N VAL F 114 11.11 12.58 -20.54
CA VAL F 114 11.37 12.49 -21.97
C VAL F 114 11.27 11.04 -22.39
N ILE F 115 10.49 10.78 -23.44
CA ILE F 115 10.32 9.45 -23.99
C ILE F 115 10.83 9.48 -25.42
N VAL F 116 11.73 8.55 -25.74
CA VAL F 116 12.29 8.43 -27.09
C VAL F 116 11.92 7.06 -27.61
N SER F 117 11.21 7.03 -28.73
CA SER F 117 10.62 5.80 -29.26
C SER F 117 10.14 6.06 -30.67
N SER F 118 10.27 5.04 -31.51
CA SER F 118 9.71 5.09 -32.87
C SER F 118 8.25 4.68 -32.90
N ALA F 119 7.66 4.36 -31.76
CA ALA F 119 6.25 3.98 -31.69
C ALA F 119 5.37 5.19 -32.00
N SER F 120 4.15 4.89 -32.46
CA SER F 120 3.16 5.90 -32.77
C SER F 120 2.01 5.80 -31.77
N THR F 121 1.26 6.90 -31.65
CA THR F 121 0.14 6.96 -30.72
C THR F 121 -0.87 5.87 -31.02
N LYS F 122 -1.24 5.12 -29.98
CA LYS F 122 -2.21 4.05 -30.11
C LYS F 122 -3.00 3.97 -28.81
N GLY F 123 -4.32 3.84 -28.91
CA GLY F 123 -5.16 3.65 -27.76
C GLY F 123 -5.16 2.20 -27.33
N PRO F 124 -5.46 1.95 -26.05
CA PRO F 124 -5.38 0.59 -25.53
C PRO F 124 -6.58 -0.27 -25.88
N SER F 125 -6.34 -1.58 -25.92
CA SER F 125 -7.40 -2.56 -25.79
C SER F 125 -7.57 -2.89 -24.31
N VAL F 126 -8.83 -3.01 -23.88
CA VAL F 126 -9.14 -3.25 -22.48
C VAL F 126 -9.89 -4.58 -22.38
N PHE F 127 -9.28 -5.55 -21.70
CA PHE F 127 -9.84 -6.87 -21.54
C PHE F 127 -10.17 -7.14 -20.08
N PRO F 128 -11.28 -7.79 -19.79
CA PRO F 128 -11.61 -8.08 -18.39
C PRO F 128 -10.74 -9.20 -17.85
N LEU F 129 -10.38 -9.08 -16.58
CA LEU F 129 -9.71 -10.14 -15.84
C LEU F 129 -10.78 -10.76 -14.93
N ALA F 130 -11.43 -11.81 -15.43
CA ALA F 130 -12.56 -12.41 -14.74
C ALA F 130 -12.11 -13.62 -13.94
N PRO F 131 -12.27 -13.62 -12.61
CA PRO F 131 -11.88 -14.80 -11.83
C PRO F 131 -12.87 -15.94 -12.02
N SER F 132 -12.40 -17.14 -11.70
CA SER F 132 -13.28 -18.29 -11.64
C SER F 132 -14.31 -18.13 -10.54
N SER F 133 -15.48 -18.75 -10.73
CA SER F 133 -16.47 -18.78 -9.66
C SER F 133 -15.88 -19.44 -8.41
N LYS F 134 -15.14 -20.53 -8.58
CA LYS F 134 -14.59 -21.26 -7.44
C LYS F 134 -13.68 -20.39 -6.60
N SER F 135 -12.97 -19.44 -7.22
CA SER F 135 -12.05 -18.59 -6.48
C SER F 135 -12.75 -17.60 -5.57
N THR F 136 -14.06 -17.40 -5.72
CA THR F 136 -14.82 -16.50 -4.85
C THR F 136 -15.41 -17.22 -3.64
N SER F 137 -15.22 -18.55 -3.54
CA SER F 137 -15.89 -19.32 -2.50
C SER F 137 -15.45 -18.91 -1.10
N GLY F 138 -14.18 -18.51 -0.96
CA GLY F 138 -13.65 -18.08 0.32
C GLY F 138 -14.08 -16.71 0.78
N GLY F 139 -14.94 -16.03 0.02
CA GLY F 139 -15.47 -14.74 0.40
C GLY F 139 -14.88 -13.57 -0.34
N THR F 140 -13.78 -13.75 -1.05
CA THR F 140 -13.11 -12.66 -1.75
C THR F 140 -13.19 -12.89 -3.26
N ALA F 141 -13.56 -11.83 -3.98
CA ALA F 141 -13.63 -11.85 -5.43
C ALA F 141 -12.61 -10.87 -5.97
N ALA F 142 -11.62 -11.38 -6.69
CA ALA F 142 -10.53 -10.57 -7.28
C ALA F 142 -10.93 -10.27 -8.74
N LEU F 143 -11.29 -9.03 -9.12
CA LEU F 143 -11.76 -8.54 -10.46
C LEU F 143 -10.63 -7.62 -11.04
N GLY F 144 -10.37 -7.59 -12.35
CA GLY F 144 -9.35 -6.71 -12.96
C GLY F 144 -9.58 -6.39 -14.40
N CYS F 145 -8.80 -5.48 -14.88
CA CYS F 145 -8.83 -5.12 -16.29
C CYS F 145 -7.40 -5.08 -16.81
N LEU F 146 -7.20 -5.66 -17.98
CA LEU F 146 -5.90 -5.64 -18.66
C LEU F 146 -5.94 -4.58 -19.75
N VAL F 147 -5.04 -3.60 -19.64
CA VAL F 147 -4.95 -2.48 -20.57
C VAL F 147 -3.69 -2.67 -21.39
N LYS F 148 -3.85 -3.08 -22.65
CA LYS F 148 -2.76 -3.64 -23.43
C LYS F 148 -2.51 -2.83 -24.69
N ASP F 149 -1.23 -2.65 -25.02
CA ASP F 149 -0.81 -2.15 -26.31
C ASP F 149 -1.25 -0.71 -26.56
N TYR F 150 -0.78 0.21 -25.73
CA TYR F 150 -1.03 1.63 -25.93
C TYR F 150 0.29 2.39 -25.91
N PHE F 151 0.26 3.60 -26.49
CA PHE F 151 1.43 4.46 -26.48
C PHE F 151 0.96 5.88 -26.78
N PRO F 152 1.51 6.90 -26.11
CA PRO F 152 2.47 6.83 -25.01
C PRO F 152 1.76 6.68 -23.66
N GLU F 153 2.50 6.77 -22.57
CA GLU F 153 1.90 6.91 -21.27
C GLU F 153 1.31 8.32 -21.11
N PRO F 154 0.34 8.50 -20.21
CA PRO F 154 -0.25 7.50 -19.32
C PRO F 154 -1.67 7.08 -19.67
N VAL F 155 -2.13 6.01 -19.04
CA VAL F 155 -3.55 5.70 -18.96
C VAL F 155 -3.97 5.91 -17.51
N THR F 156 -5.20 6.39 -17.33
CA THR F 156 -5.81 6.48 -16.01
C THR F 156 -6.84 5.37 -15.89
N VAL F 157 -6.84 4.70 -14.74
CA VAL F 157 -7.79 3.63 -14.45
C VAL F 157 -8.49 3.99 -13.15
N SER F 158 -9.81 3.94 -13.17
CA SER F 158 -10.63 4.04 -11.97
C SER F 158 -11.63 2.90 -11.97
N TRP F 159 -12.27 2.70 -10.83
CA TRP F 159 -13.32 1.69 -10.69
C TRP F 159 -14.59 2.39 -10.24
N ASN F 160 -15.70 2.08 -10.91
CA ASN F 160 -17.00 2.68 -10.63
C ASN F 160 -16.89 4.21 -10.61
N SER F 161 -16.11 4.74 -11.54
CA SER F 161 -15.99 6.19 -11.73
C SER F 161 -15.48 6.87 -10.45
N GLY F 162 -14.56 6.20 -9.77
CA GLY F 162 -13.97 6.71 -8.56
C GLY F 162 -14.67 6.31 -7.29
N ALA F 163 -15.93 5.86 -7.37
CA ALA F 163 -16.65 5.48 -6.16
C ALA F 163 -16.02 4.30 -5.45
N LEU F 164 -15.14 3.56 -6.12
CA LEU F 164 -14.48 2.39 -5.55
C LEU F 164 -12.98 2.64 -5.60
N THR F 165 -12.37 2.78 -4.42
CA THR F 165 -10.94 3.05 -4.30
C THR F 165 -10.28 2.05 -3.36
N SER F 166 -11.05 1.53 -2.41
CA SER F 166 -10.52 0.61 -1.41
C SER F 166 -10.23 -0.74 -2.03
N GLY F 167 -9.00 -1.22 -1.87
CA GLY F 167 -8.60 -2.50 -2.41
C GLY F 167 -8.14 -2.46 -3.86
N VAL F 168 -8.07 -1.28 -4.46
CA VAL F 168 -7.67 -1.15 -5.86
C VAL F 168 -6.15 -1.15 -5.95
N HIS F 169 -5.62 -1.95 -6.87
CA HIS F 169 -4.19 -1.99 -7.16
C HIS F 169 -4.02 -1.81 -8.67
N THR F 170 -3.52 -0.66 -9.09
CA THR F 170 -3.21 -0.40 -10.48
C THR F 170 -1.69 -0.49 -10.66
N PHE F 171 -1.25 -1.48 -11.43
CA PHE F 171 0.18 -1.77 -11.52
C PHE F 171 0.88 -0.77 -12.41
N PRO F 172 2.19 -0.59 -12.20
CA PRO F 172 2.96 0.28 -13.10
C PRO F 172 2.98 -0.28 -14.51
N ALA F 173 2.83 0.61 -15.49
CA ALA F 173 2.96 0.20 -16.88
C ALA F 173 4.29 -0.49 -17.10
N VAL F 174 4.31 -1.43 -18.04
CA VAL F 174 5.54 -2.08 -18.47
C VAL F 174 5.65 -1.93 -19.98
N LEU F 175 6.83 -1.57 -20.45
CA LEU F 175 7.09 -1.43 -21.87
C LEU F 175 7.35 -2.81 -22.45
N GLN F 176 6.52 -3.21 -23.42
CA GLN F 176 6.68 -4.52 -24.04
C GLN F 176 7.72 -4.45 -25.15
N SER F 177 8.18 -5.64 -25.58
CA SER F 177 9.20 -5.70 -26.62
C SER F 177 8.73 -5.06 -27.92
N SER F 178 7.42 -4.96 -28.13
CA SER F 178 6.87 -4.30 -29.31
C SER F 178 7.03 -2.78 -29.27
N GLY F 179 7.42 -2.22 -28.13
CA GLY F 179 7.43 -0.79 -27.94
C GLY F 179 6.14 -0.20 -27.43
N LEU F 180 5.15 -1.03 -27.12
CA LEU F 180 3.88 -0.59 -26.59
C LEU F 180 3.78 -0.94 -25.11
N TYR F 181 3.06 -0.10 -24.37
CA TYR F 181 2.90 -0.30 -22.94
C TYR F 181 1.73 -1.23 -22.64
N SER F 182 1.76 -1.80 -21.43
CA SER F 182 0.73 -2.71 -20.96
C SER F 182 0.64 -2.56 -19.44
N LEU F 183 -0.57 -2.74 -18.93
CA LEU F 183 -0.87 -2.43 -17.53
C LEU F 183 -2.10 -3.23 -17.11
N SER F 184 -2.17 -3.56 -15.83
CA SER F 184 -3.33 -4.21 -15.26
C SER F 184 -3.80 -3.43 -14.04
N SER F 185 -5.08 -3.57 -13.72
CA SER F 185 -5.67 -2.96 -12.54
C SER F 185 -6.58 -3.98 -11.89
N VAL F 186 -6.38 -4.24 -10.61
CA VAL F 186 -7.17 -5.23 -9.90
C VAL F 186 -7.83 -4.61 -8.68
N VAL F 187 -8.86 -5.29 -8.20
CA VAL F 187 -9.60 -4.88 -7.02
C VAL F 187 -10.22 -6.12 -6.40
N THR F 188 -10.15 -6.22 -5.08
CA THR F 188 -10.77 -7.31 -4.34
C THR F 188 -12.01 -6.78 -3.64
N VAL F 189 -13.14 -7.46 -3.83
CA VAL F 189 -14.40 -7.07 -3.22
C VAL F 189 -15.01 -8.26 -2.48
N PRO F 190 -16.01 -8.05 -1.63
CA PRO F 190 -16.68 -9.20 -1.00
C PRO F 190 -17.50 -9.97 -2.04
N SER F 191 -17.28 -11.29 -2.07
CA SER F 191 -18.09 -12.14 -2.95
C SER F 191 -19.58 -11.93 -2.70
N SER F 192 -19.96 -11.70 -1.44
CA SER F 192 -21.37 -11.55 -1.09
C SER F 192 -22.00 -10.30 -1.69
N SER F 193 -21.20 -9.40 -2.27
CA SER F 193 -21.75 -8.19 -2.87
C SER F 193 -21.93 -8.30 -4.38
N LEU F 194 -21.58 -9.45 -4.99
CA LEU F 194 -21.66 -9.55 -6.44
C LEU F 194 -23.09 -9.53 -6.94
N GLY F 195 -24.06 -9.94 -6.12
CA GLY F 195 -25.44 -10.00 -6.57
C GLY F 195 -26.14 -8.66 -6.62
N THR F 196 -25.67 -7.68 -5.85
CA THR F 196 -26.32 -6.39 -5.75
C THR F 196 -25.52 -5.25 -6.37
N GLN F 197 -24.19 -5.31 -6.28
CA GLN F 197 -23.32 -4.26 -6.78
C GLN F 197 -22.71 -4.65 -8.12
N THR F 198 -22.45 -3.64 -8.96
CA THR F 198 -21.84 -3.81 -10.27
C THR F 198 -20.46 -3.16 -10.26
N TYR F 199 -19.48 -3.81 -10.89
CA TYR F 199 -18.10 -3.40 -10.83
C TYR F 199 -17.57 -3.16 -12.24
N ILE F 200 -17.14 -1.93 -12.51
CA ILE F 200 -16.74 -1.49 -13.84
C ILE F 200 -15.40 -0.79 -13.75
N CYS F 201 -14.49 -1.15 -14.65
CA CYS F 201 -13.23 -0.42 -14.79
C CYS F 201 -13.38 0.65 -15.85
N ASN F 202 -12.84 1.83 -15.58
CA ASN F 202 -12.94 2.98 -16.47
C ASN F 202 -11.53 3.34 -16.92
N VAL F 203 -11.21 3.06 -18.17
CA VAL F 203 -9.90 3.33 -18.73
C VAL F 203 -10.00 4.55 -19.64
N ASN F 204 -9.11 5.50 -19.44
CA ASN F 204 -9.04 6.72 -20.24
C ASN F 204 -7.60 6.91 -20.69
N HIS F 205 -7.40 7.04 -21.99
CA HIS F 205 -6.09 7.29 -22.59
C HIS F 205 -6.20 8.60 -23.38
N LYS F 206 -5.84 9.71 -22.73
CA LYS F 206 -6.07 11.02 -23.34
C LYS F 206 -5.27 11.23 -24.63
N PRO F 207 -4.00 10.82 -24.73
CA PRO F 207 -3.27 11.06 -25.99
C PRO F 207 -3.98 10.56 -27.23
N SER F 208 -4.87 9.58 -27.08
CA SER F 208 -5.66 9.08 -28.19
C SER F 208 -7.16 9.25 -27.99
N ASN F 209 -7.58 9.97 -26.94
CA ASN F 209 -8.99 10.18 -26.64
C ASN F 209 -9.77 8.86 -26.60
N THR F 210 -9.12 7.81 -26.11
CA THR F 210 -9.76 6.52 -25.94
C THR F 210 -10.36 6.43 -24.55
N LYS F 211 -11.63 6.04 -24.48
CA LYS F 211 -12.36 5.94 -23.22
C LYS F 211 -13.18 4.67 -23.28
N VAL F 212 -12.91 3.73 -22.37
CA VAL F 212 -13.54 2.42 -22.40
C VAL F 212 -14.03 2.06 -21.00
N ASP F 213 -15.27 1.59 -20.91
CA ASP F 213 -15.83 1.03 -19.70
C ASP F 213 -16.05 -0.47 -19.92
N LYS F 214 -15.57 -1.28 -18.97
CA LYS F 214 -15.72 -2.73 -19.02
C LYS F 214 -16.30 -3.22 -17.70
N ARG F 215 -17.36 -4.00 -17.76
CA ARG F 215 -17.86 -4.71 -16.59
C ARG F 215 -17.08 -6.01 -16.40
N VAL F 216 -16.79 -6.34 -15.15
CA VAL F 216 -16.03 -7.53 -14.81
C VAL F 216 -16.79 -8.31 -13.74
N GLU F 217 -16.95 -9.61 -13.94
CA GLU F 217 -17.60 -10.49 -12.99
C GLU F 217 -17.06 -11.90 -13.16
N PRO F 218 -17.15 -12.72 -12.11
CA PRO F 218 -16.62 -14.09 -12.22
C PRO F 218 -17.22 -14.83 -13.42
N LYS F 219 -16.41 -15.71 -14.01
CA LYS F 219 -16.81 -16.50 -15.16
C LYS F 219 -16.22 -17.90 -15.03
N SER F 220 -17.07 -18.92 -15.15
CA SER F 220 -16.64 -20.30 -15.15
C SER F 220 -17.59 -21.10 -16.03
N CYS F 221 -17.14 -22.30 -16.41
CA CYS F 221 -17.96 -23.20 -17.21
C CYS F 221 -18.58 -24.27 -16.32
N VAL G 8 -54.18 6.83 -16.95
CA VAL G 8 -53.20 7.59 -16.11
C VAL G 8 -52.65 8.76 -16.95
N HIS G 9 -52.61 9.97 -16.39
CA HIS G 9 -52.01 11.15 -17.04
C HIS G 9 -50.55 11.17 -16.56
N ALA G 10 -49.62 10.56 -17.30
CA ALA G 10 -48.21 10.47 -16.95
C ALA G 10 -47.40 10.47 -18.24
N LEU G 11 -46.41 11.37 -18.32
CA LEU G 11 -45.64 11.50 -19.54
C LEU G 11 -44.71 10.32 -19.80
N PHE G 12 -44.38 9.54 -18.77
CA PHE G 12 -43.35 8.51 -18.87
C PHE G 12 -43.86 7.18 -18.33
N TYR G 13 -45.12 6.86 -18.59
CA TYR G 13 -45.71 5.64 -18.09
C TYR G 13 -45.03 4.42 -18.68
N LYS G 14 -44.80 3.42 -17.83
CA LYS G 14 -44.30 2.11 -18.24
C LYS G 14 -44.98 1.05 -17.39
N LEU G 15 -45.41 -0.04 -18.03
CA LEU G 15 -46.12 -1.09 -17.32
C LEU G 15 -45.28 -1.67 -16.18
N ASP G 16 -43.98 -1.83 -16.41
CA ASP G 16 -43.12 -2.63 -15.56
C ASP G 16 -42.23 -1.79 -14.66
N ILE G 17 -42.53 -0.50 -14.50
CA ILE G 17 -41.67 0.37 -13.71
C ILE G 17 -41.64 -0.10 -12.27
N VAL G 18 -40.48 0.02 -11.63
CA VAL G 18 -40.28 -0.43 -10.25
C VAL G 18 -40.01 0.81 -9.41
N PRO G 19 -40.96 1.23 -8.56
CA PRO G 19 -40.70 2.41 -7.71
C PRO G 19 -39.47 2.20 -6.84
N ILE G 20 -38.60 3.21 -6.81
CA ILE G 20 -37.35 3.11 -6.08
C ILE G 20 -37.61 2.82 -4.60
N GLU G 21 -38.42 3.65 -3.96
CA GLU G 21 -38.64 3.55 -2.52
C GLU G 21 -37.32 3.52 -1.76
N VAL H 8 41.05 27.94 -2.37
CA VAL H 8 40.18 26.88 -1.77
C VAL H 8 39.96 25.77 -2.80
N HIS H 9 39.32 24.67 -2.39
CA HIS H 9 39.02 23.51 -3.24
C HIS H 9 37.52 23.52 -3.53
N ALA H 10 37.15 24.12 -4.66
CA ALA H 10 35.76 24.21 -5.09
C ALA H 10 35.71 24.01 -6.59
N LEU H 11 35.02 22.95 -7.03
CA LEU H 11 35.00 22.63 -8.45
C LEU H 11 34.41 23.78 -9.27
N PHE H 12 33.50 24.55 -8.69
CA PHE H 12 32.75 25.57 -9.42
C PHE H 12 32.96 26.94 -8.81
N TYR H 13 34.20 27.23 -8.41
CA TYR H 13 34.48 28.52 -7.81
C TYR H 13 34.22 29.63 -8.82
N LYS H 14 33.58 30.70 -8.33
CA LYS H 14 33.38 31.91 -9.13
C LYS H 14 33.47 33.09 -8.18
N LEU H 15 34.23 34.11 -8.57
CA LEU H 15 34.47 35.25 -7.71
C LEU H 15 33.15 35.90 -7.29
N ASP H 16 32.34 36.29 -8.27
CA ASP H 16 31.15 37.11 -8.03
C ASP H 16 29.89 36.28 -7.78
N ILE H 17 30.03 35.04 -7.33
CA ILE H 17 28.86 34.23 -7.04
C ILE H 17 28.07 34.88 -5.92
N VAL H 18 26.75 34.73 -5.98
CA VAL H 18 25.85 35.27 -4.96
C VAL H 18 25.20 34.07 -4.26
N PRO H 19 25.61 33.75 -3.03
CA PRO H 19 24.96 32.63 -2.33
C PRO H 19 23.49 32.91 -2.07
N ILE H 20 22.72 31.84 -1.93
CA ILE H 20 21.29 31.97 -1.66
C ILE H 20 21.02 32.11 -0.16
N LYS I 7 -45.97 -2.49 20.63
CA LYS I 7 -45.20 -3.40 21.48
C LYS I 7 -43.78 -2.88 21.67
N VAL I 8 -43.60 -1.98 22.64
CA VAL I 8 -42.31 -1.35 22.91
C VAL I 8 -41.63 -2.11 24.03
N HIS I 9 -40.38 -2.52 23.80
CA HIS I 9 -39.59 -3.29 24.75
C HIS I 9 -38.37 -2.45 25.14
N ALA I 10 -38.45 -1.79 26.30
CA ALA I 10 -37.41 -0.89 26.76
C ALA I 10 -37.27 -1.03 28.26
N LEU I 11 -36.08 -1.41 28.72
CA LEU I 11 -35.90 -1.70 30.14
C LEU I 11 -36.20 -0.49 31.01
N PHE I 12 -35.94 0.70 30.50
CA PHE I 12 -36.02 1.92 31.30
C PHE I 12 -36.96 2.93 30.67
N TYR I 13 -38.09 2.43 30.16
CA TYR I 13 -39.05 3.30 29.49
C TYR I 13 -39.60 4.35 30.45
N LYS I 14 -39.71 5.57 29.97
CA LYS I 14 -40.43 6.65 30.70
C LYS I 14 -41.14 7.62 29.69
N LEU I 15 -42.46 7.71 29.76
CA LEU I 15 -43.31 8.68 28.98
C LEU I 15 -42.56 10.03 28.77
N ASP I 16 -42.09 10.68 29.87
CA ASP I 16 -41.58 12.10 29.92
C ASP I 16 -40.07 12.25 29.63
N ILE I 17 -39.38 11.26 29.05
CA ILE I 17 -37.88 11.30 28.92
C ILE I 17 -37.57 12.34 27.82
N VAL I 18 -36.57 13.21 27.95
CA VAL I 18 -36.08 14.22 26.95
C VAL I 18 -34.87 13.59 26.28
N PRO I 19 -35.00 13.09 25.06
CA PRO I 19 -33.84 12.47 24.39
C PRO I 19 -32.68 13.42 24.11
N ILE I 20 -32.06 13.96 25.16
CA ILE I 20 -30.88 14.80 25.01
C ILE I 20 -31.19 16.00 24.09
N ASP J 1 -4.17 -36.98 -25.10
CA ASP J 1 -5.11 -35.83 -25.03
C ASP J 1 -5.48 -35.50 -23.58
N ILE J 2 -5.28 -36.46 -22.67
CA ILE J 2 -5.58 -36.26 -21.25
C ILE J 2 -4.36 -35.65 -20.59
N VAL J 3 -4.53 -34.47 -20.02
CA VAL J 3 -3.44 -33.72 -19.39
C VAL J 3 -3.49 -33.96 -17.89
N MET J 4 -2.33 -34.31 -17.32
CA MET J 4 -2.20 -34.60 -15.91
C MET J 4 -1.47 -33.45 -15.22
N THR J 5 -2.09 -32.90 -14.18
CA THR J 5 -1.58 -31.70 -13.52
C THR J 5 -1.35 -32.03 -12.05
N GLN J 6 -0.11 -31.88 -11.60
CA GLN J 6 0.24 -32.09 -10.21
C GLN J 6 0.44 -30.75 -9.51
N SER J 7 0.27 -30.77 -8.19
CA SER J 7 0.56 -29.60 -7.37
C SER J 7 0.77 -30.06 -5.95
N PRO J 8 1.73 -29.47 -5.21
CA PRO J 8 2.67 -28.46 -5.68
C PRO J 8 3.81 -29.07 -6.50
N ASP J 9 4.60 -28.24 -7.19
CA ASP J 9 5.75 -28.76 -7.92
C ASP J 9 6.87 -29.19 -6.97
N SER J 10 7.01 -28.49 -5.84
CA SER J 10 8.00 -28.82 -4.83
C SER J 10 7.32 -28.74 -3.47
N LEU J 11 7.69 -29.66 -2.57
CA LEU J 11 7.03 -29.77 -1.27
C LEU J 11 8.06 -30.09 -0.21
N ALA J 12 8.22 -29.18 0.74
CA ALA J 12 9.12 -29.38 1.88
C ALA J 12 8.28 -29.80 3.08
N VAL J 13 8.60 -30.97 3.64
CA VAL J 13 7.84 -31.53 4.75
C VAL J 13 8.78 -31.89 5.89
N SER J 14 8.35 -31.60 7.11
CA SER J 14 9.15 -31.95 8.28
C SER J 14 9.08 -33.45 8.54
N LEU J 15 10.21 -34.01 8.98
CA LEU J 15 10.25 -35.43 9.32
C LEU J 15 9.13 -35.77 10.30
N GLY J 16 8.42 -36.86 10.01
CA GLY J 16 7.35 -37.31 10.87
C GLY J 16 6.01 -36.66 10.59
N GLU J 17 5.95 -35.68 9.70
CA GLU J 17 4.71 -35.02 9.34
C GLU J 17 4.16 -35.63 8.05
N ARG J 18 3.06 -35.06 7.57
CA ARG J 18 2.33 -35.61 6.44
C ARG J 18 2.61 -34.82 5.17
N ALA J 19 2.89 -35.54 4.09
CA ALA J 19 3.06 -34.96 2.76
C ALA J 19 1.87 -35.33 1.90
N THR J 20 1.22 -34.32 1.31
CA THR J 20 0.04 -34.51 0.48
C THR J 20 0.30 -33.93 -0.90
N ILE J 21 0.22 -34.77 -1.92
CA ILE J 21 0.50 -34.40 -3.30
C ILE J 21 -0.77 -34.58 -4.11
N ASN J 22 -1.15 -33.55 -4.85
CA ASN J 22 -2.40 -33.57 -5.61
C ASN J 22 -2.14 -33.84 -7.08
N CYS J 23 -3.04 -34.58 -7.71
CA CYS J 23 -2.98 -34.86 -9.13
C CYS J 23 -4.36 -34.66 -9.73
N LYS J 24 -4.43 -33.91 -10.82
CA LYS J 24 -5.68 -33.58 -11.48
C LYS J 24 -5.58 -33.99 -12.94
N SER J 25 -6.64 -34.63 -13.45
CA SER J 25 -6.70 -35.06 -14.84
C SER J 25 -7.72 -34.21 -15.60
N SER J 26 -7.37 -33.82 -16.83
CA SER J 26 -8.25 -32.97 -17.62
C SER J 26 -9.57 -33.65 -17.95
N GLN J 27 -9.71 -34.94 -17.69
CA GLN J 27 -10.98 -35.63 -17.85
C GLN J 27 -10.95 -36.92 -17.04
N SER J 28 -12.14 -37.39 -16.65
CA SER J 28 -12.25 -38.52 -15.75
C SER J 28 -11.52 -39.74 -16.31
N VAL J 29 -10.82 -40.45 -15.44
CA VAL J 29 -10.13 -41.68 -15.84
C VAL J 29 -10.76 -42.87 -15.11
N PHE J 30 -12.05 -42.75 -14.79
CA PHE J 30 -12.79 -43.76 -14.04
C PHE J 30 -13.71 -44.53 -14.98
N HIS J 31 -13.68 -45.86 -14.87
CA HIS J 31 -14.59 -46.73 -15.60
C HIS J 31 -15.53 -47.39 -14.60
N SER J 32 -16.84 -47.11 -14.74
CA SER J 32 -17.82 -47.70 -13.84
C SER J 32 -17.92 -49.22 -14.03
N SER J 33 -17.63 -49.71 -15.24
CA SER J 33 -17.83 -51.13 -15.53
C SER J 33 -17.06 -52.01 -14.54
N ASN J 34 -15.80 -51.69 -14.30
CA ASN J 34 -14.98 -52.43 -13.36
C ASN J 34 -14.64 -51.62 -12.11
N ASN J 35 -15.24 -50.45 -11.95
CA ASN J 35 -15.06 -49.62 -10.75
C ASN J 35 -13.59 -49.28 -10.51
N LYS J 36 -12.87 -48.98 -11.58
CA LYS J 36 -11.44 -48.75 -11.51
C LYS J 36 -11.10 -47.35 -11.99
N ASN J 37 -10.23 -46.67 -11.25
CA ASN J 37 -9.57 -45.47 -11.74
C ASN J 37 -8.22 -45.88 -12.34
N TYR J 38 -8.00 -45.48 -13.59
CA TYR J 38 -6.79 -45.85 -14.33
C TYR J 38 -5.71 -44.81 -14.01
N LEU J 39 -5.14 -44.94 -12.81
CA LEU J 39 -4.24 -43.93 -12.26
C LEU J 39 -3.14 -44.63 -11.48
N ALA J 40 -1.89 -44.26 -11.76
CA ALA J 40 -0.74 -44.85 -11.09
C ALA J 40 0.17 -43.75 -10.55
N TRP J 41 0.92 -44.09 -9.49
CA TRP J 41 1.90 -43.19 -8.90
C TRP J 41 3.27 -43.86 -8.93
N TYR J 42 4.30 -43.05 -9.15
CA TYR J 42 5.68 -43.54 -9.22
C TYR J 42 6.56 -42.72 -8.31
N GLN J 43 7.59 -43.38 -7.77
CA GLN J 43 8.59 -42.75 -6.93
C GLN J 43 9.96 -42.89 -7.57
N GLN J 44 10.67 -41.77 -7.71
CA GLN J 44 12.04 -41.78 -8.21
C GLN J 44 12.95 -41.12 -7.17
N LYS J 45 13.82 -41.92 -6.56
CA LYS J 45 14.77 -41.38 -5.61
C LYS J 45 16.01 -40.85 -6.34
N PRO J 46 16.74 -39.92 -5.72
CA PRO J 46 17.89 -39.32 -6.40
C PRO J 46 18.89 -40.37 -6.86
N GLY J 47 19.13 -40.41 -8.17
CA GLY J 47 20.12 -41.30 -8.73
C GLY J 47 19.70 -42.74 -8.87
N GLN J 48 18.41 -43.00 -9.00
CA GLN J 48 17.90 -44.36 -9.13
C GLN J 48 16.87 -44.43 -10.25
N SER J 49 16.41 -45.65 -10.53
CA SER J 49 15.33 -45.85 -11.47
C SER J 49 13.99 -45.58 -10.80
N PRO J 50 13.01 -45.04 -11.54
CA PRO J 50 11.68 -44.88 -10.96
C PRO J 50 11.13 -46.23 -10.50
N LYS J 51 10.13 -46.15 -9.63
CA LYS J 51 9.57 -47.33 -9.00
C LYS J 51 8.08 -47.14 -8.86
N LEU J 52 7.31 -48.13 -9.29
CA LEU J 52 5.86 -48.08 -9.17
C LEU J 52 5.45 -48.21 -7.72
N LEU J 53 4.65 -47.26 -7.25
CA LEU J 53 4.14 -47.24 -5.88
C LEU J 53 2.69 -47.68 -5.80
N ILE J 54 1.83 -47.13 -6.65
CA ILE J 54 0.40 -47.38 -6.58
C ILE J 54 -0.15 -47.48 -8.00
N HIS J 55 -1.12 -48.36 -8.18
CA HIS J 55 -1.92 -48.42 -9.40
C HIS J 55 -3.39 -48.54 -8.99
N TRP J 56 -4.27 -48.36 -9.96
CA TRP J 56 -5.71 -48.28 -9.67
C TRP J 56 -5.98 -47.22 -8.61
N ALA J 57 -5.19 -46.15 -8.61
CA ALA J 57 -5.36 -44.98 -7.76
C ALA J 57 -5.06 -45.24 -6.29
N SER J 58 -5.33 -46.45 -5.79
CA SER J 58 -5.18 -46.70 -4.36
C SER J 58 -4.68 -48.11 -4.01
N ALA J 59 -4.30 -48.92 -4.99
CA ALA J 59 -3.77 -50.25 -4.73
C ALA J 59 -2.26 -50.16 -4.56
N ARG J 60 -1.76 -50.42 -3.35
CA ARG J 60 -0.33 -50.35 -3.10
C ARG J 60 0.40 -51.54 -3.72
N GLU J 61 1.58 -51.30 -4.26
CA GLU J 61 2.46 -52.37 -4.68
C GLU J 61 3.07 -53.07 -3.46
N SER J 62 3.47 -54.33 -3.65
CA SER J 62 4.05 -55.10 -2.57
C SER J 62 5.33 -54.43 -2.09
N GLY J 63 5.50 -54.39 -0.76
CA GLY J 63 6.60 -53.69 -0.15
C GLY J 63 6.32 -52.24 0.19
N VAL J 64 5.32 -51.66 -0.46
CA VAL J 64 4.93 -50.22 -0.26
C VAL J 64 4.53 -50.10 1.24
N PRO J 65 4.96 -49.07 2.00
CA PRO J 65 4.59 -48.94 3.44
C PRO J 65 3.08 -48.57 3.55
N GLU J 66 2.39 -48.91 4.65
CA GLU J 66 0.91 -48.61 4.81
C GLU J 66 0.76 -47.08 4.97
N ARG J 67 1.88 -46.38 5.24
CA ARG J 67 1.90 -44.93 5.41
C ARG J 67 1.86 -44.19 4.08
N ILE J 68 2.13 -44.87 2.97
CA ILE J 68 1.98 -44.30 1.64
C ILE J 68 0.66 -44.77 1.07
N SER J 69 -0.26 -43.84 0.81
CA SER J 69 -1.56 -44.20 0.28
C SER J 69 -2.01 -43.23 -0.80
N GLY J 70 -2.60 -43.77 -1.86
CA GLY J 70 -3.27 -42.97 -2.87
C GLY J 70 -4.77 -42.98 -2.64
N SER J 71 -5.42 -41.91 -3.08
CA SER J 71 -6.87 -41.81 -2.91
C SER J 71 -7.41 -40.92 -4.02
N GLY J 72 -8.72 -40.69 -3.97
CA GLY J 72 -9.41 -39.87 -4.94
C GLY J 72 -10.12 -40.72 -6.00
N SER J 73 -10.90 -40.02 -6.83
CA SER J 73 -11.61 -40.68 -7.91
C SER J 73 -11.99 -39.66 -8.98
N GLY J 74 -12.16 -40.15 -10.20
CA GLY J 74 -12.57 -39.30 -11.30
C GLY J 74 -11.45 -38.45 -11.86
N THR J 75 -11.42 -37.18 -11.49
CA THR J 75 -10.39 -36.26 -11.95
C THR J 75 -9.47 -35.75 -10.85
N ASP J 76 -9.78 -36.02 -9.57
CA ASP J 76 -9.05 -35.45 -8.44
C ASP J 76 -8.48 -36.59 -7.59
N PHE J 77 -7.15 -36.67 -7.54
CA PHE J 77 -6.47 -37.72 -6.79
C PHE J 77 -5.41 -37.11 -5.89
N THR J 78 -5.00 -37.88 -4.89
CA THR J 78 -3.97 -37.44 -3.97
C THR J 78 -3.09 -38.62 -3.56
N LEU J 79 -1.82 -38.32 -3.33
CA LEU J 79 -0.87 -39.25 -2.72
C LEU J 79 -0.47 -38.69 -1.36
N THR J 80 -0.55 -39.52 -0.33
CA THR J 80 -0.32 -39.09 1.04
C THR J 80 0.78 -39.93 1.69
N ILE J 81 1.75 -39.25 2.30
CA ILE J 81 2.82 -39.90 3.06
C ILE J 81 2.68 -39.38 4.49
N SER J 82 2.16 -40.22 5.39
CA SER J 82 1.57 -39.75 6.64
C SER J 82 2.62 -39.34 7.67
N SER J 83 3.76 -40.04 7.73
CA SER J 83 4.82 -39.75 8.71
C SER J 83 6.16 -39.83 7.96
N LEU J 84 6.51 -38.73 7.29
CA LEU J 84 7.65 -38.72 6.38
C LEU J 84 8.93 -39.22 7.06
N GLN J 85 9.63 -40.11 6.37
CA GLN J 85 10.97 -40.51 6.74
C GLN J 85 11.96 -39.96 5.72
N ALA J 86 13.24 -39.90 6.13
CA ALA J 86 14.27 -39.35 5.26
C ALA J 86 14.34 -40.09 3.94
N GLU J 87 14.01 -41.39 3.93
CA GLU J 87 14.07 -42.16 2.70
C GLU J 87 12.96 -41.82 1.72
N ASP J 88 11.95 -41.06 2.14
CA ASP J 88 10.87 -40.69 1.23
C ASP J 88 11.21 -39.50 0.34
N VAL J 89 12.34 -38.84 0.59
CA VAL J 89 12.77 -37.73 -0.26
C VAL J 89 12.92 -38.25 -1.69
N ALA J 90 12.14 -37.68 -2.61
CA ALA J 90 12.10 -38.19 -3.98
C ALA J 90 11.22 -37.27 -4.82
N VAL J 91 11.10 -37.63 -6.09
CA VAL J 91 10.16 -36.99 -7.02
C VAL J 91 9.03 -37.98 -7.28
N TYR J 92 7.78 -37.51 -7.17
CA TYR J 92 6.61 -38.36 -7.34
C TYR J 92 5.81 -37.92 -8.55
N TYR J 93 5.41 -38.89 -9.37
CA TYR J 93 4.69 -38.64 -10.61
C TYR J 93 3.38 -39.43 -10.61
N CYS J 94 2.32 -38.81 -11.14
CA CYS J 94 1.09 -39.54 -11.43
C CYS J 94 1.00 -39.80 -12.93
N GLN J 95 0.30 -40.87 -13.29
CA GLN J 95 0.15 -41.27 -14.69
C GLN J 95 -1.24 -41.85 -14.89
N GLN J 96 -1.84 -41.54 -16.04
CA GLN J 96 -3.09 -42.14 -16.45
C GLN J 96 -2.82 -43.18 -17.54
N TYR J 97 -3.55 -44.29 -17.47
CA TYR J 97 -3.52 -45.32 -18.52
C TYR J 97 -4.95 -45.65 -18.92
N TYR J 98 -5.81 -44.63 -18.93
CA TYR J 98 -7.20 -44.73 -19.35
C TYR J 98 -7.32 -44.60 -20.86
N SER J 99 -6.48 -43.77 -21.47
CA SER J 99 -6.56 -43.47 -22.89
C SER J 99 -5.16 -43.24 -23.43
N THR J 100 -4.97 -43.62 -24.68
CA THR J 100 -3.71 -43.43 -25.40
C THR J 100 -3.66 -42.00 -25.94
N PRO J 101 -2.48 -41.35 -25.90
CA PRO J 101 -1.23 -41.83 -25.31
C PRO J 101 -1.25 -41.78 -23.78
N LEU J 102 -0.50 -42.69 -23.13
CA LEU J 102 -0.23 -42.56 -21.71
C LEU J 102 0.37 -41.18 -21.44
N THR J 103 0.03 -40.59 -20.30
CA THR J 103 0.50 -39.25 -19.97
C THR J 103 0.80 -39.14 -18.48
N PHE J 104 1.83 -38.34 -18.18
CA PHE J 104 2.33 -38.20 -16.82
C PHE J 104 2.12 -36.78 -16.29
N GLY J 105 2.05 -36.66 -14.98
CA GLY J 105 2.07 -35.36 -14.35
C GLY J 105 3.45 -34.74 -14.42
N GLY J 106 3.51 -33.45 -14.09
CA GLY J 106 4.78 -32.75 -14.08
C GLY J 106 5.70 -33.13 -12.94
N GLY J 107 5.23 -33.92 -11.98
CA GLY J 107 6.06 -34.35 -10.88
C GLY J 107 6.09 -33.40 -9.70
N THR J 108 6.15 -33.96 -8.50
CA THR J 108 6.28 -33.20 -7.27
C THR J 108 7.56 -33.63 -6.57
N LYS J 109 8.42 -32.67 -6.24
CA LYS J 109 9.66 -32.96 -5.53
C LYS J 109 9.43 -32.79 -4.05
N VAL J 110 9.58 -33.87 -3.30
CA VAL J 110 9.44 -33.85 -1.84
C VAL J 110 10.81 -33.71 -1.21
N GLU J 111 10.96 -32.72 -0.33
CA GLU J 111 12.22 -32.44 0.34
C GLU J 111 11.98 -32.29 1.83
N ILE J 112 13.07 -32.26 2.60
CA ILE J 112 13.00 -32.16 4.04
C ILE J 112 12.88 -30.71 4.44
N LYS J 113 11.86 -30.38 5.23
CA LYS J 113 11.72 -29.03 5.76
C LYS J 113 12.53 -28.90 7.04
N ARG J 114 13.24 -27.79 7.17
CA ARG J 114 14.01 -27.47 8.36
C ARG J 114 13.90 -25.98 8.62
N THR J 115 14.47 -25.53 9.75
CA THR J 115 14.40 -24.13 10.11
C THR J 115 15.27 -23.29 9.18
N VAL J 116 15.02 -21.98 9.19
CA VAL J 116 15.75 -21.09 8.30
C VAL J 116 17.23 -21.11 8.64
N ALA J 117 18.05 -20.91 7.62
CA ALA J 117 19.50 -20.76 7.78
C ALA J 117 19.95 -19.71 6.78
N ALA J 118 20.55 -18.64 7.30
CA ALA J 118 21.02 -17.56 6.44
C ALA J 118 22.23 -18.02 5.64
N PRO J 119 22.36 -17.59 4.38
CA PRO J 119 23.57 -17.93 3.62
C PRO J 119 24.77 -17.17 4.13
N SER J 120 25.95 -17.76 3.90
CA SER J 120 27.21 -17.05 3.98
C SER J 120 27.60 -16.65 2.56
N VAL J 121 27.81 -15.36 2.33
CA VAL J 121 28.03 -14.83 0.99
C VAL J 121 29.52 -14.59 0.77
N PHE J 122 30.01 -14.98 -0.40
CA PHE J 122 31.39 -14.78 -0.80
C PHE J 122 31.41 -14.34 -2.26
N ILE J 123 32.29 -13.39 -2.58
CA ILE J 123 32.45 -12.91 -3.95
C ILE J 123 33.88 -13.16 -4.40
N PHE J 124 34.04 -13.57 -5.66
CA PHE J 124 35.33 -13.86 -6.24
C PHE J 124 35.52 -13.03 -7.51
N PRO J 125 36.65 -12.35 -7.68
CA PRO J 125 36.91 -11.64 -8.93
C PRO J 125 37.46 -12.59 -9.98
N PRO J 126 37.44 -12.20 -11.25
CA PRO J 126 38.07 -13.04 -12.28
C PRO J 126 39.58 -13.10 -12.04
N SER J 127 40.14 -14.30 -12.21
CA SER J 127 41.57 -14.47 -12.07
C SER J 127 42.30 -13.74 -13.19
N ASP J 128 43.60 -13.54 -13.00
CA ASP J 128 44.41 -12.97 -14.09
C ASP J 128 44.52 -13.96 -15.24
N GLU J 129 44.56 -15.26 -14.94
CA GLU J 129 44.62 -16.26 -15.99
C GLU J 129 43.43 -16.15 -16.93
N GLN J 130 42.22 -15.98 -16.37
CA GLN J 130 41.04 -15.85 -17.23
C GLN J 130 41.07 -14.54 -18.01
N LEU J 131 41.47 -13.44 -17.36
CA LEU J 131 41.48 -12.15 -18.02
C LEU J 131 42.31 -12.16 -19.29
N LYS J 132 43.30 -13.05 -19.38
CA LYS J 132 44.03 -13.21 -20.63
C LYS J 132 43.17 -13.82 -21.73
N SER J 133 42.06 -14.47 -21.37
CA SER J 133 41.25 -15.21 -22.33
C SER J 133 40.31 -14.32 -23.14
N GLY J 134 39.94 -13.14 -22.61
CA GLY J 134 38.99 -12.27 -23.26
C GLY J 134 37.63 -12.23 -22.61
N THR J 135 37.37 -13.09 -21.62
CA THR J 135 36.14 -13.08 -20.87
C THR J 135 36.47 -12.95 -19.39
N ALA J 136 35.53 -12.38 -18.63
CA ALA J 136 35.68 -12.18 -17.20
C ALA J 136 34.48 -12.76 -16.48
N SER J 137 34.72 -13.74 -15.62
CA SER J 137 33.67 -14.37 -14.84
C SER J 137 33.79 -13.90 -13.39
N VAL J 138 32.71 -13.34 -12.87
CA VAL J 138 32.61 -12.95 -11.47
C VAL J 138 31.66 -13.92 -10.79
N VAL J 139 32.06 -14.44 -9.63
CA VAL J 139 31.33 -15.52 -8.98
C VAL J 139 30.89 -15.07 -7.59
N CYS J 140 29.63 -15.34 -7.27
CA CYS J 140 29.08 -15.08 -5.94
C CYS J 140 28.56 -16.41 -5.39
N LEU J 141 28.97 -16.72 -4.16
CA LEU J 141 28.63 -17.99 -3.53
C LEU J 141 27.77 -17.74 -2.30
N LEU J 142 26.58 -18.33 -2.29
CA LEU J 142 25.73 -18.40 -1.11
C LEU J 142 25.84 -19.81 -0.53
N ASN J 143 26.31 -19.92 0.71
CA ASN J 143 26.67 -21.21 1.29
C ASN J 143 25.70 -21.60 2.40
N ASN J 144 25.25 -22.85 2.34
CA ASN J 144 24.53 -23.52 3.43
C ASN J 144 23.39 -22.66 3.98
N PHE J 145 22.37 -22.49 3.14
CA PHE J 145 21.19 -21.74 3.51
C PHE J 145 19.93 -22.60 3.33
N TYR J 146 18.83 -22.12 3.92
CA TYR J 146 17.53 -22.77 3.76
C TYR J 146 16.46 -21.74 4.04
N PRO J 147 15.36 -21.70 3.29
CA PRO J 147 15.03 -22.51 2.11
C PRO J 147 15.80 -22.06 0.86
N ARG J 148 15.50 -22.67 -0.29
CA ARG J 148 16.27 -22.41 -1.50
C ARG J 148 15.97 -21.04 -2.08
N GLU J 149 14.76 -20.53 -1.86
CA GLU J 149 14.40 -19.22 -2.37
C GLU J 149 15.44 -18.17 -1.94
N ALA J 150 16.06 -17.53 -2.91
CA ALA J 150 17.06 -16.50 -2.65
C ALA J 150 17.11 -15.57 -3.84
N LYS J 151 17.38 -14.30 -3.57
CA LYS J 151 17.45 -13.27 -4.59
C LYS J 151 18.88 -12.78 -4.67
N VAL J 152 19.52 -12.97 -5.82
CA VAL J 152 20.89 -12.52 -6.05
C VAL J 152 20.87 -11.42 -7.09
N GLN J 153 21.45 -10.28 -6.76
CA GLN J 153 21.49 -9.13 -7.64
C GLN J 153 22.95 -8.73 -7.88
N TRP J 154 23.27 -8.45 -9.14
CA TRP J 154 24.60 -8.01 -9.52
C TRP J 154 24.59 -6.52 -9.82
N LYS J 155 25.55 -5.79 -9.26
CA LYS J 155 25.75 -4.37 -9.51
C LYS J 155 27.14 -4.17 -10.10
N VAL J 156 27.23 -3.45 -11.19
CA VAL J 156 28.54 -3.10 -11.80
C VAL J 156 28.65 -1.57 -11.72
N ASP J 157 29.69 -0.99 -11.11
CA ASP J 157 29.75 0.45 -10.82
C ASP J 157 28.52 0.72 -9.94
N ASN J 158 27.37 1.20 -10.43
CA ASN J 158 26.09 1.40 -9.64
C ASN J 158 24.89 0.98 -10.47
N ALA J 159 25.09 0.14 -11.48
CA ALA J 159 24.02 -0.27 -12.38
C ALA J 159 23.67 -1.72 -12.12
N LEU J 160 22.38 -1.98 -11.91
CA LEU J 160 21.90 -3.35 -11.76
C LEU J 160 22.07 -4.10 -13.08
N GLN J 161 22.61 -5.30 -13.00
CA GLN J 161 22.82 -6.13 -14.18
C GLN J 161 21.63 -7.04 -14.41
N SER J 162 21.41 -7.40 -15.67
CA SER J 162 20.31 -8.28 -16.04
C SER J 162 20.66 -8.98 -17.34
N GLY J 163 20.42 -10.29 -17.39
CA GLY J 163 20.59 -11.06 -18.59
C GLY J 163 21.97 -11.65 -18.81
N ASN J 164 22.94 -11.30 -17.96
CA ASN J 164 24.32 -11.75 -18.13
C ASN J 164 24.81 -12.58 -16.96
N SER J 165 23.90 -13.21 -16.21
CA SER J 165 24.27 -14.04 -15.08
C SER J 165 23.52 -15.36 -15.14
N GLN J 166 24.10 -16.39 -14.52
CA GLN J 166 23.50 -17.71 -14.42
C GLN J 166 23.71 -18.25 -13.01
N GLU J 167 22.70 -18.97 -12.50
CA GLU J 167 22.75 -19.59 -11.19
C GLU J 167 22.78 -21.10 -11.31
N SER J 168 23.41 -21.76 -10.34
CA SER J 168 23.30 -23.20 -10.17
C SER J 168 23.18 -23.50 -8.69
N VAL J 169 22.25 -24.39 -8.33
CA VAL J 169 21.95 -24.74 -6.95
C VAL J 169 22.32 -26.20 -6.73
N THR J 170 22.77 -26.52 -5.52
CA THR J 170 23.00 -27.91 -5.17
C THR J 170 21.69 -28.56 -4.74
N GLU J 171 21.74 -29.88 -4.57
CA GLU J 171 20.64 -30.59 -3.91
C GLU J 171 20.79 -30.45 -2.40
N GLN J 172 19.73 -30.80 -1.69
CA GLN J 172 19.72 -30.66 -0.23
C GLN J 172 20.84 -31.50 0.37
N ASP J 173 21.63 -30.88 1.25
CA ASP J 173 22.74 -31.57 1.87
C ASP J 173 22.24 -32.71 2.76
N SER J 174 22.93 -33.85 2.68
CA SER J 174 22.45 -35.05 3.36
C SER J 174 22.53 -34.94 4.88
N LYS J 175 23.37 -34.06 5.41
CA LYS J 175 23.59 -33.99 6.85
C LYS J 175 22.81 -32.87 7.52
N ASP J 176 22.77 -31.67 6.93
CA ASP J 176 22.09 -30.54 7.54
C ASP J 176 20.93 -30.01 6.71
N SER J 177 20.66 -30.59 5.54
CA SER J 177 19.51 -30.28 4.72
C SER J 177 19.52 -28.85 4.18
N THR J 178 20.68 -28.23 4.06
CA THR J 178 20.76 -26.89 3.48
C THR J 178 21.13 -26.98 2.00
N TYR J 179 21.00 -25.83 1.34
CA TYR J 179 21.41 -25.66 -0.04
C TYR J 179 22.62 -24.74 -0.11
N SER J 180 23.29 -24.78 -1.26
CA SER J 180 24.26 -23.77 -1.64
C SER J 180 23.95 -23.34 -3.06
N LEU J 181 24.37 -22.12 -3.39
CA LEU J 181 24.03 -21.52 -4.68
C LEU J 181 25.19 -20.69 -5.17
N SER J 182 25.46 -20.77 -6.47
CA SER J 182 26.46 -19.95 -7.13
C SER J 182 25.76 -19.09 -8.17
N SER J 183 26.16 -17.82 -8.26
CA SER J 183 25.74 -16.94 -9.33
C SER J 183 26.99 -16.47 -10.06
N THR J 184 26.99 -16.63 -11.38
CA THR J 184 28.17 -16.33 -12.20
C THR J 184 27.80 -15.22 -13.17
N LEU J 185 28.51 -14.09 -13.08
CA LEU J 185 28.35 -12.97 -13.98
C LEU J 185 29.41 -13.06 -15.07
N THR J 186 28.98 -13.07 -16.33
CA THR J 186 29.90 -13.17 -17.46
C THR J 186 29.94 -11.83 -18.17
N LEU J 187 31.15 -11.32 -18.38
CA LEU J 187 31.38 -10.05 -19.05
C LEU J 187 32.48 -10.23 -20.08
N SER J 188 32.56 -9.29 -21.02
CA SER J 188 33.73 -9.21 -21.87
C SER J 188 34.87 -8.58 -21.07
N LYS J 189 36.11 -8.89 -21.46
CA LYS J 189 37.25 -8.27 -20.80
C LYS J 189 37.15 -6.75 -20.92
N ALA J 190 36.85 -6.25 -22.12
CA ALA J 190 36.73 -4.81 -22.34
C ALA J 190 35.70 -4.21 -21.37
N ASP J 191 34.47 -4.71 -21.40
CA ASP J 191 33.46 -4.19 -20.49
C ASP J 191 33.91 -4.29 -19.04
N TYR J 192 34.62 -5.37 -18.69
CA TYR J 192 35.08 -5.52 -17.32
C TYR J 192 36.13 -4.49 -16.95
N GLU J 193 37.07 -4.21 -17.85
CA GLU J 193 38.11 -3.23 -17.58
C GLU J 193 37.59 -1.80 -17.61
N LYS J 194 36.40 -1.56 -18.15
CA LYS J 194 35.84 -0.22 -18.15
C LYS J 194 35.39 0.22 -16.76
N HIS J 195 34.93 -0.70 -15.94
CA HIS J 195 34.29 -0.38 -14.66
C HIS J 195 35.20 -0.79 -13.51
N LYS J 196 34.86 -0.30 -12.32
CA LYS J 196 35.74 -0.42 -11.16
C LYS J 196 35.14 -1.25 -10.04
N VAL J 197 33.87 -1.02 -9.70
CA VAL J 197 33.26 -1.61 -8.51
C VAL J 197 32.29 -2.71 -8.96
N TYR J 198 32.45 -3.90 -8.38
CA TYR J 198 31.61 -5.05 -8.69
C TYR J 198 31.02 -5.58 -7.39
N ALA J 199 29.72 -5.87 -7.39
CA ALA J 199 29.02 -6.16 -6.15
C ALA J 199 27.94 -7.21 -6.33
N CYS J 200 27.82 -8.08 -5.34
CA CYS J 200 26.80 -9.12 -5.27
C CYS J 200 25.93 -8.83 -4.05
N GLU J 201 24.61 -8.71 -4.27
CA GLU J 201 23.68 -8.41 -3.19
C GLU J 201 22.71 -9.58 -3.02
N VAL J 202 22.65 -10.13 -1.81
CA VAL J 202 21.84 -11.31 -1.52
C VAL J 202 20.71 -10.92 -0.58
N THR J 203 19.48 -11.22 -0.99
CA THR J 203 18.30 -11.10 -0.15
C THR J 203 17.82 -12.50 0.19
N HIS J 204 17.56 -12.75 1.47
CA HIS J 204 17.15 -14.08 1.90
C HIS J 204 16.40 -13.97 3.22
N GLN J 205 15.31 -14.76 3.33
CA GLN J 205 14.45 -14.73 4.50
C GLN J 205 15.21 -14.80 5.81
N GLY J 206 16.33 -15.53 5.83
CA GLY J 206 17.12 -15.64 7.04
C GLY J 206 17.97 -14.44 7.37
N LEU J 207 18.02 -13.44 6.48
CA LEU J 207 18.83 -12.24 6.68
C LEU J 207 17.94 -11.09 7.12
N SER J 208 18.34 -10.40 8.19
CA SER J 208 17.59 -9.25 8.67
C SER J 208 17.58 -8.12 7.65
N SER J 209 18.65 -8.00 6.87
CA SER J 209 18.71 -7.06 5.77
C SER J 209 19.63 -7.65 4.70
N PRO J 210 19.50 -7.22 3.46
CA PRO J 210 20.33 -7.80 2.39
C PRO J 210 21.81 -7.66 2.69
N VAL J 211 22.57 -8.66 2.26
CA VAL J 211 24.01 -8.72 2.43
C VAL J 211 24.67 -8.38 1.11
N THR J 212 25.69 -7.52 1.15
CA THR J 212 26.41 -7.10 -0.05
C THR J 212 27.89 -7.44 0.10
N LYS J 213 28.45 -8.07 -0.92
CA LYS J 213 29.88 -8.33 -1.02
C LYS J 213 30.38 -7.69 -2.32
N SER J 214 31.49 -6.97 -2.24
CA SER J 214 31.98 -6.22 -3.39
C SER J 214 33.50 -6.24 -3.43
N PHE J 215 34.03 -5.81 -4.57
CA PHE J 215 35.48 -5.63 -4.74
C PHE J 215 35.69 -4.55 -5.79
N ASN J 216 36.81 -3.85 -5.67
CA ASN J 216 37.25 -2.88 -6.68
C ASN J 216 38.27 -3.55 -7.59
N ARG J 217 38.00 -3.55 -8.89
CA ARG J 217 38.98 -4.02 -9.86
C ARG J 217 40.28 -3.23 -9.66
N GLY J 218 41.28 -3.88 -9.06
CA GLY J 218 42.53 -3.20 -8.76
C GLY J 218 43.10 -3.59 -7.42
N GLU J 219 42.38 -4.43 -6.68
CA GLU J 219 42.86 -4.92 -5.39
C GLU J 219 42.46 -6.39 -5.21
N GLU K 1 14.01 -62.14 -10.20
CA GLU K 1 14.03 -60.65 -10.14
C GLU K 1 14.13 -60.06 -11.54
N VAL K 2 13.11 -59.28 -11.94
CA VAL K 2 13.15 -58.61 -13.22
C VAL K 2 14.32 -57.64 -13.26
N GLN K 3 14.97 -57.56 -14.42
CA GLN K 3 16.11 -56.68 -14.61
C GLN K 3 16.08 -56.06 -16.00
N LEU K 4 16.16 -54.73 -16.04
CA LEU K 4 16.15 -53.96 -17.29
C LEU K 4 17.46 -53.18 -17.34
N VAL K 5 18.47 -53.74 -18.02
CA VAL K 5 19.78 -53.13 -18.12
C VAL K 5 19.84 -52.35 -19.43
N GLN K 6 20.09 -51.05 -19.33
CA GLN K 6 20.09 -50.17 -20.49
C GLN K 6 21.51 -49.93 -20.99
N SER K 7 21.61 -49.31 -22.16
CA SER K 7 22.88 -48.98 -22.78
C SER K 7 23.36 -47.62 -22.26
N GLY K 8 24.66 -47.38 -22.45
CA GLY K 8 25.30 -46.25 -21.82
C GLY K 8 24.96 -44.91 -22.45
N ALA K 9 25.38 -43.85 -21.76
CA ALA K 9 25.11 -42.49 -22.20
C ALA K 9 25.63 -42.28 -23.62
N GLU K 10 25.08 -41.25 -24.27
CA GLU K 10 25.40 -40.98 -25.66
C GLU K 10 25.34 -39.50 -25.95
N VAL K 11 26.36 -39.01 -26.67
CA VAL K 11 26.41 -37.63 -27.15
C VAL K 11 26.44 -37.69 -28.67
N LYS K 12 25.56 -36.92 -29.31
CA LYS K 12 25.42 -36.97 -30.76
C LYS K 12 25.18 -35.57 -31.30
N LYS K 13 25.36 -35.41 -32.61
CA LYS K 13 25.07 -34.16 -33.30
C LYS K 13 23.74 -34.25 -34.02
N PRO K 14 23.10 -33.12 -34.32
CA PRO K 14 21.80 -33.16 -34.99
C PRO K 14 21.89 -33.88 -36.34
N GLY K 15 20.78 -34.50 -36.73
CA GLY K 15 20.70 -35.21 -37.99
C GLY K 15 21.21 -36.63 -37.98
N GLU K 16 22.06 -36.99 -37.02
CA GLU K 16 22.57 -38.34 -36.95
C GLU K 16 21.53 -39.29 -36.39
N SER K 17 21.69 -40.57 -36.70
CA SER K 17 20.83 -41.62 -36.20
C SER K 17 21.40 -42.18 -34.90
N LEU K 18 20.57 -42.90 -34.16
CA LEU K 18 20.98 -43.45 -32.88
C LEU K 18 20.03 -44.56 -32.48
N ARG K 19 20.58 -45.58 -31.81
CA ARG K 19 19.77 -46.63 -31.21
C ARG K 19 20.27 -46.90 -29.80
N ILE K 20 19.37 -46.79 -28.83
CA ILE K 20 19.63 -47.19 -27.47
C ILE K 20 18.94 -48.53 -27.25
N SER K 21 19.44 -49.29 -26.28
CA SER K 21 18.97 -50.65 -26.04
C SER K 21 18.60 -50.84 -24.58
N CYS K 22 17.90 -51.94 -24.31
CA CYS K 22 17.47 -52.27 -22.96
C CYS K 22 17.35 -53.79 -22.88
N LYS K 23 18.16 -54.40 -22.02
CA LYS K 23 18.23 -55.84 -21.90
C LYS K 23 17.25 -56.30 -20.82
N GLY K 24 16.33 -57.19 -21.18
CA GLY K 24 15.34 -57.69 -20.25
C GLY K 24 15.63 -59.14 -19.89
N SER K 25 15.69 -59.39 -18.58
CA SER K 25 15.93 -60.74 -18.06
C SER K 25 15.03 -60.97 -16.86
N GLY K 26 14.80 -62.25 -16.54
CA GLY K 26 14.02 -62.62 -15.39
C GLY K 26 12.54 -62.73 -15.62
N TYR K 27 12.09 -62.70 -16.87
CA TYR K 27 10.67 -62.81 -17.18
C TYR K 27 10.52 -63.18 -18.65
N ASN K 28 9.33 -63.63 -19.00
CA ASN K 28 9.04 -63.97 -20.39
C ASN K 28 9.10 -62.72 -21.24
N PHE K 29 10.29 -62.39 -21.76
CA PHE K 29 10.46 -61.16 -22.52
C PHE K 29 9.53 -61.10 -23.72
N THR K 30 9.32 -62.24 -24.38
CA THR K 30 8.53 -62.23 -25.61
C THR K 30 7.07 -61.90 -25.35
N ASN K 31 6.56 -62.24 -24.17
CA ASN K 31 5.13 -62.10 -23.90
C ASN K 31 4.86 -61.09 -22.80
N TYR K 32 5.48 -59.92 -22.91
CA TYR K 32 5.20 -58.81 -21.99
C TYR K 32 5.60 -57.52 -22.70
N TRP K 33 4.75 -56.51 -22.60
CA TRP K 33 5.02 -55.24 -23.25
C TRP K 33 6.27 -54.60 -22.65
N ILE K 34 7.11 -54.04 -23.52
CA ILE K 34 8.29 -53.30 -23.13
C ILE K 34 8.39 -52.06 -24.01
N GLY K 35 8.72 -50.93 -23.39
CA GLY K 35 8.74 -49.68 -24.12
C GLY K 35 9.68 -48.66 -23.51
N TRP K 36 9.40 -47.37 -23.74
CA TRP K 36 10.31 -46.30 -23.39
C TRP K 36 9.55 -45.07 -22.94
N VAL K 37 10.11 -44.38 -21.94
CA VAL K 37 9.57 -43.11 -21.46
C VAL K 37 10.72 -42.11 -21.43
N ARG K 38 10.42 -40.87 -21.80
CA ARG K 38 11.41 -39.81 -21.93
C ARG K 38 11.18 -38.74 -20.88
N GLN K 39 12.27 -38.19 -20.34
CA GLN K 39 12.21 -37.22 -19.26
C GLN K 39 13.15 -36.06 -19.57
N VAL K 40 12.61 -34.85 -19.63
CA VAL K 40 13.36 -33.65 -19.94
C VAL K 40 13.21 -32.67 -18.80
N PRO K 41 14.27 -32.06 -18.29
CA PRO K 41 14.10 -31.02 -17.26
C PRO K 41 13.24 -29.89 -17.77
N GLY K 42 12.23 -29.52 -16.97
CA GLY K 42 11.32 -28.45 -17.29
C GLY K 42 9.97 -28.93 -17.83
N LYS K 43 9.90 -30.14 -18.33
CA LYS K 43 8.69 -30.71 -18.90
C LYS K 43 8.33 -31.99 -18.14
N GLY K 44 7.06 -32.38 -18.24
CA GLY K 44 6.62 -33.64 -17.69
C GLY K 44 7.19 -34.81 -18.47
N PRO K 45 7.34 -35.96 -17.83
CA PRO K 45 7.76 -37.16 -18.56
C PRO K 45 6.84 -37.43 -19.73
N GLU K 46 7.38 -38.11 -20.75
CA GLU K 46 6.68 -38.33 -22.00
C GLU K 46 6.78 -39.80 -22.39
N TRP K 47 5.63 -40.43 -22.58
CA TRP K 47 5.61 -41.82 -23.04
C TRP K 47 5.96 -41.89 -24.52
N MET K 48 6.96 -42.71 -24.86
CA MET K 48 7.38 -42.87 -26.24
C MET K 48 6.54 -43.94 -26.95
N GLY K 49 6.52 -45.15 -26.40
CA GLY K 49 5.77 -46.23 -27.01
C GLY K 49 6.03 -47.54 -26.30
N LEU K 50 5.30 -48.56 -26.74
CA LEU K 50 5.48 -49.92 -26.24
C LEU K 50 5.49 -50.88 -27.41
N ILE K 51 6.14 -52.02 -27.22
CA ILE K 51 6.12 -53.10 -28.18
C ILE K 51 5.86 -54.41 -27.45
N TYR K 52 5.06 -55.29 -28.09
CA TYR K 52 4.84 -56.65 -27.63
C TYR K 52 5.70 -57.56 -28.49
N PRO K 53 6.87 -58.00 -28.02
CA PRO K 53 7.84 -58.61 -28.95
C PRO K 53 7.35 -59.86 -29.64
N SER K 54 6.44 -60.62 -29.03
CA SER K 54 6.00 -61.88 -29.62
C SER K 54 5.49 -61.69 -31.04
N ASP K 55 4.67 -60.66 -31.26
CA ASP K 55 4.14 -60.37 -32.59
C ASP K 55 4.58 -59.01 -33.11
N SER K 56 5.54 -58.37 -32.44
CA SER K 56 6.07 -57.07 -32.86
C SER K 56 5.00 -55.98 -32.89
N ASP K 57 3.91 -56.16 -32.15
CA ASP K 57 2.87 -55.14 -32.07
C ASP K 57 3.42 -53.90 -31.37
N THR K 58 3.42 -52.77 -32.08
CA THR K 58 4.03 -51.54 -31.59
C THR K 58 2.95 -50.47 -31.44
N ARG K 59 3.00 -49.73 -30.34
CA ARG K 59 2.09 -48.63 -30.09
C ARG K 59 2.92 -47.38 -29.82
N TYR K 60 2.67 -46.33 -30.58
CA TYR K 60 3.45 -45.10 -30.48
C TYR K 60 2.60 -43.96 -29.93
N ASN K 61 3.27 -42.99 -29.35
CA ASN K 61 2.64 -41.73 -28.96
C ASN K 61 2.41 -40.89 -30.21
N PRO K 62 1.17 -40.48 -30.51
CA PRO K 62 0.93 -39.74 -31.75
C PRO K 62 1.69 -38.42 -31.83
N SER K 63 2.04 -37.82 -30.69
CA SER K 63 2.70 -36.52 -30.70
C SER K 63 4.07 -36.60 -31.35
N LEU K 64 4.72 -37.77 -31.32
CA LEU K 64 6.06 -37.89 -31.85
C LEU K 64 6.07 -37.92 -33.37
N GLN K 65 5.02 -38.45 -33.99
CA GLN K 65 4.82 -38.38 -35.44
C GLN K 65 5.92 -39.13 -36.19
N GLY K 66 6.04 -40.43 -35.87
CA GLY K 66 6.97 -41.31 -36.55
C GLY K 66 8.43 -40.90 -36.43
N HIS K 67 8.73 -39.98 -35.50
CA HIS K 67 10.10 -39.54 -35.34
C HIS K 67 11.00 -40.63 -34.79
N VAL K 68 10.42 -41.68 -34.20
CA VAL K 68 11.18 -42.76 -33.58
C VAL K 68 10.55 -44.09 -33.95
N THR K 69 11.35 -45.15 -33.84
CA THR K 69 10.88 -46.52 -34.06
C THR K 69 11.35 -47.40 -32.93
N ILE K 70 10.45 -48.25 -32.45
CA ILE K 70 10.73 -49.21 -31.38
C ILE K 70 10.81 -50.59 -32.01
N SER K 71 11.78 -51.39 -31.55
CA SER K 71 11.97 -52.74 -32.06
C SER K 71 12.37 -53.65 -30.91
N ALA K 72 12.44 -54.94 -31.21
CA ALA K 72 12.78 -55.95 -30.20
C ALA K 72 13.46 -57.11 -30.88
N ASP K 73 14.45 -57.69 -30.19
CA ASP K 73 15.15 -58.88 -30.64
C ASP K 73 14.85 -59.99 -29.63
N LYS K 74 14.09 -60.99 -30.07
CA LYS K 74 13.67 -62.07 -29.16
C LYS K 74 14.83 -62.98 -28.78
N SER K 75 15.90 -63.03 -29.58
CA SER K 75 17.05 -63.86 -29.24
C SER K 75 17.85 -63.25 -28.11
N LEU K 76 18.00 -61.92 -28.12
CA LEU K 76 18.82 -61.21 -27.14
C LEU K 76 18.01 -60.70 -25.95
N THR K 77 16.70 -60.91 -25.95
CA THR K 77 15.84 -60.45 -24.86
C THR K 77 16.02 -58.95 -24.64
N THR K 78 15.89 -58.18 -25.72
CA THR K 78 16.26 -56.77 -25.72
C THR K 78 15.27 -55.96 -26.55
N ALA K 79 14.99 -54.75 -26.05
CA ALA K 79 14.16 -53.77 -26.75
C ALA K 79 15.01 -52.57 -27.14
N TYR K 80 14.63 -51.92 -28.25
CA TYR K 80 15.42 -50.83 -28.80
C TYR K 80 14.55 -49.62 -29.09
N LEU K 81 15.18 -48.45 -29.04
CA LEU K 81 14.57 -47.19 -29.43
C LEU K 81 15.52 -46.51 -30.42
N ARG K 82 15.03 -46.24 -31.62
CA ARG K 82 15.88 -45.75 -32.70
C ARG K 82 15.39 -44.41 -33.24
N TRP K 83 16.34 -43.51 -33.48
CA TRP K 83 16.11 -42.27 -34.20
C TRP K 83 16.79 -42.33 -35.56
N SER K 84 16.12 -41.82 -36.59
CA SER K 84 16.73 -41.72 -37.91
C SER K 84 17.40 -40.37 -38.13
N SER K 85 16.92 -39.33 -37.46
CA SER K 85 17.47 -37.99 -37.61
C SER K 85 17.25 -37.26 -36.28
N LEU K 86 18.33 -37.11 -35.51
CA LEU K 86 18.23 -36.56 -34.17
C LEU K 86 18.11 -35.04 -34.19
N ARG K 87 17.25 -34.51 -33.33
CA ARG K 87 17.08 -33.09 -33.10
C ARG K 87 17.42 -32.76 -31.64
N ALA K 88 17.52 -31.46 -31.36
CA ALA K 88 17.81 -31.02 -30.00
C ALA K 88 16.62 -31.23 -29.06
N SER K 89 15.42 -31.42 -29.61
CA SER K 89 14.27 -31.79 -28.79
C SER K 89 14.36 -33.21 -28.28
N ASP K 90 15.32 -34.00 -28.75
CA ASP K 90 15.49 -35.37 -28.29
C ASP K 90 16.48 -35.49 -27.12
N SER K 91 17.19 -34.41 -26.78
CA SER K 91 18.07 -34.41 -25.62
C SER K 91 17.27 -34.68 -24.35
N ALA K 92 17.50 -35.82 -23.71
CA ALA K 92 16.70 -36.24 -22.57
C ALA K 92 17.35 -37.47 -21.95
N THR K 93 16.71 -37.97 -20.91
CA THR K 93 17.05 -39.26 -20.31
C THR K 93 15.92 -40.23 -20.64
N TYR K 94 16.28 -41.40 -21.14
CA TYR K 94 15.32 -42.37 -21.64
C TYR K 94 15.33 -43.61 -20.77
N TYR K 95 14.17 -43.93 -20.19
CA TYR K 95 13.98 -45.10 -19.36
C TYR K 95 13.18 -46.14 -20.14
N CYS K 96 13.66 -47.37 -20.18
CA CYS K 96 12.82 -48.45 -20.68
C CYS K 96 11.93 -48.95 -19.55
N VAL K 97 10.72 -49.36 -19.91
CA VAL K 97 9.71 -49.77 -18.94
C VAL K 97 9.02 -51.01 -19.47
N THR K 98 8.43 -51.77 -18.56
CA THR K 98 7.61 -52.93 -18.90
C THR K 98 6.18 -52.65 -18.47
N SER K 99 5.25 -53.34 -19.12
CA SER K 99 3.84 -53.10 -18.88
C SER K 99 3.02 -54.35 -19.13
N GLY K 100 1.98 -54.53 -18.33
CA GLY K 100 0.96 -55.54 -18.59
C GLY K 100 -0.05 -55.03 -19.60
N ILE K 101 -1.27 -55.55 -19.51
CA ILE K 101 -2.29 -55.18 -20.48
C ILE K 101 -2.87 -53.79 -20.23
N TYR K 102 -2.70 -53.24 -19.03
CA TYR K 102 -3.42 -52.03 -18.64
C TYR K 102 -2.66 -50.74 -18.90
N GLY K 103 -1.33 -50.75 -18.86
CA GLY K 103 -0.56 -49.58 -19.21
C GLY K 103 0.12 -48.86 -18.06
N TYR K 104 0.02 -49.37 -16.83
CA TYR K 104 0.88 -48.88 -15.76
C TYR K 104 2.21 -49.62 -15.83
N LEU K 105 3.29 -48.91 -15.55
CA LEU K 105 4.63 -49.39 -15.82
C LEU K 105 5.23 -49.93 -14.52
N ASP K 106 5.34 -51.26 -14.44
CA ASP K 106 5.68 -51.90 -13.18
C ASP K 106 7.18 -52.05 -12.96
N TYR K 107 8.00 -51.96 -14.00
CA TYR K 107 9.45 -52.03 -13.84
C TYR K 107 10.12 -51.02 -14.75
N TRP K 108 11.23 -50.44 -14.26
CA TRP K 108 11.95 -49.40 -14.95
C TRP K 108 13.45 -49.66 -14.94
N GLY K 109 14.13 -49.22 -16.00
CA GLY K 109 15.58 -49.22 -16.01
C GLY K 109 16.15 -47.99 -15.33
N ARG K 110 17.47 -47.96 -15.24
CA ARG K 110 18.15 -46.87 -14.54
C ARG K 110 18.33 -45.63 -15.41
N GLY K 111 17.95 -45.68 -16.67
CA GLY K 111 17.96 -44.49 -17.49
C GLY K 111 19.16 -44.41 -18.41
N THR K 112 18.96 -43.82 -19.58
CA THR K 112 20.02 -43.54 -20.54
C THR K 112 19.94 -42.07 -20.92
N GLN K 113 21.02 -41.33 -20.71
CA GLN K 113 21.05 -39.92 -21.07
C GLN K 113 21.47 -39.76 -22.53
N VAL K 114 20.72 -38.96 -23.27
CA VAL K 114 21.04 -38.62 -24.65
C VAL K 114 21.22 -37.12 -24.74
N ILE K 115 22.33 -36.69 -25.31
CA ILE K 115 22.63 -35.27 -25.51
C ILE K 115 22.78 -35.05 -27.01
N VAL K 116 21.90 -34.22 -27.57
CA VAL K 116 21.97 -33.82 -28.97
C VAL K 116 22.40 -32.36 -29.01
N SER K 117 23.51 -32.09 -29.68
CA SER K 117 24.04 -30.72 -29.73
C SER K 117 25.00 -30.61 -30.89
N SER K 118 25.05 -29.41 -31.47
CA SER K 118 26.01 -29.10 -32.53
C SER K 118 27.42 -28.91 -31.99
N ALA K 119 27.59 -28.76 -30.67
CA ALA K 119 28.89 -28.48 -30.10
C ALA K 119 29.86 -29.62 -30.38
N SER K 120 31.15 -29.29 -30.38
CA SER K 120 32.23 -30.25 -30.58
C SER K 120 33.00 -30.41 -29.28
N THR K 121 33.62 -31.58 -29.10
CA THR K 121 34.30 -31.89 -27.86
C THR K 121 35.41 -30.87 -27.59
N LYS K 122 35.42 -30.32 -26.38
CA LYS K 122 36.39 -29.30 -26.00
C LYS K 122 36.71 -29.47 -24.52
N GLY K 123 38.00 -29.44 -24.18
CA GLY K 123 38.44 -29.59 -22.82
C GLY K 123 38.22 -28.33 -22.02
N PRO K 124 38.08 -28.46 -20.70
CA PRO K 124 37.78 -27.29 -19.88
C PRO K 124 39.01 -26.44 -19.57
N SER K 125 38.75 -25.15 -19.41
CA SER K 125 39.71 -24.24 -18.79
C SER K 125 39.39 -24.14 -17.30
N VAL K 126 40.44 -24.14 -16.48
CA VAL K 126 40.28 -24.16 -15.02
C VAL K 126 40.89 -22.90 -14.45
N PHE K 127 40.09 -22.15 -13.69
CA PHE K 127 40.53 -20.89 -13.12
C PHE K 127 40.34 -20.87 -11.61
N PRO K 128 41.26 -20.25 -10.86
CA PRO K 128 41.10 -20.19 -9.40
C PRO K 128 40.06 -19.18 -8.97
N LEU K 129 39.29 -19.56 -7.95
CA LEU K 129 38.40 -18.64 -7.24
C LEU K 129 39.10 -18.36 -5.91
N ALA K 130 39.96 -17.32 -5.89
CA ALA K 130 40.85 -17.10 -4.76
C ALA K 130 40.14 -16.35 -3.64
N PRO K 131 40.48 -16.66 -2.38
CA PRO K 131 39.85 -15.96 -1.26
C PRO K 131 40.49 -14.59 -1.00
N SER K 132 39.74 -13.77 -0.29
CA SER K 132 40.21 -12.44 0.11
C SER K 132 41.32 -12.57 1.16
N SER K 133 41.87 -11.43 1.56
CA SER K 133 42.93 -11.41 2.56
C SER K 133 42.37 -11.71 3.94
N THR K 140 35.92 -18.23 8.79
CA THR K 140 35.79 -19.18 7.68
C THR K 140 36.09 -18.50 6.34
N ALA K 141 36.92 -19.15 5.55
CA ALA K 141 37.24 -18.71 4.20
C ALA K 141 36.73 -19.71 3.18
N ALA K 142 36.33 -19.18 2.02
CA ALA K 142 35.86 -20.00 0.91
C ALA K 142 36.79 -19.80 -0.28
N LEU K 143 37.11 -20.90 -0.97
CA LEU K 143 37.95 -20.89 -2.16
C LEU K 143 37.40 -21.93 -3.12
N GLY K 144 37.76 -21.81 -4.39
CA GLY K 144 37.16 -22.69 -5.36
C GLY K 144 37.88 -22.73 -6.68
N CYS K 145 37.26 -23.42 -7.63
CA CYS K 145 37.75 -23.56 -9.00
C CYS K 145 36.59 -23.39 -9.96
N LEU K 146 36.77 -22.52 -10.95
CA LEU K 146 35.84 -22.36 -12.04
C LEU K 146 36.28 -23.25 -13.20
N VAL K 147 35.38 -24.14 -13.64
CA VAL K 147 35.65 -25.07 -14.73
C VAL K 147 34.76 -24.64 -15.89
N LYS K 148 35.32 -23.96 -16.88
CA LYS K 148 34.52 -23.24 -17.86
C LYS K 148 34.79 -23.71 -19.29
N ASP K 149 33.73 -23.70 -20.09
CA ASP K 149 33.81 -23.90 -21.53
C ASP K 149 34.30 -25.28 -21.93
N TYR K 150 33.52 -26.30 -21.59
CA TYR K 150 33.85 -27.68 -21.97
C TYR K 150 32.62 -28.33 -22.59
N PHE K 151 32.86 -29.41 -23.34
CA PHE K 151 31.78 -30.21 -23.89
C PHE K 151 32.32 -31.59 -24.23
N PRO K 152 31.59 -32.67 -23.93
CA PRO K 152 30.29 -32.70 -23.23
C PRO K 152 30.48 -32.90 -21.72
N GLU K 153 29.38 -33.09 -21.00
CA GLU K 153 29.47 -33.56 -19.64
C GLU K 153 29.96 -35.00 -19.63
N PRO K 154 30.55 -35.47 -18.52
CA PRO K 154 30.81 -34.71 -17.28
C PRO K 154 32.27 -34.34 -17.10
N VAL K 155 32.52 -33.47 -16.11
CA VAL K 155 33.84 -33.30 -15.52
C VAL K 155 33.77 -33.88 -14.12
N THR K 156 34.95 -34.26 -13.60
CA THR K 156 35.08 -34.67 -12.21
C THR K 156 36.03 -33.70 -11.52
N VAL K 157 35.64 -33.22 -10.35
CA VAL K 157 36.42 -32.27 -9.57
C VAL K 157 36.69 -32.89 -8.21
N SER K 158 37.96 -33.03 -7.86
CA SER K 158 38.37 -33.43 -6.53
C SER K 158 39.32 -32.38 -5.98
N TRP K 159 39.51 -32.40 -4.66
CA TRP K 159 40.36 -31.43 -3.97
C TRP K 159 41.48 -32.16 -3.24
N ASN K 160 42.72 -31.77 -3.54
CA ASN K 160 43.90 -32.39 -2.92
C ASN K 160 43.87 -33.90 -3.10
N SER K 161 43.52 -34.33 -4.32
CA SER K 161 43.53 -35.74 -4.70
C SER K 161 42.57 -36.57 -3.83
N GLY K 162 41.48 -35.95 -3.37
CA GLY K 162 40.51 -36.63 -2.55
C GLY K 162 40.73 -36.53 -1.06
N ALA K 163 41.80 -35.89 -0.61
CA ALA K 163 42.05 -35.77 0.82
C ALA K 163 41.09 -34.78 1.48
N LEU K 164 40.60 -33.81 0.72
CA LEU K 164 39.70 -32.78 1.24
C LEU K 164 38.29 -33.06 0.76
N THR K 165 37.42 -33.44 1.70
CA THR K 165 36.04 -33.79 1.39
C THR K 165 35.02 -32.96 2.15
N SER K 166 35.33 -32.53 3.37
CA SER K 166 34.40 -31.77 4.18
C SER K 166 34.32 -30.33 3.65
N GLY K 167 33.10 -29.82 3.54
CA GLY K 167 32.90 -28.46 3.10
C GLY K 167 32.93 -28.26 1.60
N VAL K 168 32.98 -29.33 0.82
CA VAL K 168 33.09 -29.22 -0.63
C VAL K 168 31.69 -29.20 -1.24
N HIS K 169 31.46 -28.23 -2.12
CA HIS K 169 30.23 -28.14 -2.91
C HIS K 169 30.63 -27.98 -4.37
N THR K 170 30.34 -29.00 -5.17
CA THR K 170 30.51 -28.96 -6.61
C THR K 170 29.13 -28.78 -7.23
N PHE K 171 28.93 -27.66 -7.92
CA PHE K 171 27.61 -27.34 -8.43
C PHE K 171 27.33 -28.05 -9.74
N PRO K 172 26.05 -28.31 -10.02
CA PRO K 172 25.69 -28.87 -11.32
C PRO K 172 26.15 -27.98 -12.46
N ALA K 173 26.49 -28.61 -13.59
CA ALA K 173 26.86 -27.86 -14.77
C ALA K 173 25.67 -27.06 -15.28
N VAL K 174 25.98 -25.93 -15.91
CA VAL K 174 24.99 -25.14 -16.62
C VAL K 174 25.43 -25.03 -18.07
N LEU K 175 24.49 -25.14 -18.98
CA LEU K 175 24.75 -24.93 -20.39
C LEU K 175 24.76 -23.43 -20.67
N GLN K 176 25.84 -22.95 -21.27
CA GLN K 176 25.96 -21.54 -21.59
C GLN K 176 25.39 -21.26 -22.96
N SER K 177 25.21 -19.96 -23.25
CA SER K 177 24.68 -19.55 -24.55
C SER K 177 25.57 -20.02 -25.69
N SER K 178 26.87 -20.22 -25.42
CA SER K 178 27.81 -20.63 -26.46
C SER K 178 27.67 -22.10 -26.83
N GLY K 179 26.87 -22.87 -26.09
CA GLY K 179 26.80 -24.30 -26.29
C GLY K 179 27.72 -25.11 -25.42
N LEU K 180 28.60 -24.46 -24.66
CA LEU K 180 29.53 -25.14 -23.78
C LEU K 180 29.02 -25.10 -22.34
N TYR K 181 29.48 -26.07 -21.55
CA TYR K 181 29.09 -26.20 -20.16
C TYR K 181 30.08 -25.46 -19.26
N SER K 182 29.62 -25.11 -18.07
CA SER K 182 30.45 -24.41 -17.11
C SER K 182 30.06 -24.82 -15.70
N LEU K 183 31.04 -24.82 -14.81
CA LEU K 183 30.85 -25.39 -13.48
C LEU K 183 31.83 -24.73 -12.53
N SER K 184 31.42 -24.65 -11.27
CA SER K 184 32.29 -24.22 -10.18
C SER K 184 32.29 -25.28 -9.09
N SER K 185 33.43 -25.38 -8.41
CA SER K 185 33.57 -26.20 -7.21
C SER K 185 34.23 -25.35 -6.14
N VAL K 186 33.64 -25.32 -4.95
CA VAL K 186 34.14 -24.50 -3.87
C VAL K 186 34.24 -25.33 -2.60
N VAL K 187 34.99 -24.80 -1.64
CA VAL K 187 35.19 -25.46 -0.35
C VAL K 187 35.46 -24.39 0.70
N THR K 188 34.88 -24.58 1.88
CA THR K 188 35.08 -23.68 3.00
C THR K 188 36.08 -24.30 3.97
N VAL K 189 37.08 -23.51 4.38
CA VAL K 189 38.14 -23.97 5.26
C VAL K 189 38.39 -22.92 6.32
N PRO K 190 39.03 -23.29 7.43
CA PRO K 190 39.36 -22.29 8.45
C PRO K 190 40.31 -21.25 7.90
N SER K 191 40.03 -19.98 8.22
CA SER K 191 40.90 -18.90 7.76
C SER K 191 42.32 -19.07 8.26
N SER K 192 42.50 -19.59 9.47
CA SER K 192 43.83 -19.73 10.05
C SER K 192 44.74 -20.63 9.24
N SER K 193 44.20 -21.40 8.30
CA SER K 193 44.98 -22.37 7.56
C SER K 193 45.32 -21.90 6.14
N LEU K 194 44.77 -20.77 5.70
CA LEU K 194 44.96 -20.34 4.32
C LEU K 194 46.44 -20.30 3.94
N GLY K 195 47.26 -19.72 4.81
CA GLY K 195 48.69 -19.64 4.51
C GLY K 195 49.45 -20.92 4.72
N THR K 196 48.87 -21.87 5.46
CA THR K 196 49.57 -23.08 5.86
C THR K 196 49.27 -24.25 4.92
N GLN K 197 47.99 -24.58 4.75
CA GLN K 197 47.60 -25.71 3.92
C GLN K 197 47.58 -25.31 2.45
N THR K 198 47.88 -26.27 1.58
CA THR K 198 47.80 -26.08 0.15
C THR K 198 46.50 -26.69 -0.37
N TYR K 199 45.87 -25.99 -1.31
CA TYR K 199 44.57 -26.40 -1.84
C TYR K 199 44.66 -26.47 -3.35
N ILE K 200 44.48 -27.68 -3.88
CA ILE K 200 44.59 -27.93 -5.32
C ILE K 200 43.32 -28.65 -5.77
N CYS K 201 42.67 -28.10 -6.79
CA CYS K 201 41.49 -28.72 -7.38
C CYS K 201 41.93 -29.55 -8.59
N ASN K 202 41.54 -30.82 -8.59
CA ASN K 202 41.91 -31.76 -9.65
C ASN K 202 40.72 -31.89 -10.58
N VAL K 203 40.87 -31.42 -11.81
CA VAL K 203 39.81 -31.43 -12.81
C VAL K 203 40.16 -32.46 -13.87
N ASN K 204 39.22 -33.35 -14.18
CA ASN K 204 39.41 -34.34 -15.21
C ASN K 204 38.19 -34.38 -16.11
N HIS K 205 38.42 -34.22 -17.42
CA HIS K 205 37.37 -34.29 -18.44
C HIS K 205 37.73 -35.45 -19.36
N LYS K 206 37.16 -36.61 -19.09
CA LYS K 206 37.53 -37.81 -19.84
C LYS K 206 37.32 -37.66 -21.33
N PRO K 207 36.19 -37.13 -21.81
CA PRO K 207 35.95 -37.10 -23.27
C PRO K 207 37.09 -36.48 -24.07
N SER K 208 37.86 -35.56 -23.47
CA SER K 208 39.01 -34.96 -24.13
C SER K 208 40.31 -35.30 -23.42
N ASN K 209 40.28 -36.23 -22.47
CA ASN K 209 41.47 -36.63 -21.72
C ASN K 209 42.21 -35.42 -21.16
N THR K 210 41.43 -34.46 -20.66
CA THR K 210 41.98 -33.23 -20.10
C THR K 210 42.14 -33.42 -18.58
N LYS K 211 43.37 -33.25 -18.11
CA LYS K 211 43.68 -33.35 -16.68
C LYS K 211 44.38 -32.06 -16.26
N VAL K 212 43.77 -31.34 -15.33
CA VAL K 212 44.32 -30.08 -14.84
C VAL K 212 44.35 -30.12 -13.31
N ASP K 213 45.46 -29.69 -12.74
CA ASP K 213 45.61 -29.56 -11.29
C ASP K 213 45.95 -28.09 -11.03
N LYS K 214 44.97 -27.32 -10.57
CA LYS K 214 45.11 -25.87 -10.38
C LYS K 214 45.21 -25.57 -8.88
N ARG K 215 46.29 -24.89 -8.50
CA ARG K 215 46.49 -24.50 -7.10
C ARG K 215 45.81 -23.17 -6.84
N VAL K 216 45.01 -23.12 -5.77
CA VAL K 216 44.28 -21.92 -5.38
C VAL K 216 44.94 -21.37 -4.12
N GLU K 217 45.29 -20.08 -4.15
CA GLU K 217 46.01 -19.47 -3.04
C GLU K 217 45.59 -18.01 -2.95
N PRO K 218 45.87 -17.35 -1.82
CA PRO K 218 45.53 -15.93 -1.71
C PRO K 218 46.25 -15.09 -2.74
N LYS K 219 45.67 -13.94 -3.03
CA LYS K 219 46.21 -13.01 -4.02
C LYS K 219 46.54 -11.65 -3.43
N SER K 220 45.60 -11.01 -2.75
CA SER K 220 45.84 -9.71 -2.14
C SER K 220 44.71 -9.35 -1.18
N VAL L 8 -13.04 -56.53 -21.35
CA VAL L 8 -11.60 -56.50 -20.94
C VAL L 8 -11.04 -55.10 -21.23
N HIS L 9 -11.68 -54.07 -20.68
CA HIS L 9 -11.30 -52.64 -20.83
C HIS L 9 -9.81 -52.76 -20.44
N ALA L 10 -8.90 -52.63 -21.42
CA ALA L 10 -7.44 -52.50 -21.24
C ALA L 10 -6.84 -51.89 -22.50
N LEU L 11 -5.88 -50.96 -22.39
CA LEU L 11 -5.27 -50.32 -23.54
C LEU L 11 -4.43 -51.30 -24.36
N PHE L 12 -3.86 -52.33 -23.73
CA PHE L 12 -2.89 -53.20 -24.38
C PHE L 12 -3.25 -54.67 -24.17
N TYR L 13 -4.53 -55.00 -24.39
CA TYR L 13 -4.99 -56.38 -24.21
C TYR L 13 -4.18 -57.33 -25.10
N LYS L 14 -3.86 -58.50 -24.54
CA LYS L 14 -3.17 -59.56 -25.26
C LYS L 14 -3.53 -60.88 -24.59
N LEU L 15 -3.87 -61.89 -25.41
CA LEU L 15 -4.30 -63.16 -24.84
C LEU L 15 -3.14 -63.92 -24.20
N ASP L 16 -1.97 -63.90 -24.83
CA ASP L 16 -0.85 -64.73 -24.42
C ASP L 16 0.09 -64.04 -23.44
N ILE L 17 -0.38 -62.98 -22.75
CA ILE L 17 0.48 -62.30 -21.80
C ILE L 17 0.71 -63.20 -20.59
N VAL L 18 1.95 -63.22 -20.09
CA VAL L 18 2.42 -64.05 -18.96
C VAL L 18 2.81 -63.10 -17.83
N PRO L 19 2.10 -63.06 -16.69
CA PRO L 19 2.49 -62.22 -15.57
C PRO L 19 3.97 -62.29 -15.22
#